data_1XW3
# 
_entry.id   1XW3 
# 
_audit_conform.dict_name       mmcif_pdbx.dic 
_audit_conform.dict_version    5.389 
_audit_conform.dict_location   http://mmcif.pdb.org/dictionaries/ascii/mmcif_pdbx.dic 
# 
loop_
_database_2.database_id 
_database_2.database_code 
_database_2.pdbx_database_accession 
_database_2.pdbx_DOI 
PDB   1XW3         pdb_00001xw3 10.2210/pdb1xw3/pdb 
RCSB  RCSB030832   ?            ?                   
WWPDB D_1000030832 ?            ?                   
# 
loop_
_pdbx_audit_revision_history.ordinal 
_pdbx_audit_revision_history.data_content_type 
_pdbx_audit_revision_history.major_revision 
_pdbx_audit_revision_history.minor_revision 
_pdbx_audit_revision_history.revision_date 
1 'Structure model' 1 0 2005-05-24 
2 'Structure model' 1 1 2008-04-30 
3 'Structure model' 1 2 2011-07-13 
4 'Structure model' 1 3 2019-07-24 
5 'Structure model' 1 4 2024-02-14 
6 'Structure model' 1 5 2024-04-03 
# 
_pdbx_audit_revision_details.ordinal             1 
_pdbx_audit_revision_details.revision_ordinal    1 
_pdbx_audit_revision_details.data_content_type   'Structure model' 
_pdbx_audit_revision_details.provider            repository 
_pdbx_audit_revision_details.type                'Initial release' 
_pdbx_audit_revision_details.description         ? 
_pdbx_audit_revision_details.details             ? 
# 
loop_
_pdbx_audit_revision_group.ordinal 
_pdbx_audit_revision_group.revision_ordinal 
_pdbx_audit_revision_group.data_content_type 
_pdbx_audit_revision_group.group 
1 2 'Structure model' 'Version format compliance' 
2 3 'Structure model' 'Version format compliance' 
3 4 'Structure model' 'Data collection'           
4 4 'Structure model' 'Refinement description'    
5 5 'Structure model' 'Data collection'           
6 5 'Structure model' 'Database references'       
7 5 'Structure model' 'Derived calculations'      
8 6 'Structure model' 'Refinement description'    
# 
loop_
_pdbx_audit_revision_category.ordinal 
_pdbx_audit_revision_category.revision_ordinal 
_pdbx_audit_revision_category.data_content_type 
_pdbx_audit_revision_category.category 
1 4 'Structure model' software                      
2 5 'Structure model' chem_comp_atom                
3 5 'Structure model' chem_comp_bond                
4 5 'Structure model' database_2                    
5 5 'Structure model' struct_ref_seq_dif            
6 5 'Structure model' struct_site                   
7 6 'Structure model' pdbx_initial_refinement_model 
# 
loop_
_pdbx_audit_revision_item.ordinal 
_pdbx_audit_revision_item.revision_ordinal 
_pdbx_audit_revision_item.data_content_type 
_pdbx_audit_revision_item.item 
1 4 'Structure model' '_software.classification'            
2 4 'Structure model' '_software.name'                      
3 4 'Structure model' '_software.version'                   
4 5 'Structure model' '_database_2.pdbx_DOI'                
5 5 'Structure model' '_database_2.pdbx_database_accession' 
6 5 'Structure model' '_struct_ref_seq_dif.details'         
7 5 'Structure model' '_struct_site.pdbx_auth_asym_id'      
8 5 'Structure model' '_struct_site.pdbx_auth_comp_id'      
9 5 'Structure model' '_struct_site.pdbx_auth_seq_id'       
# 
_pdbx_database_status.status_code                     REL 
_pdbx_database_status.entry_id                        1XW3 
_pdbx_database_status.recvd_initial_deposition_date   2004-10-29 
_pdbx_database_status.deposit_site                    RCSB 
_pdbx_database_status.process_site                    RCSB 
_pdbx_database_status.status_code_sf                  REL 
_pdbx_database_status.status_code_mr                  ? 
_pdbx_database_status.SG_entry                        N 
_pdbx_database_status.pdb_format_compatible           Y 
_pdbx_database_status.status_code_cs                  ? 
_pdbx_database_status.methods_development_category    ? 
_pdbx_database_status.status_code_nmr_data            ? 
# 
_pdbx_database_related.db_name        PDB 
_pdbx_database_related.db_id          1XW4 
_pdbx_database_related.details        . 
_pdbx_database_related.content_type   unspecified 
# 
loop_
_audit_author.name 
_audit_author.pdbx_ordinal 
'Murray, M.S.'  1 
'Jonsson, T.J.' 2 
'Johnson, L.C.' 3 
'Poole, L.B.'   4 
'Lowther, W.T.' 5 
# 
_citation.id                        primary 
_citation.title                     'Structural basis for the retroreduction of inactivated peroxiredoxins by human sulfiredoxin.' 
_citation.journal_abbrev            Biochemistry 
_citation.journal_volume            44 
_citation.page_first                8634 
_citation.page_last                 8642 
_citation.year                      2005 
_citation.journal_id_ASTM           BICHAW 
_citation.country                   US 
_citation.journal_id_ISSN           0006-2960 
_citation.journal_id_CSD            0033 
_citation.book_publisher            ? 
_citation.pdbx_database_id_PubMed   15952770 
_citation.pdbx_database_id_DOI      10.1021/bi050131i 
# 
loop_
_citation_author.citation_id 
_citation_author.name 
_citation_author.ordinal 
_citation_author.identifier_ORCID 
primary 'Jonsson, T.J.' 1 ? 
primary 'Murray, M.S.'  2 ? 
primary 'Johnson, L.C.' 3 ? 
primary 'Poole, L.B.'   4 ? 
primary 'Lowther, W.T.' 5 ? 
# 
loop_
_entity.id 
_entity.type 
_entity.src_method 
_entity.pdbx_description 
_entity.formula_weight 
_entity.pdbx_number_of_molecules 
_entity.pdbx_ec 
_entity.pdbx_mutation 
_entity.pdbx_fragment 
_entity.details 
1 polymer     man SULFIREDOXIN                    12034.686 1   ? ? 'residues 32-137' ? 
2 non-polymer syn 'PHOSPHATE ION'                 94.971    1   ? ? ?                 ? 
3 non-polymer syn '(4S)-2-METHYL-2,4-PENTANEDIOL' 118.174   1   ? ? ?                 ? 
4 water       nat water                           18.015    104 ? ? ?                 ? 
# 
_entity_poly.entity_id                      1 
_entity_poly.type                           'polypeptide(L)' 
_entity_poly.nstd_linkage                   no 
_entity_poly.nstd_monomer                   no 
_entity_poly.pdbx_seq_one_letter_code       
;GPHMSIHSGRIAAVHNVPLSVLIRPLPSVLDPAKVQSLVDTIREDPDSVPPIDVLWIKGAQGGDYFYSFGGCHRYAAYQQ
LQRETIPAKLVQSTLSDLRVYLGASTPDLQ
;
_entity_poly.pdbx_seq_one_letter_code_can   
;GPHMSIHSGRIAAVHNVPLSVLIRPLPSVLDPAKVQSLVDTIREDPDSVPPIDVLWIKGAQGGDYFYSFGGCHRYAAYQQ
LQRETIPAKLVQSTLSDLRVYLGASTPDLQ
;
_entity_poly.pdbx_strand_id                 A 
_entity_poly.pdbx_target_identifier         ? 
# 
loop_
_pdbx_entity_nonpoly.entity_id 
_pdbx_entity_nonpoly.name 
_pdbx_entity_nonpoly.comp_id 
2 'PHOSPHATE ION'                 PO4 
3 '(4S)-2-METHYL-2,4-PENTANEDIOL' MPD 
4 water                           HOH 
# 
loop_
_entity_poly_seq.entity_id 
_entity_poly_seq.num 
_entity_poly_seq.mon_id 
_entity_poly_seq.hetero 
1 1   GLY n 
1 2   PRO n 
1 3   HIS n 
1 4   MET n 
1 5   SER n 
1 6   ILE n 
1 7   HIS n 
1 8   SER n 
1 9   GLY n 
1 10  ARG n 
1 11  ILE n 
1 12  ALA n 
1 13  ALA n 
1 14  VAL n 
1 15  HIS n 
1 16  ASN n 
1 17  VAL n 
1 18  PRO n 
1 19  LEU n 
1 20  SER n 
1 21  VAL n 
1 22  LEU n 
1 23  ILE n 
1 24  ARG n 
1 25  PRO n 
1 26  LEU n 
1 27  PRO n 
1 28  SER n 
1 29  VAL n 
1 30  LEU n 
1 31  ASP n 
1 32  PRO n 
1 33  ALA n 
1 34  LYS n 
1 35  VAL n 
1 36  GLN n 
1 37  SER n 
1 38  LEU n 
1 39  VAL n 
1 40  ASP n 
1 41  THR n 
1 42  ILE n 
1 43  ARG n 
1 44  GLU n 
1 45  ASP n 
1 46  PRO n 
1 47  ASP n 
1 48  SER n 
1 49  VAL n 
1 50  PRO n 
1 51  PRO n 
1 52  ILE n 
1 53  ASP n 
1 54  VAL n 
1 55  LEU n 
1 56  TRP n 
1 57  ILE n 
1 58  LYS n 
1 59  GLY n 
1 60  ALA n 
1 61  GLN n 
1 62  GLY n 
1 63  GLY n 
1 64  ASP n 
1 65  TYR n 
1 66  PHE n 
1 67  TYR n 
1 68  SER n 
1 69  PHE n 
1 70  GLY n 
1 71  GLY n 
1 72  CYS n 
1 73  HIS n 
1 74  ARG n 
1 75  TYR n 
1 76  ALA n 
1 77  ALA n 
1 78  TYR n 
1 79  GLN n 
1 80  GLN n 
1 81  LEU n 
1 82  GLN n 
1 83  ARG n 
1 84  GLU n 
1 85  THR n 
1 86  ILE n 
1 87  PRO n 
1 88  ALA n 
1 89  LYS n 
1 90  LEU n 
1 91  VAL n 
1 92  GLN n 
1 93  SER n 
1 94  THR n 
1 95  LEU n 
1 96  SER n 
1 97  ASP n 
1 98  LEU n 
1 99  ARG n 
1 100 VAL n 
1 101 TYR n 
1 102 LEU n 
1 103 GLY n 
1 104 ALA n 
1 105 SER n 
1 106 THR n 
1 107 PRO n 
1 108 ASP n 
1 109 LEU n 
1 110 GLN n 
# 
_entity_src_gen.entity_id                          1 
_entity_src_gen.pdbx_src_id                        1 
_entity_src_gen.pdbx_alt_source_flag               sample 
_entity_src_gen.pdbx_seq_type                      ? 
_entity_src_gen.pdbx_beg_seq_num                   ? 
_entity_src_gen.pdbx_end_seq_num                   ? 
_entity_src_gen.gene_src_common_name               human 
_entity_src_gen.gene_src_genus                     Homo 
_entity_src_gen.pdbx_gene_src_gene                 ? 
_entity_src_gen.gene_src_species                   ? 
_entity_src_gen.gene_src_strain                    ? 
_entity_src_gen.gene_src_tissue                    ? 
_entity_src_gen.gene_src_tissue_fraction           ? 
_entity_src_gen.gene_src_details                   ? 
_entity_src_gen.pdbx_gene_src_fragment             ? 
_entity_src_gen.pdbx_gene_src_scientific_name      'Homo sapiens' 
_entity_src_gen.pdbx_gene_src_ncbi_taxonomy_id     9606 
_entity_src_gen.pdbx_gene_src_variant              ? 
_entity_src_gen.pdbx_gene_src_cell_line            ? 
_entity_src_gen.pdbx_gene_src_atcc                 ? 
_entity_src_gen.pdbx_gene_src_organ                ? 
_entity_src_gen.pdbx_gene_src_organelle            ? 
_entity_src_gen.pdbx_gene_src_cell                 ? 
_entity_src_gen.pdbx_gene_src_cellular_location    ? 
_entity_src_gen.host_org_common_name               ? 
_entity_src_gen.pdbx_host_org_scientific_name      'Escherichia coli' 
_entity_src_gen.pdbx_host_org_ncbi_taxonomy_id     562 
_entity_src_gen.host_org_genus                     Escherichia 
_entity_src_gen.pdbx_host_org_gene                 ? 
_entity_src_gen.pdbx_host_org_organ                ? 
_entity_src_gen.host_org_species                   ? 
_entity_src_gen.pdbx_host_org_tissue               ? 
_entity_src_gen.pdbx_host_org_tissue_fraction      ? 
_entity_src_gen.pdbx_host_org_strain               'C41(DE3)' 
_entity_src_gen.pdbx_host_org_variant              ? 
_entity_src_gen.pdbx_host_org_cell_line            ? 
_entity_src_gen.pdbx_host_org_atcc                 ? 
_entity_src_gen.pdbx_host_org_culture_collection   ? 
_entity_src_gen.pdbx_host_org_cell                 ? 
_entity_src_gen.pdbx_host_org_organelle            ? 
_entity_src_gen.pdbx_host_org_cellular_location    ? 
_entity_src_gen.pdbx_host_org_vector_type          plasmid 
_entity_src_gen.pdbx_host_org_vector               ? 
_entity_src_gen.host_org_details                   ? 
_entity_src_gen.expression_system_id               ? 
_entity_src_gen.plasmid_name                       'pet19 variant' 
_entity_src_gen.plasmid_details                    ? 
_entity_src_gen.pdbx_description                   ? 
# 
loop_
_chem_comp.id 
_chem_comp.type 
_chem_comp.mon_nstd_flag 
_chem_comp.name 
_chem_comp.pdbx_synonyms 
_chem_comp.formula 
_chem_comp.formula_weight 
ALA 'L-peptide linking' y ALANINE                         ? 'C3 H7 N O2'     89.093  
ARG 'L-peptide linking' y ARGININE                        ? 'C6 H15 N4 O2 1' 175.209 
ASN 'L-peptide linking' y ASPARAGINE                      ? 'C4 H8 N2 O3'    132.118 
ASP 'L-peptide linking' y 'ASPARTIC ACID'                 ? 'C4 H7 N O4'     133.103 
CYS 'L-peptide linking' y CYSTEINE                        ? 'C3 H7 N O2 S'   121.158 
GLN 'L-peptide linking' y GLUTAMINE                       ? 'C5 H10 N2 O3'   146.144 
GLU 'L-peptide linking' y 'GLUTAMIC ACID'                 ? 'C5 H9 N O4'     147.129 
GLY 'peptide linking'   y GLYCINE                         ? 'C2 H5 N O2'     75.067  
HIS 'L-peptide linking' y HISTIDINE                       ? 'C6 H10 N3 O2 1' 156.162 
HOH non-polymer         . WATER                           ? 'H2 O'           18.015  
ILE 'L-peptide linking' y ISOLEUCINE                      ? 'C6 H13 N O2'    131.173 
LEU 'L-peptide linking' y LEUCINE                         ? 'C6 H13 N O2'    131.173 
LYS 'L-peptide linking' y LYSINE                          ? 'C6 H15 N2 O2 1' 147.195 
MET 'L-peptide linking' y METHIONINE                      ? 'C5 H11 N O2 S'  149.211 
MPD non-polymer         . '(4S)-2-METHYL-2,4-PENTANEDIOL' ? 'C6 H14 O2'      118.174 
PHE 'L-peptide linking' y PHENYLALANINE                   ? 'C9 H11 N O2'    165.189 
PO4 non-polymer         . 'PHOSPHATE ION'                 ? 'O4 P -3'        94.971  
PRO 'L-peptide linking' y PROLINE                         ? 'C5 H9 N O2'     115.130 
SER 'L-peptide linking' y SERINE                          ? 'C3 H7 N O3'     105.093 
THR 'L-peptide linking' y THREONINE                       ? 'C4 H9 N O3'     119.119 
TRP 'L-peptide linking' y TRYPTOPHAN                      ? 'C11 H12 N2 O2'  204.225 
TYR 'L-peptide linking' y TYROSINE                        ? 'C9 H11 N O3'    181.189 
VAL 'L-peptide linking' y VALINE                          ? 'C5 H11 N O2'    117.146 
# 
loop_
_pdbx_poly_seq_scheme.asym_id 
_pdbx_poly_seq_scheme.entity_id 
_pdbx_poly_seq_scheme.seq_id 
_pdbx_poly_seq_scheme.mon_id 
_pdbx_poly_seq_scheme.ndb_seq_num 
_pdbx_poly_seq_scheme.pdb_seq_num 
_pdbx_poly_seq_scheme.auth_seq_num 
_pdbx_poly_seq_scheme.pdb_mon_id 
_pdbx_poly_seq_scheme.auth_mon_id 
_pdbx_poly_seq_scheme.pdb_strand_id 
_pdbx_poly_seq_scheme.pdb_ins_code 
_pdbx_poly_seq_scheme.hetero 
A 1 1   GLY 1   28  28  GLY GLY A . n 
A 1 2   PRO 2   29  29  PRO PRO A . n 
A 1 3   HIS 3   30  30  HIS HIS A . n 
A 1 4   MET 4   31  31  MET MET A . n 
A 1 5   SER 5   32  32  SER SER A . n 
A 1 6   ILE 6   33  33  ILE ILE A . n 
A 1 7   HIS 7   34  34  HIS HIS A . n 
A 1 8   SER 8   35  35  SER SER A . n 
A 1 9   GLY 9   36  36  GLY GLY A . n 
A 1 10  ARG 10  37  37  ARG ARG A . n 
A 1 11  ILE 11  38  38  ILE ILE A . n 
A 1 12  ALA 12  39  39  ALA ALA A . n 
A 1 13  ALA 13  40  40  ALA ALA A . n 
A 1 14  VAL 14  41  41  VAL VAL A . n 
A 1 15  HIS 15  42  42  HIS HIS A . n 
A 1 16  ASN 16  43  43  ASN ASN A . n 
A 1 17  VAL 17  44  44  VAL VAL A . n 
A 1 18  PRO 18  45  45  PRO PRO A . n 
A 1 19  LEU 19  46  46  LEU LEU A . n 
A 1 20  SER 20  47  47  SER SER A . n 
A 1 21  VAL 21  48  48  VAL VAL A . n 
A 1 22  LEU 22  49  49  LEU LEU A . n 
A 1 23  ILE 23  50  50  ILE ILE A . n 
A 1 24  ARG 24  51  51  ARG ARG A . n 
A 1 25  PRO 25  52  52  PRO PRO A . n 
A 1 26  LEU 26  53  53  LEU LEU A . n 
A 1 27  PRO 27  54  54  PRO PRO A . n 
A 1 28  SER 28  55  55  SER SER A . n 
A 1 29  VAL 29  56  56  VAL VAL A . n 
A 1 30  LEU 30  57  57  LEU LEU A . n 
A 1 31  ASP 31  58  58  ASP ASP A . n 
A 1 32  PRO 32  59  59  PRO PRO A . n 
A 1 33  ALA 33  60  60  ALA ALA A . n 
A 1 34  LYS 34  61  61  LYS LYS A . n 
A 1 35  VAL 35  62  62  VAL VAL A . n 
A 1 36  GLN 36  63  63  GLN GLN A . n 
A 1 37  SER 37  64  64  SER SER A . n 
A 1 38  LEU 38  65  65  LEU LEU A . n 
A 1 39  VAL 39  66  66  VAL VAL A . n 
A 1 40  ASP 40  67  67  ASP ASP A . n 
A 1 41  THR 41  68  68  THR THR A . n 
A 1 42  ILE 42  69  69  ILE ILE A . n 
A 1 43  ARG 43  70  70  ARG ARG A . n 
A 1 44  GLU 44  71  71  GLU GLU A . n 
A 1 45  ASP 45  72  72  ASP ASP A . n 
A 1 46  PRO 46  73  73  PRO PRO A . n 
A 1 47  ASP 47  74  74  ASP ASP A . n 
A 1 48  SER 48  75  75  SER SER A . n 
A 1 49  VAL 49  76  76  VAL VAL A . n 
A 1 50  PRO 50  77  77  PRO PRO A . n 
A 1 51  PRO 51  78  78  PRO PRO A . n 
A 1 52  ILE 52  79  79  ILE ILE A . n 
A 1 53  ASP 53  80  80  ASP ASP A . n 
A 1 54  VAL 54  81  81  VAL VAL A . n 
A 1 55  LEU 55  82  82  LEU LEU A . n 
A 1 56  TRP 56  83  83  TRP TRP A . n 
A 1 57  ILE 57  84  84  ILE ILE A . n 
A 1 58  LYS 58  85  85  LYS LYS A . n 
A 1 59  GLY 59  86  86  GLY GLY A . n 
A 1 60  ALA 60  87  87  ALA ALA A . n 
A 1 61  GLN 61  88  88  GLN GLN A . n 
A 1 62  GLY 62  89  89  GLY GLY A . n 
A 1 63  GLY 63  90  90  GLY GLY A . n 
A 1 64  ASP 64  91  91  ASP ASP A . n 
A 1 65  TYR 65  92  92  TYR TYR A . n 
A 1 66  PHE 66  93  93  PHE PHE A . n 
A 1 67  TYR 67  94  94  TYR TYR A . n 
A 1 68  SER 68  95  95  SER SER A . n 
A 1 69  PHE 69  96  96  PHE PHE A . n 
A 1 70  GLY 70  97  97  GLY GLY A . n 
A 1 71  GLY 71  98  98  GLY GLY A . n 
A 1 72  CYS 72  99  99  CYS CYS A . n 
A 1 73  HIS 73  100 100 HIS HIS A . n 
A 1 74  ARG 74  101 101 ARG ARG A . n 
A 1 75  TYR 75  102 102 TYR TYR A . n 
A 1 76  ALA 76  103 103 ALA ALA A . n 
A 1 77  ALA 77  104 104 ALA ALA A . n 
A 1 78  TYR 78  105 105 TYR TYR A . n 
A 1 79  GLN 79  106 106 GLN GLN A . n 
A 1 80  GLN 80  107 107 GLN GLN A . n 
A 1 81  LEU 81  108 108 LEU LEU A . n 
A 1 82  GLN 82  109 109 GLN GLN A . n 
A 1 83  ARG 83  110 110 ARG ARG A . n 
A 1 84  GLU 84  111 111 GLU GLU A . n 
A 1 85  THR 85  112 112 THR THR A . n 
A 1 86  ILE 86  113 113 ILE ILE A . n 
A 1 87  PRO 87  114 114 PRO PRO A . n 
A 1 88  ALA 88  115 115 ALA ALA A . n 
A 1 89  LYS 89  116 116 LYS LYS A . n 
A 1 90  LEU 90  117 117 LEU LEU A . n 
A 1 91  VAL 91  118 118 VAL VAL A . n 
A 1 92  GLN 92  119 119 GLN GLN A . n 
A 1 93  SER 93  120 120 SER SER A . n 
A 1 94  THR 94  121 121 THR THR A . n 
A 1 95  LEU 95  122 122 LEU LEU A . n 
A 1 96  SER 96  123 123 SER SER A . n 
A 1 97  ASP 97  124 124 ASP ASP A . n 
A 1 98  LEU 98  125 125 LEU LEU A . n 
A 1 99  ARG 99  126 126 ARG ARG A . n 
A 1 100 VAL 100 127 127 VAL VAL A . n 
A 1 101 TYR 101 128 128 TYR TYR A . n 
A 1 102 LEU 102 129 129 LEU LEU A . n 
A 1 103 GLY 103 130 130 GLY GLY A . n 
A 1 104 ALA 104 131 131 ALA ALA A . n 
A 1 105 SER 105 132 132 SER SER A . n 
A 1 106 THR 106 133 133 THR THR A . n 
A 1 107 PRO 107 134 134 PRO PRO A . n 
A 1 108 ASP 108 135 135 ASP ASP A . n 
A 1 109 LEU 109 136 136 LEU LEU A . n 
A 1 110 GLN 110 137 137 GLN GLN A . n 
# 
loop_
_pdbx_nonpoly_scheme.asym_id 
_pdbx_nonpoly_scheme.entity_id 
_pdbx_nonpoly_scheme.mon_id 
_pdbx_nonpoly_scheme.ndb_seq_num 
_pdbx_nonpoly_scheme.pdb_seq_num 
_pdbx_nonpoly_scheme.auth_seq_num 
_pdbx_nonpoly_scheme.pdb_mon_id 
_pdbx_nonpoly_scheme.auth_mon_id 
_pdbx_nonpoly_scheme.pdb_strand_id 
_pdbx_nonpoly_scheme.pdb_ins_code 
B 2 PO4 1   138 115 PO4 PO4 A . 
C 3 MPD 1   139 116 MPD MPD A . 
D 4 HOH 1   140 1   HOH HOH A . 
D 4 HOH 2   141 2   HOH HOH A . 
D 4 HOH 3   142 3   HOH HOH A . 
D 4 HOH 4   143 4   HOH HOH A . 
D 4 HOH 5   144 5   HOH HOH A . 
D 4 HOH 6   145 6   HOH HOH A . 
D 4 HOH 7   146 7   HOH HOH A . 
D 4 HOH 8   147 8   HOH HOH A . 
D 4 HOH 9   148 9   HOH HOH A . 
D 4 HOH 10  149 10  HOH HOH A . 
D 4 HOH 11  150 11  HOH HOH A . 
D 4 HOH 12  151 12  HOH HOH A . 
D 4 HOH 13  152 13  HOH HOH A . 
D 4 HOH 14  153 14  HOH HOH A . 
D 4 HOH 15  154 15  HOH HOH A . 
D 4 HOH 16  155 16  HOH HOH A . 
D 4 HOH 17  156 17  HOH HOH A . 
D 4 HOH 18  157 18  HOH HOH A . 
D 4 HOH 19  158 19  HOH HOH A . 
D 4 HOH 20  159 20  HOH HOH A . 
D 4 HOH 21  160 21  HOH HOH A . 
D 4 HOH 22  161 22  HOH HOH A . 
D 4 HOH 23  162 23  HOH HOH A . 
D 4 HOH 24  163 24  HOH HOH A . 
D 4 HOH 25  164 25  HOH HOH A . 
D 4 HOH 26  165 26  HOH HOH A . 
D 4 HOH 27  166 27  HOH HOH A . 
D 4 HOH 28  167 28  HOH HOH A . 
D 4 HOH 29  168 29  HOH HOH A . 
D 4 HOH 30  169 30  HOH HOH A . 
D 4 HOH 31  170 31  HOH HOH A . 
D 4 HOH 32  171 32  HOH HOH A . 
D 4 HOH 33  172 33  HOH HOH A . 
D 4 HOH 34  173 34  HOH HOH A . 
D 4 HOH 35  174 35  HOH HOH A . 
D 4 HOH 36  175 36  HOH HOH A . 
D 4 HOH 37  176 37  HOH HOH A . 
D 4 HOH 38  177 38  HOH HOH A . 
D 4 HOH 39  178 39  HOH HOH A . 
D 4 HOH 40  179 40  HOH HOH A . 
D 4 HOH 41  180 41  HOH HOH A . 
D 4 HOH 42  181 42  HOH HOH A . 
D 4 HOH 43  182 43  HOH HOH A . 
D 4 HOH 44  183 44  HOH HOH A . 
D 4 HOH 45  184 45  HOH HOH A . 
D 4 HOH 46  185 46  HOH HOH A . 
D 4 HOH 47  186 47  HOH HOH A . 
D 4 HOH 48  187 48  HOH HOH A . 
D 4 HOH 49  188 49  HOH HOH A . 
D 4 HOH 50  189 50  HOH HOH A . 
D 4 HOH 51  190 51  HOH HOH A . 
D 4 HOH 52  191 52  HOH HOH A . 
D 4 HOH 53  192 53  HOH HOH A . 
D 4 HOH 54  193 54  HOH HOH A . 
D 4 HOH 55  194 55  HOH HOH A . 
D 4 HOH 56  195 56  HOH HOH A . 
D 4 HOH 57  196 57  HOH HOH A . 
D 4 HOH 58  197 58  HOH HOH A . 
D 4 HOH 59  198 59  HOH HOH A . 
D 4 HOH 60  199 60  HOH HOH A . 
D 4 HOH 61  200 61  HOH HOH A . 
D 4 HOH 62  201 62  HOH HOH A . 
D 4 HOH 63  202 63  HOH HOH A . 
D 4 HOH 64  203 64  HOH HOH A . 
D 4 HOH 65  204 65  HOH HOH A . 
D 4 HOH 66  205 66  HOH HOH A . 
D 4 HOH 67  206 67  HOH HOH A . 
D 4 HOH 68  207 68  HOH HOH A . 
D 4 HOH 69  208 69  HOH HOH A . 
D 4 HOH 70  209 70  HOH HOH A . 
D 4 HOH 71  210 71  HOH HOH A . 
D 4 HOH 72  211 72  HOH HOH A . 
D 4 HOH 73  212 73  HOH HOH A . 
D 4 HOH 74  213 74  HOH HOH A . 
D 4 HOH 75  214 75  HOH HOH A . 
D 4 HOH 76  215 76  HOH HOH A . 
D 4 HOH 77  216 77  HOH HOH A . 
D 4 HOH 78  217 78  HOH HOH A . 
D 4 HOH 79  218 79  HOH HOH A . 
D 4 HOH 80  219 80  HOH HOH A . 
D 4 HOH 81  220 81  HOH HOH A . 
D 4 HOH 82  221 82  HOH HOH A . 
D 4 HOH 83  222 83  HOH HOH A . 
D 4 HOH 84  223 84  HOH HOH A . 
D 4 HOH 85  224 85  HOH HOH A . 
D 4 HOH 86  225 86  HOH HOH A . 
D 4 HOH 87  226 87  HOH HOH A . 
D 4 HOH 88  227 88  HOH HOH A . 
D 4 HOH 89  228 89  HOH HOH A . 
D 4 HOH 90  229 90  HOH HOH A . 
D 4 HOH 91  230 91  HOH HOH A . 
D 4 HOH 92  231 92  HOH HOH A . 
D 4 HOH 93  232 93  HOH HOH A . 
D 4 HOH 94  233 94  HOH HOH A . 
D 4 HOH 95  234 95  HOH HOH A . 
D 4 HOH 96  235 96  HOH HOH A . 
D 4 HOH 97  236 97  HOH HOH A . 
D 4 HOH 98  237 98  HOH HOH A . 
D 4 HOH 99  238 99  HOH HOH A . 
D 4 HOH 100 239 100 HOH HOH A . 
D 4 HOH 101 240 101 HOH HOH A . 
D 4 HOH 102 241 102 HOH HOH A . 
D 4 HOH 103 242 103 HOH HOH A . 
D 4 HOH 104 243 104 HOH HOH A . 
# 
loop_
_software.name 
_software.classification 
_software.version 
_software.citation_id 
_software.pdbx_ordinal 
REFMAC refinement       5.2.0005 ? 1 
d*TREK 'data reduction' .        ? 2 
CNS    refinement       .        ? 3 
CNS    phasing          .        ? 4 
d*TREK 'data scaling'   .        ? 5 
# 
_cell.entry_id           1XW3 
_cell.length_a           68.057 
_cell.length_b           68.057 
_cell.length_c           51.302 
_cell.angle_alpha        90.00 
_cell.angle_beta         90.00 
_cell.angle_gamma        120.00 
_cell.Z_PDB              6 
_cell.pdbx_unique_axis   ? 
# 
_symmetry.entry_id                         1XW3 
_symmetry.space_group_name_H-M             'P 32 2 1' 
_symmetry.pdbx_full_space_group_name_H-M   ? 
_symmetry.cell_setting                     ? 
_symmetry.Int_Tables_number                154 
_symmetry.space_group_name_Hall            ? 
# 
_exptl.entry_id          1XW3 
_exptl.method            'X-RAY DIFFRACTION' 
_exptl.crystals_number   1 
# 
_exptl_crystal.id                    1 
_exptl_crystal.density_meas          ? 
_exptl_crystal.density_Matthews      2.9 
_exptl_crystal.density_percent_sol   56.6 
_exptl_crystal.description           ? 
_exptl_crystal.F_000                 ? 
_exptl_crystal.preparation           ? 
# 
_exptl_crystal_grow.crystal_id      1 
_exptl_crystal_grow.method          ? 
_exptl_crystal_grow.temp            293 
_exptl_crystal_grow.temp_details    ? 
_exptl_crystal_grow.pH              7.50 
_exptl_crystal_grow.pdbx_details    'MPD,  VAPOR DIFFUSION, HANGING DROP, temperature 293K, pH 7.50' 
_exptl_crystal_grow.pdbx_pH_range   . 
# 
_diffrn.id                     1 
_diffrn.ambient_temp           100.0 
_diffrn.ambient_temp_details   ? 
_diffrn.crystal_id             1 
# 
_diffrn_detector.diffrn_id              1 
_diffrn_detector.detector               CCD 
_diffrn_detector.type                   'RIGAKU SATURN 92' 
_diffrn_detector.pdbx_collection_date   2004-03-08 
_diffrn_detector.details                'CONFOCAL BLUE MAX-FLUX' 
# 
_diffrn_radiation.diffrn_id                        1 
_diffrn_radiation.wavelength_id                    1 
_diffrn_radiation.pdbx_monochromatic_or_laue_m_l   M 
_diffrn_radiation.monochromator                    ? 
_diffrn_radiation.pdbx_diffrn_protocol             'SINGLE WAVELENGTH' 
_diffrn_radiation.pdbx_scattering_type             x-ray 
# 
_diffrn_radiation_wavelength.id           1 
_diffrn_radiation_wavelength.wavelength   1.5418 
_diffrn_radiation_wavelength.wt           1.0 
# 
_diffrn_source.diffrn_id                   1 
_diffrn_source.source                      'ROTATING ANODE' 
_diffrn_source.type                        'RIGAKU MICROMAX-007' 
_diffrn_source.pdbx_synchrotron_site       ? 
_diffrn_source.pdbx_synchrotron_beamline   ? 
_diffrn_source.pdbx_wavelength             1.5418 
_diffrn_source.pdbx_wavelength_list        ? 
# 
_reflns.entry_id                     1XW3 
_reflns.observed_criterion_sigma_I   0.000 
_reflns.observed_criterion_sigma_F   ? 
_reflns.d_resolution_low             38.7 
_reflns.d_resolution_high            1.650 
_reflns.number_obs                   16690 
_reflns.number_all                   ? 
_reflns.percent_possible_obs         98.9 
_reflns.pdbx_Rmerge_I_obs            0.039 
_reflns.pdbx_Rsym_value              ? 
_reflns.pdbx_netI_over_sigmaI        27.1000 
_reflns.B_iso_Wilson_estimate        ? 
_reflns.pdbx_redundancy              7.220 
_reflns.R_free_details               ? 
_reflns.limit_h_max                  ? 
_reflns.limit_h_min                  ? 
_reflns.limit_k_max                  ? 
_reflns.limit_k_min                  ? 
_reflns.limit_l_max                  ? 
_reflns.limit_l_min                  ? 
_reflns.observed_criterion_F_max     ? 
_reflns.observed_criterion_F_min     ? 
_reflns.pdbx_chi_squared             ? 
_reflns.pdbx_scaling_rejects         ? 
_reflns.pdbx_diffrn_id               1 
_reflns.pdbx_ordinal                 1 
# 
_reflns_shell.d_res_high             1.65 
_reflns_shell.d_res_low              1.71 
_reflns_shell.percent_possible_all   92.3 
_reflns_shell.Rmerge_I_obs           0.24 
_reflns_shell.pdbx_Rsym_value        ? 
_reflns_shell.meanI_over_sigI_obs    3.900 
_reflns_shell.pdbx_redundancy        2.88 
_reflns_shell.percent_possible_obs   ? 
_reflns_shell.number_unique_all      ? 
_reflns_shell.number_measured_all    ? 
_reflns_shell.number_measured_obs    ? 
_reflns_shell.number_unique_obs      ? 
_reflns_shell.pdbx_chi_squared       ? 
_reflns_shell.pdbx_diffrn_id         ? 
_reflns_shell.pdbx_ordinal           1 
# 
_refine.entry_id                                 1XW3 
_refine.ls_number_reflns_obs                     15839 
_refine.ls_number_reflns_all                     16877 
_refine.pdbx_ls_sigma_I                          ? 
_refine.pdbx_ls_sigma_F                          ? 
_refine.pdbx_data_cutoff_high_absF               ? 
_refine.pdbx_data_cutoff_low_absF                ? 
_refine.pdbx_data_cutoff_high_rms_absF           ? 
_refine.ls_d_res_low                             38.69 
_refine.ls_d_res_high                            1.65 
_refine.ls_percent_reflns_obs                    98.89 
_refine.ls_R_factor_obs                          0.21584 
_refine.ls_R_factor_all                          ? 
_refine.ls_R_factor_R_work                       0.21372 
_refine.ls_R_factor_R_free                       0.25817 
_refine.ls_R_factor_R_free_error                 ? 
_refine.ls_R_factor_R_free_error_details         ? 
_refine.ls_percent_reflns_R_free                 5.1 
_refine.ls_number_reflns_R_free                  845 
_refine.ls_number_parameters                     ? 
_refine.ls_number_restraints                     ? 
_refine.occupancy_min                            ? 
_refine.occupancy_max                            ? 
_refine.correlation_coeff_Fo_to_Fc               0.951 
_refine.correlation_coeff_Fo_to_Fc_free          0.932 
_refine.B_iso_mean                               21.318 
_refine.aniso_B[1][1]                            0.05 
_refine.aniso_B[2][2]                            0.05 
_refine.aniso_B[3][3]                            -0.08 
_refine.aniso_B[1][2]                            0.03 
_refine.aniso_B[1][3]                            0.00 
_refine.aniso_B[2][3]                            0.00 
_refine.solvent_model_details                    MASK 
_refine.solvent_model_param_ksol                 ? 
_refine.solvent_model_param_bsol                 ? 
_refine.pdbx_solvent_vdw_probe_radii             1.20 
_refine.pdbx_solvent_ion_probe_radii             0.80 
_refine.pdbx_solvent_shrinkage_radii             0.80 
_refine.pdbx_ls_cross_valid_method               THROUGHOUT 
_refine.details                                  'HYDROGENS HAVE BEEN ADDED IN THE RIDING POSITIONS' 
_refine.pdbx_starting_model                      'SEMET MODEL' 
_refine.pdbx_method_to_determine_struct          'MOLECULAR REPLACEMENT' 
_refine.pdbx_isotropic_thermal_model             ? 
_refine.pdbx_stereochemistry_target_values       'MAXIMUM LIKELIHOOD' 
_refine.pdbx_stereochem_target_val_spec_case     ? 
_refine.pdbx_R_Free_selection_details            RANDOM 
_refine.pdbx_overall_ESU_R                       0.104 
_refine.pdbx_overall_ESU_R_Free                  0.108 
_refine.overall_SU_ML                            0.074 
_refine.overall_SU_B                             2.154 
_refine.ls_redundancy_reflns_obs                 ? 
_refine.B_iso_min                                ? 
_refine.B_iso_max                                ? 
_refine.overall_SU_R_Cruickshank_DPI             ? 
_refine.overall_SU_R_free                        ? 
_refine.ls_wR_factor_R_free                      ? 
_refine.ls_wR_factor_R_work                      ? 
_refine.overall_FOM_free_R_set                   ? 
_refine.overall_FOM_work_R_set                   ? 
_refine.pdbx_refine_id                           'X-RAY DIFFRACTION' 
_refine.pdbx_diffrn_id                           1 
_refine.pdbx_TLS_residual_ADP_flag               ? 
_refine.pdbx_overall_phase_error                 ? 
_refine.pdbx_overall_SU_R_free_Cruickshank_DPI   ? 
_refine.pdbx_overall_SU_R_Blow_DPI               ? 
_refine.pdbx_overall_SU_R_free_Blow_DPI          ? 
# 
_refine_analyze.entry_id                        1XW3 
_refine_analyze.Luzzati_coordinate_error_obs    0.21 
_refine_analyze.Luzzati_sigma_a_obs             0.13 
_refine_analyze.Luzzati_d_res_low_obs           ? 
_refine_analyze.Luzzati_coordinate_error_free   ? 
_refine_analyze.Luzzati_sigma_a_free            ? 
_refine_analyze.Luzzati_d_res_low_free          ? 
_refine_analyze.number_disordered_residues      ? 
_refine_analyze.occupancy_sum_hydrogen          ? 
_refine_analyze.occupancy_sum_non_hydrogen      ? 
_refine_analyze.pdbx_Luzzati_d_res_high_obs     ? 
_refine_analyze.pdbx_refine_id                  'X-RAY DIFFRACTION' 
# 
_refine_hist.pdbx_refine_id                   'X-RAY DIFFRACTION' 
_refine_hist.cycle_id                         LAST 
_refine_hist.pdbx_number_atoms_protein        868 
_refine_hist.pdbx_number_atoms_nucleic_acid   0 
_refine_hist.pdbx_number_atoms_ligand         5 
_refine_hist.number_atoms_solvent             112 
_refine_hist.number_atoms_total               985 
_refine_hist.d_res_high                       1.65 
_refine_hist.d_res_low                        38.69 
# 
loop_
_refine_ls_restr.type 
_refine_ls_restr.dev_ideal 
_refine_ls_restr.dev_ideal_target 
_refine_ls_restr.weight 
_refine_ls_restr.number 
_refine_ls_restr.pdbx_refine_id 
_refine_ls_restr.pdbx_restraint_function 
r_bond_refined_d             0.019  0.022  ? 903  'X-RAY DIFFRACTION' ? 
r_bond_other_d               ?      ?      ? ?    'X-RAY DIFFRACTION' ? 
r_angle_refined_deg          1.566  1.997  ? 1238 'X-RAY DIFFRACTION' ? 
r_angle_other_deg            ?      ?      ? ?    'X-RAY DIFFRACTION' ? 
r_dihedral_angle_1_deg       5.690  5.000  ? 113  'X-RAY DIFFRACTION' ? 
r_dihedral_angle_2_deg       35.876 22.973 ? 37   'X-RAY DIFFRACTION' ? 
r_dihedral_angle_3_deg       14.328 15.000 ? 140  'X-RAY DIFFRACTION' ? 
r_dihedral_angle_4_deg       20.871 15.000 ? 7    'X-RAY DIFFRACTION' ? 
r_chiral_restr               0.099  0.200  ? 139  'X-RAY DIFFRACTION' ? 
r_gen_planes_refined         0.007  0.020  ? 691  'X-RAY DIFFRACTION' ? 
r_gen_planes_other           ?      ?      ? ?    'X-RAY DIFFRACTION' ? 
r_nbd_refined                0.217  0.200  ? 363  'X-RAY DIFFRACTION' ? 
r_nbd_other                  ?      ?      ? ?    'X-RAY DIFFRACTION' ? 
r_nbtor_refined              0.308  0.200  ? 601  'X-RAY DIFFRACTION' ? 
r_nbtor_other                ?      ?      ? ?    'X-RAY DIFFRACTION' ? 
r_xyhbond_nbd_refined        0.120  0.200  ? 94   'X-RAY DIFFRACTION' ? 
r_xyhbond_nbd_other          ?      ?      ? ?    'X-RAY DIFFRACTION' ? 
r_metal_ion_refined          ?      ?      ? ?    'X-RAY DIFFRACTION' ? 
r_metal_ion_other            ?      ?      ? ?    'X-RAY DIFFRACTION' ? 
r_symmetry_vdw_refined       0.220  0.200  ? 45   'X-RAY DIFFRACTION' ? 
r_symmetry_vdw_other         ?      ?      ? ?    'X-RAY DIFFRACTION' ? 
r_symmetry_hbond_refined     0.212  0.200  ? 11   'X-RAY DIFFRACTION' ? 
r_symmetry_hbond_other       ?      ?      ? ?    'X-RAY DIFFRACTION' ? 
r_symmetry_metal_ion_refined ?      ?      ? ?    'X-RAY DIFFRACTION' ? 
r_symmetry_metal_ion_other   ?      ?      ? ?    'X-RAY DIFFRACTION' ? 
r_mcbond_it                  1.087  1.500  ? 576  'X-RAY DIFFRACTION' ? 
r_mcbond_other               ?      ?      ? ?    'X-RAY DIFFRACTION' ? 
r_mcangle_it                 1.713  2.000  ? 920  'X-RAY DIFFRACTION' ? 
r_scbond_it                  2.660  3.000  ? 363  'X-RAY DIFFRACTION' ? 
r_scangle_it                 3.785  4.500  ? 318  'X-RAY DIFFRACTION' ? 
r_rigid_bond_restr           ?      ?      ? ?    'X-RAY DIFFRACTION' ? 
r_sphericity_free            ?      ?      ? ?    'X-RAY DIFFRACTION' ? 
r_sphericity_bonded          ?      ?      ? ?    'X-RAY DIFFRACTION' ? 
# 
_refine_ls_shell.pdbx_total_number_of_bins_used   20 
_refine_ls_shell.d_res_high                       1.650 
_refine_ls_shell.d_res_low                        1.693 
_refine_ls_shell.number_reflns_R_work             1061 
_refine_ls_shell.R_factor_R_work                  0.343 
_refine_ls_shell.percent_reflns_obs               91.00 
_refine_ls_shell.R_factor_R_free                  0.473 
_refine_ls_shell.R_factor_R_free_error            ? 
_refine_ls_shell.percent_reflns_R_free            ? 
_refine_ls_shell.number_reflns_R_free             62 
_refine_ls_shell.redundancy_reflns_obs            ? 
_refine_ls_shell.number_reflns_all                ? 
_refine_ls_shell.number_reflns_obs                ? 
_refine_ls_shell.pdbx_refine_id                   'X-RAY DIFFRACTION' 
_refine_ls_shell.R_factor_all                     ? 
# 
_struct.entry_id                  1XW3 
_struct.title                     'Crystal Structure of Human Sulfiredoxin (Srx)' 
_struct.pdbx_model_details        ? 
_struct.pdbx_CASP_flag            ? 
_struct.pdbx_model_type_details   ? 
# 
_struct_keywords.entry_id        1XW3 
_struct_keywords.pdbx_keywords   OXIDOREDUCTASE 
_struct_keywords.text            'retroreduction, sulfinic acid, peroxiredoxin, ATP, OXIDOREDUCTASE' 
# 
loop_
_struct_asym.id 
_struct_asym.pdbx_blank_PDB_chainid_flag 
_struct_asym.pdbx_modified 
_struct_asym.entity_id 
_struct_asym.details 
A N N 1 ? 
B N N 2 ? 
C N N 3 ? 
D N N 4 ? 
# 
_struct_ref.id                         1 
_struct_ref.db_name                    UNP 
_struct_ref.db_code                    SRX_HUMAN 
_struct_ref.pdbx_db_accession          Q9BYN0 
_struct_ref.entity_id                  1 
_struct_ref.pdbx_seq_one_letter_code   
;SIHSGRIAAVHNVPLSVLIRPLPSVLDPAKVQSLVDTIREDPDSVPPIDVLWIKGAQGGDYFYSFGGCHRYAAYQQLQRE
TIPAKLVQSTLSDLRVYLGASTPDLQ
;
_struct_ref.pdbx_align_begin           32 
_struct_ref.pdbx_db_isoform            ? 
# 
_struct_ref_seq.align_id                      1 
_struct_ref_seq.ref_id                        1 
_struct_ref_seq.pdbx_PDB_id_code              1XW3 
_struct_ref_seq.pdbx_strand_id                A 
_struct_ref_seq.seq_align_beg                 5 
_struct_ref_seq.pdbx_seq_align_beg_ins_code   ? 
_struct_ref_seq.seq_align_end                 110 
_struct_ref_seq.pdbx_seq_align_end_ins_code   ? 
_struct_ref_seq.pdbx_db_accession             Q9BYN0 
_struct_ref_seq.db_align_beg                  32 
_struct_ref_seq.pdbx_db_align_beg_ins_code    ? 
_struct_ref_seq.db_align_end                  137 
_struct_ref_seq.pdbx_db_align_end_ins_code    ? 
_struct_ref_seq.pdbx_auth_seq_align_beg       32 
_struct_ref_seq.pdbx_auth_seq_align_end       137 
# 
loop_
_struct_ref_seq_dif.align_id 
_struct_ref_seq_dif.pdbx_pdb_id_code 
_struct_ref_seq_dif.mon_id 
_struct_ref_seq_dif.pdbx_pdb_strand_id 
_struct_ref_seq_dif.seq_num 
_struct_ref_seq_dif.pdbx_pdb_ins_code 
_struct_ref_seq_dif.pdbx_seq_db_name 
_struct_ref_seq_dif.pdbx_seq_db_accession_code 
_struct_ref_seq_dif.db_mon_id 
_struct_ref_seq_dif.pdbx_seq_db_seq_num 
_struct_ref_seq_dif.details 
_struct_ref_seq_dif.pdbx_auth_seq_num 
_struct_ref_seq_dif.pdbx_ordinal 
1 1XW3 GLY A 1 ? UNP Q9BYN0 ? ? 'cloning artifact' 28 1 
1 1XW3 PRO A 2 ? UNP Q9BYN0 ? ? 'cloning artifact' 29 2 
1 1XW3 HIS A 3 ? UNP Q9BYN0 ? ? 'cloning artifact' 30 3 
1 1XW3 MET A 4 ? UNP Q9BYN0 ? ? 'cloning artifact' 31 4 
# 
_pdbx_struct_assembly.id                   1 
_pdbx_struct_assembly.details              author_defined_assembly 
_pdbx_struct_assembly.method_details       ? 
_pdbx_struct_assembly.oligomeric_details   monomeric 
_pdbx_struct_assembly.oligomeric_count     1 
# 
_pdbx_struct_assembly_gen.assembly_id       1 
_pdbx_struct_assembly_gen.oper_expression   1 
_pdbx_struct_assembly_gen.asym_id_list      A,B,C,D 
# 
_pdbx_struct_oper_list.id                   1 
_pdbx_struct_oper_list.type                 'identity operation' 
_pdbx_struct_oper_list.name                 1_555 
_pdbx_struct_oper_list.symmetry_operation   x,y,z 
_pdbx_struct_oper_list.matrix[1][1]         1.0000000000 
_pdbx_struct_oper_list.matrix[1][2]         0.0000000000 
_pdbx_struct_oper_list.matrix[1][3]         0.0000000000 
_pdbx_struct_oper_list.vector[1]            0.0000000000 
_pdbx_struct_oper_list.matrix[2][1]         0.0000000000 
_pdbx_struct_oper_list.matrix[2][2]         1.0000000000 
_pdbx_struct_oper_list.matrix[2][3]         0.0000000000 
_pdbx_struct_oper_list.vector[2]            0.0000000000 
_pdbx_struct_oper_list.matrix[3][1]         0.0000000000 
_pdbx_struct_oper_list.matrix[3][2]         0.0000000000 
_pdbx_struct_oper_list.matrix[3][3]         1.0000000000 
_pdbx_struct_oper_list.vector[3]            0.0000000000 
# 
loop_
_struct_conf.conf_type_id 
_struct_conf.id 
_struct_conf.pdbx_PDB_helix_id 
_struct_conf.beg_label_comp_id 
_struct_conf.beg_label_asym_id 
_struct_conf.beg_label_seq_id 
_struct_conf.pdbx_beg_PDB_ins_code 
_struct_conf.end_label_comp_id 
_struct_conf.end_label_asym_id 
_struct_conf.end_label_seq_id 
_struct_conf.pdbx_end_PDB_ins_code 
_struct_conf.beg_auth_comp_id 
_struct_conf.beg_auth_asym_id 
_struct_conf.beg_auth_seq_id 
_struct_conf.end_auth_comp_id 
_struct_conf.end_auth_asym_id 
_struct_conf.end_auth_seq_id 
_struct_conf.pdbx_PDB_helix_class 
_struct_conf.details 
_struct_conf.pdbx_PDB_helix_length 
HELX_P HELX_P1 1 ASP A 31  ? ASP A 45  ? ASP A 58  ASP A 72  1 ? 15 
HELX_P HELX_P2 2 PRO A 46  ? VAL A 49  ? PRO A 73  VAL A 76  5 ? 4  
HELX_P HELX_P3 3 GLY A 71  ? LEU A 81  ? GLY A 98  LEU A 108 1 ? 11 
HELX_P HELX_P4 4 THR A 94  ? GLY A 103 ? THR A 121 GLY A 130 1 ? 10 
HELX_P HELX_P5 5 ALA A 104 ? THR A 106 ? ALA A 131 THR A 133 5 ? 3  
# 
_struct_conf_type.id          HELX_P 
_struct_conf_type.criteria    ? 
_struct_conf_type.reference   ? 
# 
_struct_sheet.id               A 
_struct_sheet.type             ? 
_struct_sheet.number_strands   5 
_struct_sheet.details          ? 
# 
loop_
_struct_sheet_order.sheet_id 
_struct_sheet_order.range_id_1 
_struct_sheet_order.range_id_2 
_struct_sheet_order.offset 
_struct_sheet_order.sense 
A 1 2 ? anti-parallel 
A 2 3 ? parallel      
A 3 4 ? anti-parallel 
A 4 5 ? parallel      
# 
loop_
_struct_sheet_range.sheet_id 
_struct_sheet_range.id 
_struct_sheet_range.beg_label_comp_id 
_struct_sheet_range.beg_label_asym_id 
_struct_sheet_range.beg_label_seq_id 
_struct_sheet_range.pdbx_beg_PDB_ins_code 
_struct_sheet_range.end_label_comp_id 
_struct_sheet_range.end_label_asym_id 
_struct_sheet_range.end_label_seq_id 
_struct_sheet_range.pdbx_end_PDB_ins_code 
_struct_sheet_range.beg_auth_comp_id 
_struct_sheet_range.beg_auth_asym_id 
_struct_sheet_range.beg_auth_seq_id 
_struct_sheet_range.end_auth_comp_id 
_struct_sheet_range.end_auth_asym_id 
_struct_sheet_range.end_auth_seq_id 
A 1 ALA A 12 ? PRO A 18 ? ALA A 39  PRO A 45  
A 2 THR A 85 ? SER A 93 ? THR A 112 SER A 120 
A 3 ILE A 52 ? LYS A 58 ? ILE A 79  LYS A 85  
A 4 ASP A 64 ? TYR A 67 ? ASP A 91  TYR A 94  
A 5 LEU A 22 ? ILE A 23 ? LEU A 49  ILE A 50  
# 
loop_
_pdbx_struct_sheet_hbond.sheet_id 
_pdbx_struct_sheet_hbond.range_id_1 
_pdbx_struct_sheet_hbond.range_id_2 
_pdbx_struct_sheet_hbond.range_1_label_atom_id 
_pdbx_struct_sheet_hbond.range_1_label_comp_id 
_pdbx_struct_sheet_hbond.range_1_label_asym_id 
_pdbx_struct_sheet_hbond.range_1_label_seq_id 
_pdbx_struct_sheet_hbond.range_1_PDB_ins_code 
_pdbx_struct_sheet_hbond.range_1_auth_atom_id 
_pdbx_struct_sheet_hbond.range_1_auth_comp_id 
_pdbx_struct_sheet_hbond.range_1_auth_asym_id 
_pdbx_struct_sheet_hbond.range_1_auth_seq_id 
_pdbx_struct_sheet_hbond.range_2_label_atom_id 
_pdbx_struct_sheet_hbond.range_2_label_comp_id 
_pdbx_struct_sheet_hbond.range_2_label_asym_id 
_pdbx_struct_sheet_hbond.range_2_label_seq_id 
_pdbx_struct_sheet_hbond.range_2_PDB_ins_code 
_pdbx_struct_sheet_hbond.range_2_auth_atom_id 
_pdbx_struct_sheet_hbond.range_2_auth_comp_id 
_pdbx_struct_sheet_hbond.range_2_auth_asym_id 
_pdbx_struct_sheet_hbond.range_2_auth_seq_id 
A 1 2 N HIS A 15 ? N HIS A 42  O ALA A 88 ? O ALA A 115 
A 2 3 O VAL A 91 ? O VAL A 118 N VAL A 54 ? N VAL A 81  
A 3 4 N ILE A 57 ? N ILE A 84  O TYR A 65 ? O TYR A 92  
A 4 5 O PHE A 66 ? O PHE A 93  N ILE A 23 ? N ILE A 50  
# 
loop_
_struct_site.id 
_struct_site.pdbx_evidence_code 
_struct_site.pdbx_auth_asym_id 
_struct_site.pdbx_auth_comp_id 
_struct_site.pdbx_auth_seq_id 
_struct_site.pdbx_auth_ins_code 
_struct_site.pdbx_num_residues 
_struct_site.details 
AC1 Software A PO4 138 ? 10 'BINDING SITE FOR RESIDUE PO4 A 138' 
AC2 Software A MPD 139 ? 3  'BINDING SITE FOR RESIDUE MPD A 139' 
# 
loop_
_struct_site_gen.id 
_struct_site_gen.site_id 
_struct_site_gen.pdbx_num_res 
_struct_site_gen.label_comp_id 
_struct_site_gen.label_asym_id 
_struct_site_gen.label_seq_id 
_struct_site_gen.pdbx_auth_ins_code 
_struct_site_gen.auth_comp_id 
_struct_site_gen.auth_asym_id 
_struct_site_gen.auth_seq_id 
_struct_site_gen.label_atom_id 
_struct_site_gen.label_alt_id 
_struct_site_gen.symmetry 
_struct_site_gen.details 
1  AC1 10 LYS A 34 ? LYS A 61  . ? 1_555 ? 
2  AC1 10 GLY A 71 ? GLY A 98  . ? 1_555 ? 
3  AC1 10 CYS A 72 ? CYS A 99  . ? 1_555 ? 
4  AC1 10 HIS A 73 ? HIS A 100 . ? 1_555 ? 
5  AC1 10 ARG A 74 ? ARG A 101 . ? 1_555 ? 
6  AC1 10 HOH D .  ? HOH A 140 . ? 1_555 ? 
7  AC1 10 HOH D .  ? HOH A 141 . ? 1_555 ? 
8  AC1 10 HOH D .  ? HOH A 142 . ? 1_555 ? 
9  AC1 10 HOH D .  ? HOH A 215 . ? 1_555 ? 
10 AC1 10 HOH D .  ? HOH A 226 . ? 1_555 ? 
11 AC2 3  GLN A 92 ? GLN A 119 . ? 6_763 ? 
12 AC2 3  HOH D .  ? HOH A 165 . ? 6_763 ? 
13 AC2 3  HOH D .  ? HOH A 240 . ? 1_555 ? 
# 
_pdbx_validate_symm_contact.id                1 
_pdbx_validate_symm_contact.PDB_model_num     1 
_pdbx_validate_symm_contact.auth_atom_id_1    NH1 
_pdbx_validate_symm_contact.auth_asym_id_1    A 
_pdbx_validate_symm_contact.auth_comp_id_1    ARG 
_pdbx_validate_symm_contact.auth_seq_id_1     126 
_pdbx_validate_symm_contact.PDB_ins_code_1    ? 
_pdbx_validate_symm_contact.label_alt_id_1    B 
_pdbx_validate_symm_contact.site_symmetry_1   1_555 
_pdbx_validate_symm_contact.auth_atom_id_2    O 
_pdbx_validate_symm_contact.auth_asym_id_2    A 
_pdbx_validate_symm_contact.auth_comp_id_2    HOH 
_pdbx_validate_symm_contact.auth_seq_id_2     171 
_pdbx_validate_symm_contact.PDB_ins_code_2    ? 
_pdbx_validate_symm_contact.label_alt_id_2    ? 
_pdbx_validate_symm_contact.site_symmetry_2   2_534 
_pdbx_validate_symm_contact.dist              2.16 
# 
loop_
_chem_comp_atom.comp_id 
_chem_comp_atom.atom_id 
_chem_comp_atom.type_symbol 
_chem_comp_atom.pdbx_aromatic_flag 
_chem_comp_atom.pdbx_stereo_config 
_chem_comp_atom.pdbx_ordinal 
ALA N    N N N 1   
ALA CA   C N S 2   
ALA C    C N N 3   
ALA O    O N N 4   
ALA CB   C N N 5   
ALA OXT  O N N 6   
ALA H    H N N 7   
ALA H2   H N N 8   
ALA HA   H N N 9   
ALA HB1  H N N 10  
ALA HB2  H N N 11  
ALA HB3  H N N 12  
ALA HXT  H N N 13  
ARG N    N N N 14  
ARG CA   C N S 15  
ARG C    C N N 16  
ARG O    O N N 17  
ARG CB   C N N 18  
ARG CG   C N N 19  
ARG CD   C N N 20  
ARG NE   N N N 21  
ARG CZ   C N N 22  
ARG NH1  N N N 23  
ARG NH2  N N N 24  
ARG OXT  O N N 25  
ARG H    H N N 26  
ARG H2   H N N 27  
ARG HA   H N N 28  
ARG HB2  H N N 29  
ARG HB3  H N N 30  
ARG HG2  H N N 31  
ARG HG3  H N N 32  
ARG HD2  H N N 33  
ARG HD3  H N N 34  
ARG HE   H N N 35  
ARG HH11 H N N 36  
ARG HH12 H N N 37  
ARG HH21 H N N 38  
ARG HH22 H N N 39  
ARG HXT  H N N 40  
ASN N    N N N 41  
ASN CA   C N S 42  
ASN C    C N N 43  
ASN O    O N N 44  
ASN CB   C N N 45  
ASN CG   C N N 46  
ASN OD1  O N N 47  
ASN ND2  N N N 48  
ASN OXT  O N N 49  
ASN H    H N N 50  
ASN H2   H N N 51  
ASN HA   H N N 52  
ASN HB2  H N N 53  
ASN HB3  H N N 54  
ASN HD21 H N N 55  
ASN HD22 H N N 56  
ASN HXT  H N N 57  
ASP N    N N N 58  
ASP CA   C N S 59  
ASP C    C N N 60  
ASP O    O N N 61  
ASP CB   C N N 62  
ASP CG   C N N 63  
ASP OD1  O N N 64  
ASP OD2  O N N 65  
ASP OXT  O N N 66  
ASP H    H N N 67  
ASP H2   H N N 68  
ASP HA   H N N 69  
ASP HB2  H N N 70  
ASP HB3  H N N 71  
ASP HD2  H N N 72  
ASP HXT  H N N 73  
CYS N    N N N 74  
CYS CA   C N R 75  
CYS C    C N N 76  
CYS O    O N N 77  
CYS CB   C N N 78  
CYS SG   S N N 79  
CYS OXT  O N N 80  
CYS H    H N N 81  
CYS H2   H N N 82  
CYS HA   H N N 83  
CYS HB2  H N N 84  
CYS HB3  H N N 85  
CYS HG   H N N 86  
CYS HXT  H N N 87  
GLN N    N N N 88  
GLN CA   C N S 89  
GLN C    C N N 90  
GLN O    O N N 91  
GLN CB   C N N 92  
GLN CG   C N N 93  
GLN CD   C N N 94  
GLN OE1  O N N 95  
GLN NE2  N N N 96  
GLN OXT  O N N 97  
GLN H    H N N 98  
GLN H2   H N N 99  
GLN HA   H N N 100 
GLN HB2  H N N 101 
GLN HB3  H N N 102 
GLN HG2  H N N 103 
GLN HG3  H N N 104 
GLN HE21 H N N 105 
GLN HE22 H N N 106 
GLN HXT  H N N 107 
GLU N    N N N 108 
GLU CA   C N S 109 
GLU C    C N N 110 
GLU O    O N N 111 
GLU CB   C N N 112 
GLU CG   C N N 113 
GLU CD   C N N 114 
GLU OE1  O N N 115 
GLU OE2  O N N 116 
GLU OXT  O N N 117 
GLU H    H N N 118 
GLU H2   H N N 119 
GLU HA   H N N 120 
GLU HB2  H N N 121 
GLU HB3  H N N 122 
GLU HG2  H N N 123 
GLU HG3  H N N 124 
GLU HE2  H N N 125 
GLU HXT  H N N 126 
GLY N    N N N 127 
GLY CA   C N N 128 
GLY C    C N N 129 
GLY O    O N N 130 
GLY OXT  O N N 131 
GLY H    H N N 132 
GLY H2   H N N 133 
GLY HA2  H N N 134 
GLY HA3  H N N 135 
GLY HXT  H N N 136 
HIS N    N N N 137 
HIS CA   C N S 138 
HIS C    C N N 139 
HIS O    O N N 140 
HIS CB   C N N 141 
HIS CG   C Y N 142 
HIS ND1  N Y N 143 
HIS CD2  C Y N 144 
HIS CE1  C Y N 145 
HIS NE2  N Y N 146 
HIS OXT  O N N 147 
HIS H    H N N 148 
HIS H2   H N N 149 
HIS HA   H N N 150 
HIS HB2  H N N 151 
HIS HB3  H N N 152 
HIS HD1  H N N 153 
HIS HD2  H N N 154 
HIS HE1  H N N 155 
HIS HE2  H N N 156 
HIS HXT  H N N 157 
HOH O    O N N 158 
HOH H1   H N N 159 
HOH H2   H N N 160 
ILE N    N N N 161 
ILE CA   C N S 162 
ILE C    C N N 163 
ILE O    O N N 164 
ILE CB   C N S 165 
ILE CG1  C N N 166 
ILE CG2  C N N 167 
ILE CD1  C N N 168 
ILE OXT  O N N 169 
ILE H    H N N 170 
ILE H2   H N N 171 
ILE HA   H N N 172 
ILE HB   H N N 173 
ILE HG12 H N N 174 
ILE HG13 H N N 175 
ILE HG21 H N N 176 
ILE HG22 H N N 177 
ILE HG23 H N N 178 
ILE HD11 H N N 179 
ILE HD12 H N N 180 
ILE HD13 H N N 181 
ILE HXT  H N N 182 
LEU N    N N N 183 
LEU CA   C N S 184 
LEU C    C N N 185 
LEU O    O N N 186 
LEU CB   C N N 187 
LEU CG   C N N 188 
LEU CD1  C N N 189 
LEU CD2  C N N 190 
LEU OXT  O N N 191 
LEU H    H N N 192 
LEU H2   H N N 193 
LEU HA   H N N 194 
LEU HB2  H N N 195 
LEU HB3  H N N 196 
LEU HG   H N N 197 
LEU HD11 H N N 198 
LEU HD12 H N N 199 
LEU HD13 H N N 200 
LEU HD21 H N N 201 
LEU HD22 H N N 202 
LEU HD23 H N N 203 
LEU HXT  H N N 204 
LYS N    N N N 205 
LYS CA   C N S 206 
LYS C    C N N 207 
LYS O    O N N 208 
LYS CB   C N N 209 
LYS CG   C N N 210 
LYS CD   C N N 211 
LYS CE   C N N 212 
LYS NZ   N N N 213 
LYS OXT  O N N 214 
LYS H    H N N 215 
LYS H2   H N N 216 
LYS HA   H N N 217 
LYS HB2  H N N 218 
LYS HB3  H N N 219 
LYS HG2  H N N 220 
LYS HG3  H N N 221 
LYS HD2  H N N 222 
LYS HD3  H N N 223 
LYS HE2  H N N 224 
LYS HE3  H N N 225 
LYS HZ1  H N N 226 
LYS HZ2  H N N 227 
LYS HZ3  H N N 228 
LYS HXT  H N N 229 
MET N    N N N 230 
MET CA   C N S 231 
MET C    C N N 232 
MET O    O N N 233 
MET CB   C N N 234 
MET CG   C N N 235 
MET SD   S N N 236 
MET CE   C N N 237 
MET OXT  O N N 238 
MET H    H N N 239 
MET H2   H N N 240 
MET HA   H N N 241 
MET HB2  H N N 242 
MET HB3  H N N 243 
MET HG2  H N N 244 
MET HG3  H N N 245 
MET HE1  H N N 246 
MET HE2  H N N 247 
MET HE3  H N N 248 
MET HXT  H N N 249 
MPD C1   C N N 250 
MPD C2   C N N 251 
MPD O2   O N N 252 
MPD CM   C N N 253 
MPD C3   C N N 254 
MPD C4   C N S 255 
MPD O4   O N N 256 
MPD C5   C N N 257 
MPD H11  H N N 258 
MPD H12  H N N 259 
MPD H13  H N N 260 
MPD HO2  H N N 261 
MPD HM1  H N N 262 
MPD HM2  H N N 263 
MPD HM3  H N N 264 
MPD H31  H N N 265 
MPD H32  H N N 266 
MPD H4   H N N 267 
MPD HO4  H N N 268 
MPD H51  H N N 269 
MPD H52  H N N 270 
MPD H53  H N N 271 
PHE N    N N N 272 
PHE CA   C N S 273 
PHE C    C N N 274 
PHE O    O N N 275 
PHE CB   C N N 276 
PHE CG   C Y N 277 
PHE CD1  C Y N 278 
PHE CD2  C Y N 279 
PHE CE1  C Y N 280 
PHE CE2  C Y N 281 
PHE CZ   C Y N 282 
PHE OXT  O N N 283 
PHE H    H N N 284 
PHE H2   H N N 285 
PHE HA   H N N 286 
PHE HB2  H N N 287 
PHE HB3  H N N 288 
PHE HD1  H N N 289 
PHE HD2  H N N 290 
PHE HE1  H N N 291 
PHE HE2  H N N 292 
PHE HZ   H N N 293 
PHE HXT  H N N 294 
PO4 P    P N N 295 
PO4 O1   O N N 296 
PO4 O2   O N N 297 
PO4 O3   O N N 298 
PO4 O4   O N N 299 
PRO N    N N N 300 
PRO CA   C N S 301 
PRO C    C N N 302 
PRO O    O N N 303 
PRO CB   C N N 304 
PRO CG   C N N 305 
PRO CD   C N N 306 
PRO OXT  O N N 307 
PRO H    H N N 308 
PRO HA   H N N 309 
PRO HB2  H N N 310 
PRO HB3  H N N 311 
PRO HG2  H N N 312 
PRO HG3  H N N 313 
PRO HD2  H N N 314 
PRO HD3  H N N 315 
PRO HXT  H N N 316 
SER N    N N N 317 
SER CA   C N S 318 
SER C    C N N 319 
SER O    O N N 320 
SER CB   C N N 321 
SER OG   O N N 322 
SER OXT  O N N 323 
SER H    H N N 324 
SER H2   H N N 325 
SER HA   H N N 326 
SER HB2  H N N 327 
SER HB3  H N N 328 
SER HG   H N N 329 
SER HXT  H N N 330 
THR N    N N N 331 
THR CA   C N S 332 
THR C    C N N 333 
THR O    O N N 334 
THR CB   C N R 335 
THR OG1  O N N 336 
THR CG2  C N N 337 
THR OXT  O N N 338 
THR H    H N N 339 
THR H2   H N N 340 
THR HA   H N N 341 
THR HB   H N N 342 
THR HG1  H N N 343 
THR HG21 H N N 344 
THR HG22 H N N 345 
THR HG23 H N N 346 
THR HXT  H N N 347 
TRP N    N N N 348 
TRP CA   C N S 349 
TRP C    C N N 350 
TRP O    O N N 351 
TRP CB   C N N 352 
TRP CG   C Y N 353 
TRP CD1  C Y N 354 
TRP CD2  C Y N 355 
TRP NE1  N Y N 356 
TRP CE2  C Y N 357 
TRP CE3  C Y N 358 
TRP CZ2  C Y N 359 
TRP CZ3  C Y N 360 
TRP CH2  C Y N 361 
TRP OXT  O N N 362 
TRP H    H N N 363 
TRP H2   H N N 364 
TRP HA   H N N 365 
TRP HB2  H N N 366 
TRP HB3  H N N 367 
TRP HD1  H N N 368 
TRP HE1  H N N 369 
TRP HE3  H N N 370 
TRP HZ2  H N N 371 
TRP HZ3  H N N 372 
TRP HH2  H N N 373 
TRP HXT  H N N 374 
TYR N    N N N 375 
TYR CA   C N S 376 
TYR C    C N N 377 
TYR O    O N N 378 
TYR CB   C N N 379 
TYR CG   C Y N 380 
TYR CD1  C Y N 381 
TYR CD2  C Y N 382 
TYR CE1  C Y N 383 
TYR CE2  C Y N 384 
TYR CZ   C Y N 385 
TYR OH   O N N 386 
TYR OXT  O N N 387 
TYR H    H N N 388 
TYR H2   H N N 389 
TYR HA   H N N 390 
TYR HB2  H N N 391 
TYR HB3  H N N 392 
TYR HD1  H N N 393 
TYR HD2  H N N 394 
TYR HE1  H N N 395 
TYR HE2  H N N 396 
TYR HH   H N N 397 
TYR HXT  H N N 398 
VAL N    N N N 399 
VAL CA   C N S 400 
VAL C    C N N 401 
VAL O    O N N 402 
VAL CB   C N N 403 
VAL CG1  C N N 404 
VAL CG2  C N N 405 
VAL OXT  O N N 406 
VAL H    H N N 407 
VAL H2   H N N 408 
VAL HA   H N N 409 
VAL HB   H N N 410 
VAL HG11 H N N 411 
VAL HG12 H N N 412 
VAL HG13 H N N 413 
VAL HG21 H N N 414 
VAL HG22 H N N 415 
VAL HG23 H N N 416 
VAL HXT  H N N 417 
# 
loop_
_chem_comp_bond.comp_id 
_chem_comp_bond.atom_id_1 
_chem_comp_bond.atom_id_2 
_chem_comp_bond.value_order 
_chem_comp_bond.pdbx_aromatic_flag 
_chem_comp_bond.pdbx_stereo_config 
_chem_comp_bond.pdbx_ordinal 
ALA N   CA   sing N N 1   
ALA N   H    sing N N 2   
ALA N   H2   sing N N 3   
ALA CA  C    sing N N 4   
ALA CA  CB   sing N N 5   
ALA CA  HA   sing N N 6   
ALA C   O    doub N N 7   
ALA C   OXT  sing N N 8   
ALA CB  HB1  sing N N 9   
ALA CB  HB2  sing N N 10  
ALA CB  HB3  sing N N 11  
ALA OXT HXT  sing N N 12  
ARG N   CA   sing N N 13  
ARG N   H    sing N N 14  
ARG N   H2   sing N N 15  
ARG CA  C    sing N N 16  
ARG CA  CB   sing N N 17  
ARG CA  HA   sing N N 18  
ARG C   O    doub N N 19  
ARG C   OXT  sing N N 20  
ARG CB  CG   sing N N 21  
ARG CB  HB2  sing N N 22  
ARG CB  HB3  sing N N 23  
ARG CG  CD   sing N N 24  
ARG CG  HG2  sing N N 25  
ARG CG  HG3  sing N N 26  
ARG CD  NE   sing N N 27  
ARG CD  HD2  sing N N 28  
ARG CD  HD3  sing N N 29  
ARG NE  CZ   sing N N 30  
ARG NE  HE   sing N N 31  
ARG CZ  NH1  sing N N 32  
ARG CZ  NH2  doub N N 33  
ARG NH1 HH11 sing N N 34  
ARG NH1 HH12 sing N N 35  
ARG NH2 HH21 sing N N 36  
ARG NH2 HH22 sing N N 37  
ARG OXT HXT  sing N N 38  
ASN N   CA   sing N N 39  
ASN N   H    sing N N 40  
ASN N   H2   sing N N 41  
ASN CA  C    sing N N 42  
ASN CA  CB   sing N N 43  
ASN CA  HA   sing N N 44  
ASN C   O    doub N N 45  
ASN C   OXT  sing N N 46  
ASN CB  CG   sing N N 47  
ASN CB  HB2  sing N N 48  
ASN CB  HB3  sing N N 49  
ASN CG  OD1  doub N N 50  
ASN CG  ND2  sing N N 51  
ASN ND2 HD21 sing N N 52  
ASN ND2 HD22 sing N N 53  
ASN OXT HXT  sing N N 54  
ASP N   CA   sing N N 55  
ASP N   H    sing N N 56  
ASP N   H2   sing N N 57  
ASP CA  C    sing N N 58  
ASP CA  CB   sing N N 59  
ASP CA  HA   sing N N 60  
ASP C   O    doub N N 61  
ASP C   OXT  sing N N 62  
ASP CB  CG   sing N N 63  
ASP CB  HB2  sing N N 64  
ASP CB  HB3  sing N N 65  
ASP CG  OD1  doub N N 66  
ASP CG  OD2  sing N N 67  
ASP OD2 HD2  sing N N 68  
ASP OXT HXT  sing N N 69  
CYS N   CA   sing N N 70  
CYS N   H    sing N N 71  
CYS N   H2   sing N N 72  
CYS CA  C    sing N N 73  
CYS CA  CB   sing N N 74  
CYS CA  HA   sing N N 75  
CYS C   O    doub N N 76  
CYS C   OXT  sing N N 77  
CYS CB  SG   sing N N 78  
CYS CB  HB2  sing N N 79  
CYS CB  HB3  sing N N 80  
CYS SG  HG   sing N N 81  
CYS OXT HXT  sing N N 82  
GLN N   CA   sing N N 83  
GLN N   H    sing N N 84  
GLN N   H2   sing N N 85  
GLN CA  C    sing N N 86  
GLN CA  CB   sing N N 87  
GLN CA  HA   sing N N 88  
GLN C   O    doub N N 89  
GLN C   OXT  sing N N 90  
GLN CB  CG   sing N N 91  
GLN CB  HB2  sing N N 92  
GLN CB  HB3  sing N N 93  
GLN CG  CD   sing N N 94  
GLN CG  HG2  sing N N 95  
GLN CG  HG3  sing N N 96  
GLN CD  OE1  doub N N 97  
GLN CD  NE2  sing N N 98  
GLN NE2 HE21 sing N N 99  
GLN NE2 HE22 sing N N 100 
GLN OXT HXT  sing N N 101 
GLU N   CA   sing N N 102 
GLU N   H    sing N N 103 
GLU N   H2   sing N N 104 
GLU CA  C    sing N N 105 
GLU CA  CB   sing N N 106 
GLU CA  HA   sing N N 107 
GLU C   O    doub N N 108 
GLU C   OXT  sing N N 109 
GLU CB  CG   sing N N 110 
GLU CB  HB2  sing N N 111 
GLU CB  HB3  sing N N 112 
GLU CG  CD   sing N N 113 
GLU CG  HG2  sing N N 114 
GLU CG  HG3  sing N N 115 
GLU CD  OE1  doub N N 116 
GLU CD  OE2  sing N N 117 
GLU OE2 HE2  sing N N 118 
GLU OXT HXT  sing N N 119 
GLY N   CA   sing N N 120 
GLY N   H    sing N N 121 
GLY N   H2   sing N N 122 
GLY CA  C    sing N N 123 
GLY CA  HA2  sing N N 124 
GLY CA  HA3  sing N N 125 
GLY C   O    doub N N 126 
GLY C   OXT  sing N N 127 
GLY OXT HXT  sing N N 128 
HIS N   CA   sing N N 129 
HIS N   H    sing N N 130 
HIS N   H2   sing N N 131 
HIS CA  C    sing N N 132 
HIS CA  CB   sing N N 133 
HIS CA  HA   sing N N 134 
HIS C   O    doub N N 135 
HIS C   OXT  sing N N 136 
HIS CB  CG   sing N N 137 
HIS CB  HB2  sing N N 138 
HIS CB  HB3  sing N N 139 
HIS CG  ND1  sing Y N 140 
HIS CG  CD2  doub Y N 141 
HIS ND1 CE1  doub Y N 142 
HIS ND1 HD1  sing N N 143 
HIS CD2 NE2  sing Y N 144 
HIS CD2 HD2  sing N N 145 
HIS CE1 NE2  sing Y N 146 
HIS CE1 HE1  sing N N 147 
HIS NE2 HE2  sing N N 148 
HIS OXT HXT  sing N N 149 
HOH O   H1   sing N N 150 
HOH O   H2   sing N N 151 
ILE N   CA   sing N N 152 
ILE N   H    sing N N 153 
ILE N   H2   sing N N 154 
ILE CA  C    sing N N 155 
ILE CA  CB   sing N N 156 
ILE CA  HA   sing N N 157 
ILE C   O    doub N N 158 
ILE C   OXT  sing N N 159 
ILE CB  CG1  sing N N 160 
ILE CB  CG2  sing N N 161 
ILE CB  HB   sing N N 162 
ILE CG1 CD1  sing N N 163 
ILE CG1 HG12 sing N N 164 
ILE CG1 HG13 sing N N 165 
ILE CG2 HG21 sing N N 166 
ILE CG2 HG22 sing N N 167 
ILE CG2 HG23 sing N N 168 
ILE CD1 HD11 sing N N 169 
ILE CD1 HD12 sing N N 170 
ILE CD1 HD13 sing N N 171 
ILE OXT HXT  sing N N 172 
LEU N   CA   sing N N 173 
LEU N   H    sing N N 174 
LEU N   H2   sing N N 175 
LEU CA  C    sing N N 176 
LEU CA  CB   sing N N 177 
LEU CA  HA   sing N N 178 
LEU C   O    doub N N 179 
LEU C   OXT  sing N N 180 
LEU CB  CG   sing N N 181 
LEU CB  HB2  sing N N 182 
LEU CB  HB3  sing N N 183 
LEU CG  CD1  sing N N 184 
LEU CG  CD2  sing N N 185 
LEU CG  HG   sing N N 186 
LEU CD1 HD11 sing N N 187 
LEU CD1 HD12 sing N N 188 
LEU CD1 HD13 sing N N 189 
LEU CD2 HD21 sing N N 190 
LEU CD2 HD22 sing N N 191 
LEU CD2 HD23 sing N N 192 
LEU OXT HXT  sing N N 193 
LYS N   CA   sing N N 194 
LYS N   H    sing N N 195 
LYS N   H2   sing N N 196 
LYS CA  C    sing N N 197 
LYS CA  CB   sing N N 198 
LYS CA  HA   sing N N 199 
LYS C   O    doub N N 200 
LYS C   OXT  sing N N 201 
LYS CB  CG   sing N N 202 
LYS CB  HB2  sing N N 203 
LYS CB  HB3  sing N N 204 
LYS CG  CD   sing N N 205 
LYS CG  HG2  sing N N 206 
LYS CG  HG3  sing N N 207 
LYS CD  CE   sing N N 208 
LYS CD  HD2  sing N N 209 
LYS CD  HD3  sing N N 210 
LYS CE  NZ   sing N N 211 
LYS CE  HE2  sing N N 212 
LYS CE  HE3  sing N N 213 
LYS NZ  HZ1  sing N N 214 
LYS NZ  HZ2  sing N N 215 
LYS NZ  HZ3  sing N N 216 
LYS OXT HXT  sing N N 217 
MET N   CA   sing N N 218 
MET N   H    sing N N 219 
MET N   H2   sing N N 220 
MET CA  C    sing N N 221 
MET CA  CB   sing N N 222 
MET CA  HA   sing N N 223 
MET C   O    doub N N 224 
MET C   OXT  sing N N 225 
MET CB  CG   sing N N 226 
MET CB  HB2  sing N N 227 
MET CB  HB3  sing N N 228 
MET CG  SD   sing N N 229 
MET CG  HG2  sing N N 230 
MET CG  HG3  sing N N 231 
MET SD  CE   sing N N 232 
MET CE  HE1  sing N N 233 
MET CE  HE2  sing N N 234 
MET CE  HE3  sing N N 235 
MET OXT HXT  sing N N 236 
MPD C1  C2   sing N N 237 
MPD C1  H11  sing N N 238 
MPD C1  H12  sing N N 239 
MPD C1  H13  sing N N 240 
MPD C2  O2   sing N N 241 
MPD C2  CM   sing N N 242 
MPD C2  C3   sing N N 243 
MPD O2  HO2  sing N N 244 
MPD CM  HM1  sing N N 245 
MPD CM  HM2  sing N N 246 
MPD CM  HM3  sing N N 247 
MPD C3  C4   sing N N 248 
MPD C3  H31  sing N N 249 
MPD C3  H32  sing N N 250 
MPD C4  O4   sing N N 251 
MPD C4  C5   sing N N 252 
MPD C4  H4   sing N N 253 
MPD O4  HO4  sing N N 254 
MPD C5  H51  sing N N 255 
MPD C5  H52  sing N N 256 
MPD C5  H53  sing N N 257 
PHE N   CA   sing N N 258 
PHE N   H    sing N N 259 
PHE N   H2   sing N N 260 
PHE CA  C    sing N N 261 
PHE CA  CB   sing N N 262 
PHE CA  HA   sing N N 263 
PHE C   O    doub N N 264 
PHE C   OXT  sing N N 265 
PHE CB  CG   sing N N 266 
PHE CB  HB2  sing N N 267 
PHE CB  HB3  sing N N 268 
PHE CG  CD1  doub Y N 269 
PHE CG  CD2  sing Y N 270 
PHE CD1 CE1  sing Y N 271 
PHE CD1 HD1  sing N N 272 
PHE CD2 CE2  doub Y N 273 
PHE CD2 HD2  sing N N 274 
PHE CE1 CZ   doub Y N 275 
PHE CE1 HE1  sing N N 276 
PHE CE2 CZ   sing Y N 277 
PHE CE2 HE2  sing N N 278 
PHE CZ  HZ   sing N N 279 
PHE OXT HXT  sing N N 280 
PO4 P   O1   doub N N 281 
PO4 P   O2   sing N N 282 
PO4 P   O3   sing N N 283 
PO4 P   O4   sing N N 284 
PRO N   CA   sing N N 285 
PRO N   CD   sing N N 286 
PRO N   H    sing N N 287 
PRO CA  C    sing N N 288 
PRO CA  CB   sing N N 289 
PRO CA  HA   sing N N 290 
PRO C   O    doub N N 291 
PRO C   OXT  sing N N 292 
PRO CB  CG   sing N N 293 
PRO CB  HB2  sing N N 294 
PRO CB  HB3  sing N N 295 
PRO CG  CD   sing N N 296 
PRO CG  HG2  sing N N 297 
PRO CG  HG3  sing N N 298 
PRO CD  HD2  sing N N 299 
PRO CD  HD3  sing N N 300 
PRO OXT HXT  sing N N 301 
SER N   CA   sing N N 302 
SER N   H    sing N N 303 
SER N   H2   sing N N 304 
SER CA  C    sing N N 305 
SER CA  CB   sing N N 306 
SER CA  HA   sing N N 307 
SER C   O    doub N N 308 
SER C   OXT  sing N N 309 
SER CB  OG   sing N N 310 
SER CB  HB2  sing N N 311 
SER CB  HB3  sing N N 312 
SER OG  HG   sing N N 313 
SER OXT HXT  sing N N 314 
THR N   CA   sing N N 315 
THR N   H    sing N N 316 
THR N   H2   sing N N 317 
THR CA  C    sing N N 318 
THR CA  CB   sing N N 319 
THR CA  HA   sing N N 320 
THR C   O    doub N N 321 
THR C   OXT  sing N N 322 
THR CB  OG1  sing N N 323 
THR CB  CG2  sing N N 324 
THR CB  HB   sing N N 325 
THR OG1 HG1  sing N N 326 
THR CG2 HG21 sing N N 327 
THR CG2 HG22 sing N N 328 
THR CG2 HG23 sing N N 329 
THR OXT HXT  sing N N 330 
TRP N   CA   sing N N 331 
TRP N   H    sing N N 332 
TRP N   H2   sing N N 333 
TRP CA  C    sing N N 334 
TRP CA  CB   sing N N 335 
TRP CA  HA   sing N N 336 
TRP C   O    doub N N 337 
TRP C   OXT  sing N N 338 
TRP CB  CG   sing N N 339 
TRP CB  HB2  sing N N 340 
TRP CB  HB3  sing N N 341 
TRP CG  CD1  doub Y N 342 
TRP CG  CD2  sing Y N 343 
TRP CD1 NE1  sing Y N 344 
TRP CD1 HD1  sing N N 345 
TRP CD2 CE2  doub Y N 346 
TRP CD2 CE3  sing Y N 347 
TRP NE1 CE2  sing Y N 348 
TRP NE1 HE1  sing N N 349 
TRP CE2 CZ2  sing Y N 350 
TRP CE3 CZ3  doub Y N 351 
TRP CE3 HE3  sing N N 352 
TRP CZ2 CH2  doub Y N 353 
TRP CZ2 HZ2  sing N N 354 
TRP CZ3 CH2  sing Y N 355 
TRP CZ3 HZ3  sing N N 356 
TRP CH2 HH2  sing N N 357 
TRP OXT HXT  sing N N 358 
TYR N   CA   sing N N 359 
TYR N   H    sing N N 360 
TYR N   H2   sing N N 361 
TYR CA  C    sing N N 362 
TYR CA  CB   sing N N 363 
TYR CA  HA   sing N N 364 
TYR C   O    doub N N 365 
TYR C   OXT  sing N N 366 
TYR CB  CG   sing N N 367 
TYR CB  HB2  sing N N 368 
TYR CB  HB3  sing N N 369 
TYR CG  CD1  doub Y N 370 
TYR CG  CD2  sing Y N 371 
TYR CD1 CE1  sing Y N 372 
TYR CD1 HD1  sing N N 373 
TYR CD2 CE2  doub Y N 374 
TYR CD2 HD2  sing N N 375 
TYR CE1 CZ   doub Y N 376 
TYR CE1 HE1  sing N N 377 
TYR CE2 CZ   sing Y N 378 
TYR CE2 HE2  sing N N 379 
TYR CZ  OH   sing N N 380 
TYR OH  HH   sing N N 381 
TYR OXT HXT  sing N N 382 
VAL N   CA   sing N N 383 
VAL N   H    sing N N 384 
VAL N   H2   sing N N 385 
VAL CA  C    sing N N 386 
VAL CA  CB   sing N N 387 
VAL CA  HA   sing N N 388 
VAL C   O    doub N N 389 
VAL C   OXT  sing N N 390 
VAL CB  CG1  sing N N 391 
VAL CB  CG2  sing N N 392 
VAL CB  HB   sing N N 393 
VAL CG1 HG11 sing N N 394 
VAL CG1 HG12 sing N N 395 
VAL CG1 HG13 sing N N 396 
VAL CG2 HG21 sing N N 397 
VAL CG2 HG22 sing N N 398 
VAL CG2 HG23 sing N N 399 
VAL OXT HXT  sing N N 400 
# 
_pdbx_initial_refinement_model.accession_code   ? 
_pdbx_initial_refinement_model.id               1 
_pdbx_initial_refinement_model.entity_id_list   ? 
_pdbx_initial_refinement_model.type             'experimental model' 
_pdbx_initial_refinement_model.source_name      Other 
_pdbx_initial_refinement_model.details          'SEMET MODEL' 
# 
_atom_sites.entry_id                    1XW3 
_atom_sites.fract_transf_matrix[1][1]   -0.00885396 
_atom_sites.fract_transf_matrix[1][2]   -0.01260127 
_atom_sites.fract_transf_matrix[1][3]   -0.00711971 
_atom_sites.fract_transf_matrix[2][1]   0.00781389 
_atom_sites.fract_transf_matrix[2][2]   -0.01126331 
_atom_sites.fract_transf_matrix[2][3]   -0.00999800 
_atom_sites.fract_transf_matrix[3][1]   0.00358045 
_atom_sites.fract_transf_matrix[3][2]   -0.01127041 
_atom_sites.fract_transf_matrix[3][3]   0.01549504 
_atom_sites.fract_transf_vector[1]      0.835912 
_atom_sites.fract_transf_vector[2]      -0.692404 
_atom_sites.fract_transf_vector[3]      -0.429968 
# 
loop_
_atom_type.symbol 
C 
N 
O 
P 
S 
# 
loop_
_atom_site.group_PDB 
_atom_site.id 
_atom_site.type_symbol 
_atom_site.label_atom_id 
_atom_site.label_alt_id 
_atom_site.label_comp_id 
_atom_site.label_asym_id 
_atom_site.label_entity_id 
_atom_site.label_seq_id 
_atom_site.pdbx_PDB_ins_code 
_atom_site.Cartn_x 
_atom_site.Cartn_y 
_atom_site.Cartn_z 
_atom_site.occupancy 
_atom_site.B_iso_or_equiv 
_atom_site.pdbx_formal_charge 
_atom_site.auth_seq_id 
_atom_site.auth_comp_id 
_atom_site.auth_asym_id 
_atom_site.auth_atom_id 
_atom_site.pdbx_PDB_model_num 
ATOM   1   N N   . GLY A 1 1   ? 1.335   -3.892  -41.116 1.00 38.36 ? 28  GLY A N   1 
ATOM   2   C CA  . GLY A 1 1   ? 0.412   -4.980  -40.655 1.00 36.97 ? 28  GLY A CA  1 
ATOM   3   C C   . GLY A 1 1   ? 0.028   -4.776  -39.202 1.00 36.32 ? 28  GLY A C   1 
ATOM   4   O O   . GLY A 1 1   ? -0.040  -3.623  -38.738 1.00 36.91 ? 28  GLY A O   1 
ATOM   5   N N   . PRO A 1 2   ? -0.179  -5.890  -38.455 1.00 35.03 ? 29  PRO A N   1 
ATOM   6   C CA  . PRO A 1 2   ? -0.636  -5.838  -37.053 1.00 34.20 ? 29  PRO A CA  1 
ATOM   7   C C   . PRO A 1 2   ? 0.362   -5.097  -36.143 1.00 33.01 ? 29  PRO A C   1 
ATOM   8   O O   . PRO A 1 2   ? 1.472   -4.757  -36.580 1.00 33.48 ? 29  PRO A O   1 
ATOM   9   C CB  . PRO A 1 2   ? -0.767  -7.311  -36.681 1.00 34.30 ? 29  PRO A CB  1 
ATOM   10  C CG  . PRO A 1 2   ? -0.962  -7.993  -38.032 1.00 33.86 ? 29  PRO A CG  1 
ATOM   11  C CD  . PRO A 1 2   ? -0.003  -7.281  -38.898 1.00 34.66 ? 29  PRO A CD  1 
ATOM   12  N N   . HIS A 1 3   ? -0.050  -4.826  -34.910 1.00 30.29 ? 30  HIS A N   1 
ATOM   13  C CA  . HIS A 1 3   ? 0.714   -3.948  -33.987 1.00 27.36 ? 30  HIS A CA  1 
ATOM   14  C C   . HIS A 1 3   ? 2.192   -4.387  -33.644 1.00 27.38 ? 30  HIS A C   1 
ATOM   15  O O   . HIS A 1 3   ? 2.383   -5.549  -33.382 1.00 28.75 ? 30  HIS A O   1 
ATOM   16  C CB  . HIS A 1 3   ? -0.106  -3.871  -32.721 1.00 25.31 ? 30  HIS A CB  1 
ATOM   17  C CG  . HIS A 1 3   ? -1.470  -3.269  -32.909 1.00 22.07 ? 30  HIS A CG  1 
ATOM   18  N ND1 . HIS A 1 3   ? -1.662  -1.920  -33.103 1.00 19.85 ? 30  HIS A ND1 1 
ATOM   19  C CD2 . HIS A 1 3   ? -2.707  -3.825  -32.852 1.00 20.62 ? 30  HIS A CD2 1 
ATOM   20  C CE1 . HIS A 1 3   ? -2.964  -1.670  -33.183 1.00 20.43 ? 30  HIS A CE1 1 
ATOM   21  N NE2 . HIS A 1 3   ? -3.617  -2.808  -33.001 1.00 20.30 ? 30  HIS A NE2 1 
ATOM   22  N N   . MET A 1 4   ? 3.160   -3.448  -33.601 1.00 27.17 ? 31  MET A N   1 
ATOM   23  C CA  . MET A 1 4   ? 4.638   -3.739  -33.449 1.00 27.13 ? 31  MET A CA  1 
ATOM   24  C C   . MET A 1 4   ? 5.081   -3.866  -31.980 1.00 25.36 ? 31  MET A C   1 
ATOM   25  O O   . MET A 1 4   ? 6.130   -4.474  -31.675 1.00 24.84 ? 31  MET A O   1 
ATOM   26  C CB  . MET A 1 4   ? 5.528   -2.601  -34.050 1.00 28.42 ? 31  MET A CB  1 
ATOM   27  C CG  . MET A 1 4   ? 5.462   -2.322  -35.575 1.00 31.09 ? 31  MET A CG  1 
ATOM   28  S SD  . MET A 1 4   ? 5.760   -3.802  -36.562 1.00 36.15 ? 31  MET A SD  1 
ATOM   29  C CE  . MET A 1 4   ? 7.570   -3.939  -36.598 1.00 34.34 ? 31  MET A CE  1 
ATOM   30  N N   . SER A 1 5   ? 4.319   -3.258  -31.075 1.00 22.11 ? 32  SER A N   1 
ATOM   31  C CA  . SER A 1 5   ? 4.872   -2.996  -29.737 1.00 19.11 ? 32  SER A CA  1 
ATOM   32  C C   . SER A 1 5   ? 4.003   -3.565  -28.625 1.00 18.82 ? 32  SER A C   1 
ATOM   33  O O   . SER A 1 5   ? 2.848   -3.924  -28.844 1.00 17.69 ? 32  SER A O   1 
ATOM   34  C CB  . SER A 1 5   ? 5.061   -1.485  -29.520 1.00 20.80 ? 32  SER A CB  1 
ATOM   35  O OG  . SER A 1 5   ? 6.044   -0.947  -30.437 1.00 21.37 ? 32  SER A OG  1 
ATOM   36  N N   . ILE A 1 6   ? 4.605   -3.667  -27.444 1.00 16.25 ? 33  ILE A N   1 
ATOM   37  C CA  . ILE A 1 6   ? 3.940   -4.112  -26.227 1.00 16.02 ? 33  ILE A CA  1 
ATOM   38  C C   . ILE A 1 6   ? 4.179   -3.059  -25.152 1.00 16.08 ? 33  ILE A C   1 
ATOM   39  O O   . ILE A 1 6   ? 4.985   -2.123  -25.366 1.00 14.54 ? 33  ILE A O   1 
ATOM   40  C CB  . ILE A 1 6   ? 4.389   -5.537  -25.808 1.00 17.27 ? 33  ILE A CB  1 
ATOM   41  C CG1 . ILE A 1 6   ? 5.924   -5.623  -25.606 1.00 14.70 ? 33  ILE A CG1 1 
ATOM   42  C CG2 . ILE A 1 6   ? 3.904   -6.544  -26.883 1.00 19.91 ? 33  ILE A CG2 1 
ATOM   43  C CD1 . ILE A 1 6   ? 6.424   -4.980  -24.282 1.00 15.36 ? 33  ILE A CD1 1 
ATOM   44  N N   . HIS A 1 7   ? 3.473   -3.196  -24.025 1.00 15.19 ? 34  HIS A N   1 
ATOM   45  C CA  . HIS A 1 7   ? 3.694   -2.339  -22.851 1.00 14.74 ? 34  HIS A CA  1 
ATOM   46  C C   . HIS A 1 7   ? 4.428   -3.147  -21.820 1.00 15.71 ? 34  HIS A C   1 
ATOM   47  O O   . HIS A 1 7   ? 4.002   -4.260  -21.479 1.00 16.76 ? 34  HIS A O   1 
ATOM   48  C CB  . HIS A 1 7   ? 2.366   -1.911  -22.207 1.00 16.07 ? 34  HIS A CB  1 
ATOM   49  C CG  . HIS A 1 7   ? 2.060   -0.452  -22.342 1.00 16.99 ? 34  HIS A CG  1 
ATOM   50  N ND1 . HIS A 1 7   ? 0.819   0.063   -22.027 1.00 17.59 ? 34  HIS A ND1 1 
ATOM   51  C CD2 . HIS A 1 7   ? 2.808   0.595   -22.779 1.00 16.38 ? 34  HIS A CD2 1 
ATOM   52  C CE1 . HIS A 1 7   ? 0.825   1.367   -22.247 1.00 20.55 ? 34  HIS A CE1 1 
ATOM   53  N NE2 . HIS A 1 7   ? 2.012   1.716   -22.717 1.00 18.47 ? 34  HIS A NE2 1 
ATOM   54  N N   . SER A 1 8   ? 5.519   -2.592  -21.303 1.00 14.94 ? 35  SER A N   1 
ATOM   55  C CA  . SER A 1 8   ? 6.248   -3.256  -20.227 1.00 15.48 ? 35  SER A CA  1 
ATOM   56  C C   . SER A 1 8   ? 6.296   -2.353  -18.985 1.00 15.98 ? 35  SER A C   1 
ATOM   57  O O   . SER A 1 8   ? 6.468   -1.145  -19.098 1.00 16.79 ? 35  SER A O   1 
ATOM   58  C CB  . SER A 1 8   ? 7.655   -3.537  -20.719 1.00 16.58 ? 35  SER A CB  1 
ATOM   59  O OG  . SER A 1 8   ? 8.445   -4.118  -19.670 1.00 20.26 ? 35  SER A OG  1 
ATOM   60  N N   . GLY A 1 9   ? 6.148   -2.929  -17.804 1.00 14.46 ? 36  GLY A N   1 
ATOM   61  C CA  . GLY A 1 9   ? 6.237   -2.082  -16.601 1.00 15.31 ? 36  GLY A CA  1 
ATOM   62  C C   . GLY A 1 9   ? 6.312   -2.965  -15.376 1.00 14.33 ? 36  GLY A C   1 
ATOM   63  O O   . GLY A 1 9   ? 6.293   -4.217  -15.447 1.00 15.03 ? 36  GLY A O   1 
ATOM   64  N N   . ARG A 1 10  ? 6.335   -2.308  -14.227 1.00 14.59 ? 37  ARG A N   1 
ATOM   65  C CA  . ARG A 1 10  ? 6.437   -3.053  -12.952 1.00 13.61 ? 37  ARG A CA  1 
ATOM   66  C C   . ARG A 1 10  ? 5.197   -3.915  -12.720 1.00 13.30 ? 37  ARG A C   1 
ATOM   67  O O   . ARG A 1 10  ? 4.083   -3.554  -13.110 1.00 14.62 ? 37  ARG A O   1 
ATOM   68  C CB  . ARG A 1 10  ? 6.591   -2.075  -11.777 1.00 14.14 ? 37  ARG A CB  1 
ATOM   69  C CG  . ARG A 1 10  ? 5.381   -1.165  -11.575 1.00 14.73 ? 37  ARG A CG  1 
ATOM   70  C CD  . ARG A 1 10  ? 5.763   -0.011  -10.658 1.00 14.40 ? 37  ARG A CD  1 
ATOM   71  N NE  . ARG A 1 10  ? 6.648   0.992   -11.330 1.00 16.53 ? 37  ARG A NE  1 
ATOM   72  C CZ  . ARG A 1 10  ? 7.855   1.349   -10.873 1.00 18.42 ? 37  ARG A CZ  1 
ATOM   73  N NH1 . ARG A 1 10  ? 8.357   0.777   -9.762  1.00 17.32 ? 37  ARG A NH1 1 
ATOM   74  N NH2 . ARG A 1 10  ? 8.593   2.286   -11.515 1.00 16.84 ? 37  ARG A NH2 1 
ATOM   75  N N   . ILE A 1 11  ? 5.421   -5.019  -12.023 1.00 14.32 ? 38  ILE A N   1 
ATOM   76  C CA  . ILE A 1 11  ? 4.344   -5.934  -11.670 1.00 14.04 ? 38  ILE A CA  1 
ATOM   77  C C   . ILE A 1 11  ? 3.588   -5.411  -10.458 1.00 15.09 ? 38  ILE A C   1 
ATOM   78  O O   . ILE A 1 11  ? 4.219   -5.024  -9.455  1.00 15.44 ? 38  ILE A O   1 
ATOM   79  C CB  . ILE A 1 11  ? 4.966   -7.318  -11.369 1.00 15.27 ? 38  ILE A CB  1 
ATOM   80  C CG1 . ILE A 1 11  ? 5.609   -7.932  -12.630 1.00 14.42 ? 38  ILE A CG1 1 
ATOM   81  C CG2 . ILE A 1 11  ? 3.873   -8.287  -10.787 1.00 16.48 ? 38  ILE A CG2 1 
ATOM   82  C CD1 . ILE A 1 11  ? 6.449   -9.173  -12.350 1.00 16.11 ? 38  ILE A CD1 1 
ATOM   83  N N   . ALA A 1 12  ? 2.263   -5.367  -10.558 1.00 15.76 ? 39  ALA A N   1 
ATOM   84  C CA  . ALA A 1 12  ? 1.405   -5.092  -9.404  1.00 16.75 ? 39  ALA A CA  1 
ATOM   85  C C   . ALA A 1 12  ? 0.445   -6.280  -9.251  1.00 18.26 ? 39  ALA A C   1 
ATOM   86  O O   . ALA A 1 12  ? -0.016  -6.877  -10.260 1.00 19.23 ? 39  ALA A O   1 
ATOM   87  C CB  . ALA A 1 12  ? 0.629   -3.787  -9.558  1.00 16.48 ? 39  ALA A CB  1 
ATOM   88  N N   . ALA A 1 13  ? 0.142   -6.613  -8.012  1.00 17.88 ? 40  ALA A N   1 
ATOM   89  C CA  . ALA A 1 13  ? -0.842  -7.668  -7.778  1.00 19.88 ? 40  ALA A CA  1 
ATOM   90  C C   . ALA A 1 13  ? -1.570  -7.364  -6.477  1.00 19.05 ? 40  ALA A C   1 
ATOM   91  O O   . ALA A 1 13  ? -0.944  -6.889  -5.508  1.00 17.95 ? 40  ALA A O   1 
ATOM   92  C CB  . ALA A 1 13  ? -0.154  -9.025  -7.703  1.00 20.35 ? 40  ALA A CB  1 
ATOM   93  N N   . VAL A 1 14  ? -2.873  -7.646  -6.484  1.00 19.54 ? 41  VAL A N   1 
ATOM   94  C CA  . VAL A 1 14  ? -3.706  -7.433  -5.290  1.00 18.54 ? 41  VAL A CA  1 
ATOM   95  C C   . VAL A 1 14  ? -3.643  -8.631  -4.360  1.00 19.62 ? 41  VAL A C   1 
ATOM   96  O O   . VAL A 1 14  ? -3.816  -9.794  -4.802  1.00 19.56 ? 41  VAL A O   1 
ATOM   97  C CB  . VAL A 1 14  ? -5.198  -7.137  -5.662  1.00 19.12 ? 41  VAL A CB  1 
ATOM   98  C CG1 . VAL A 1 14  ? -6.086  -7.015  -4.398  1.00 21.89 ? 41  VAL A CG1 1 
ATOM   99  C CG2 . VAL A 1 14  ? -5.315  -5.890  -6.493  1.00 18.84 ? 41  VAL A CG2 1 
ATOM   100 N N   . HIS A 1 15  ? -3.409  -8.361  -3.070  1.00 19.54 ? 42  HIS A N   1 
ATOM   101 C CA  . HIS A 1 15  ? -3.323  -9.406  -2.038  1.00 20.48 ? 42  HIS A CA  1 
ATOM   102 C C   . HIS A 1 15  ? -4.009  -8.861  -0.796  1.00 20.99 ? 42  HIS A C   1 
ATOM   103 O O   . HIS A 1 15  ? -4.040  -7.633  -0.583  1.00 19.90 ? 42  HIS A O   1 
ATOM   104 C CB  . HIS A 1 15  ? -1.883  -9.722  -1.662  1.00 21.49 ? 42  HIS A CB  1 
ATOM   105 C CG  . HIS A 1 15  ? -1.104  -10.375 -2.761  1.00 25.15 ? 42  HIS A CG  1 
ATOM   106 N ND1 . HIS A 1 15  ? -1.063  -11.749 -2.928  1.00 31.65 ? 42  HIS A ND1 1 
ATOM   107 C CD2 . HIS A 1 15  ? -0.344  -9.852  -3.754  1.00 27.65 ? 42  HIS A CD2 1 
ATOM   108 C CE1 . HIS A 1 15  ? -0.296  -12.042 -3.966  1.00 30.78 ? 42  HIS A CE1 1 
ATOM   109 N NE2 . HIS A 1 15  ? 0.154   -10.912 -4.484  1.00 30.50 ? 42  HIS A NE2 1 
ATOM   110 N N   . ASN A 1 16  ? -4.552  -9.782  0.006   1.00 19.93 ? 43  ASN A N   1 
ATOM   111 C CA  . ASN A 1 16  ? -4.968  -9.466  1.357   1.00 20.64 ? 43  ASN A CA  1 
ATOM   112 C C   . ASN A 1 16  ? -3.734  -9.513  2.254   1.00 20.54 ? 43  ASN A C   1 
ATOM   113 O O   . ASN A 1 16  ? -3.194  -10.594 2.536   1.00 22.12 ? 43  ASN A O   1 
ATOM   114 C CB  . ASN A 1 16  ? -6.040  -10.468 1.825   1.00 21.17 ? 43  ASN A CB  1 
ATOM   115 C CG  . ASN A 1 16  ? -7.319  -10.325 1.023   1.00 24.83 ? 43  ASN A CG  1 
ATOM   116 O OD1 . ASN A 1 16  ? -7.874  -9.218  0.872   1.00 24.27 ? 43  ASN A OD1 1 
ATOM   117 N ND2 . ASN A 1 16  ? -7.794  -11.454 0.467   1.00 28.80 ? 43  ASN A ND2 1 
ATOM   118 N N   . VAL A 1 17  ? -3.273  -8.337  2.702   1.00 20.19 ? 44  VAL A N   1 
ATOM   119 C CA  . VAL A 1 17  ? -2.005  -8.233  3.445   1.00 20.88 ? 44  VAL A CA  1 
ATOM   120 C C   . VAL A 1 17  ? -2.316  -7.927  4.919   1.00 20.42 ? 44  VAL A C   1 
ATOM   121 O O   . VAL A 1 17  ? -3.227  -7.090  5.196   1.00 20.09 ? 44  VAL A O   1 
ATOM   122 C CB  . VAL A 1 17  ? -1.059  -7.119  2.808   1.00 22.19 ? 44  VAL A CB  1 
ATOM   123 C CG1 . VAL A 1 17  ? -1.650  -5.747  2.912   1.00 24.43 ? 44  VAL A CG1 1 
ATOM   124 C CG2 . VAL A 1 17  ? 0.342   -7.127  3.384   1.00 24.82 ? 44  VAL A CG2 1 
ATOM   125 N N   . PRO A 1 18  ? -1.572  -8.564  5.859   1.00 20.63 ? 45  PRO A N   1 
ATOM   126 C CA  . PRO A 1 18  ? -1.772  -8.188  7.282   1.00 19.53 ? 45  PRO A CA  1 
ATOM   127 C C   . PRO A 1 18  ? -1.522  -6.693  7.473   1.00 18.78 ? 45  PRO A C   1 
ATOM   128 O O   . PRO A 1 18  ? -0.497  -6.179  6.962   1.00 18.05 ? 45  PRO A O   1 
ATOM   129 C CB  . PRO A 1 18  ? -0.693  -8.989  8.012   1.00 21.17 ? 45  PRO A CB  1 
ATOM   130 C CG  . PRO A 1 18  ? -0.530  -10.254 7.091   1.00 22.31 ? 45  PRO A CG  1 
ATOM   131 C CD  . PRO A 1 18  ? -0.555  -9.632  5.713   1.00 21.07 ? 45  PRO A CD  1 
ATOM   132 N N   A LEU A 1 19  ? -2.419  -5.998  8.168   0.50 17.95 ? 46  LEU A N   1 
ATOM   133 N N   B LEU A 1 19  ? -2.412  -5.993  8.169   0.50 17.86 ? 46  LEU A N   1 
ATOM   134 C CA  A LEU A 1 19  ? -2.141  -4.582  8.500   0.50 18.37 ? 46  LEU A CA  1 
ATOM   135 C CA  B LEU A 1 19  ? -2.131  -4.566  8.459   0.50 18.15 ? 46  LEU A CA  1 
ATOM   136 C C   A LEU A 1 19  ? -0.747  -4.481  9.101   0.50 18.45 ? 46  LEU A C   1 
ATOM   137 C C   B LEU A 1 19  ? -0.780  -4.429  9.162   0.50 18.41 ? 46  LEU A C   1 
ATOM   138 O O   A LEU A 1 19  ? 0.046   -3.613  8.746   0.50 18.40 ? 46  LEU A O   1 
ATOM   139 O O   B LEU A 1 19  ? -0.047  -3.465  8.936   0.50 18.49 ? 46  LEU A O   1 
ATOM   140 C CB  A LEU A 1 19  ? -3.133  -4.030  9.524   0.50 18.51 ? 46  LEU A CB  1 
ATOM   141 C CB  B LEU A 1 19  ? -3.216  -3.922  9.324   0.50 18.16 ? 46  LEU A CB  1 
ATOM   142 C CG  A LEU A 1 19  ? -4.511  -3.612  9.037   0.50 19.55 ? 46  LEU A CG  1 
ATOM   143 C CG  B LEU A 1 19  ? -4.444  -3.360  8.617   0.50 19.49 ? 46  LEU A CG  1 
ATOM   144 C CD1 A LEU A 1 19  ? -5.299  -2.974  10.195  0.50 19.90 ? 46  LEU A CD1 1 
ATOM   145 C CD1 B LEU A 1 19  ? -5.327  -4.484  8.109   0.50 18.06 ? 46  LEU A CD1 1 
ATOM   146 C CD2 A LEU A 1 19  ? -4.368  -2.610  7.900   0.50 18.86 ? 46  LEU A CD2 1 
ATOM   147 C CD2 B LEU A 1 19  ? -5.241  -2.410  9.554   0.50 17.65 ? 46  LEU A CD2 1 
ATOM   148 N N   . SER A 1 20  ? -0.448  -5.409  10.004  1.00 17.81 ? 47  SER A N   1 
ATOM   149 C CA  . SER A 1 20  ? 0.822   -5.393  10.772  1.00 19.93 ? 47  SER A CA  1 
ATOM   150 C C   . SER A 1 20  ? 2.094   -5.433  9.939   1.00 19.59 ? 47  SER A C   1 
ATOM   151 O O   . SER A 1 20  ? 3.140   -4.997  10.425  1.00 20.68 ? 47  SER A O   1 
ATOM   152 C CB  . SER A 1 20  ? 0.854   -6.563  11.771  1.00 19.94 ? 47  SER A CB  1 
ATOM   153 O OG  . SER A 1 20  ? 0.915   -7.806  11.096  1.00 21.52 ? 47  SER A OG  1 
ATOM   154 N N   . VAL A 1 21  ? 2.022   -5.895  8.685   1.00 17.19 ? 48  VAL A N   1 
ATOM   155 C CA  . VAL A 1 21  ? 3.260   -6.044  7.904   1.00 18.50 ? 48  VAL A CA  1 
ATOM   156 C C   . VAL A 1 21  ? 3.634   -4.696  7.253   1.00 17.78 ? 48  VAL A C   1 
ATOM   157 O O   . VAL A 1 21  ? 4.759   -4.524  6.783   1.00 19.07 ? 48  VAL A O   1 
ATOM   158 C CB  . VAL A 1 21  ? 3.187   -7.189  6.873   1.00 18.92 ? 48  VAL A CB  1 
ATOM   159 C CG1 . VAL A 1 21  ? 2.593   -6.740  5.602   1.00 19.42 ? 48  VAL A CG1 1 
ATOM   160 C CG2 . VAL A 1 21  ? 4.629   -7.808  6.657   1.00 21.88 ? 48  VAL A CG2 1 
ATOM   161 N N   . LEU A 1 22  ? 2.682   -3.763  7.235   1.00 16.79 ? 49  LEU A N   1 
ATOM   162 C CA  . LEU A 1 22  ? 2.888   -2.500  6.499   1.00 15.23 ? 49  LEU A CA  1 
ATOM   163 C C   . LEU A 1 22  ? 3.714   -1.550  7.319   1.00 15.96 ? 49  LEU A C   1 
ATOM   164 O O   . LEU A 1 22  ? 3.379   -1.286  8.504   1.00 17.47 ? 49  LEU A O   1 
ATOM   165 C CB  . LEU A 1 22  ? 1.565   -1.857  6.151   1.00 14.32 ? 49  LEU A CB  1 
ATOM   166 C CG  . LEU A 1 22  ? 0.651   -2.728  5.240   1.00 15.73 ? 49  LEU A CG  1 
ATOM   167 C CD1 . LEU A 1 22  ? -0.747  -2.035  5.137   1.00 15.74 ? 49  LEU A CD1 1 
ATOM   168 C CD2 . LEU A 1 22  ? 1.308   -2.975  3.865   1.00 17.60 ? 49  LEU A CD2 1 
ATOM   169 N N   . ILE A 1 23  ? 4.733   -0.993  6.691   1.00 13.20 ? 50  ILE A N   1 
ATOM   170 C CA  . ILE A 1 23  ? 5.558   0.026   7.326   1.00 12.79 ? 50  ILE A CA  1 
ATOM   171 C C   . ILE A 1 23  ? 4.936   1.385   6.908   1.00 13.57 ? 50  ILE A C   1 
ATOM   172 O O   . ILE A 1 23  ? 4.748   1.641   5.701   1.00 14.21 ? 50  ILE A O   1 
ATOM   173 C CB  . ILE A 1 23  ? 7.016   -0.023  6.847   1.00 13.42 ? 50  ILE A CB  1 
ATOM   174 C CG1 . ILE A 1 23  ? 7.646   -1.423  7.118   1.00 14.56 ? 50  ILE A CG1 1 
ATOM   175 C CG2 . ILE A 1 23  ? 7.839   1.143   7.447   1.00 14.34 ? 50  ILE A CG2 1 
ATOM   176 C CD1 . ILE A 1 23  ? 8.884   -1.643  6.242   1.00 16.97 ? 50  ILE A CD1 1 
ATOM   177 N N   . ARG A 1 24  ? 4.594   2.209   7.907   1.00 14.30 ? 51  ARG A N   1 
ATOM   178 C CA  . ARG A 1 24  ? 3.892   3.455   7.671   1.00 14.25 ? 51  ARG A CA  1 
ATOM   179 C C   . ARG A 1 24  ? 4.699   4.610   8.306   1.00 13.72 ? 51  ARG A C   1 
ATOM   180 O O   . ARG A 1 24  ? 4.440   5.011   9.473   1.00 14.49 ? 51  ARG A O   1 
ATOM   181 C CB  . ARG A 1 24  ? 2.443   3.375   8.242   1.00 14.39 ? 51  ARG A CB  1 
ATOM   182 C CG  . ARG A 1 24  ? 1.619   2.176   7.800   1.00 16.89 ? 51  ARG A CG  1 
ATOM   183 C CD  . ARG A 1 24  ? 0.652   2.522   6.746   1.00 23.93 ? 51  ARG A CD  1 
ATOM   184 N NE  . ARG A 1 24  ? -0.251  3.573   7.200   1.00 30.10 ? 51  ARG A NE  1 
ATOM   185 C CZ  . ARG A 1 24  ? -0.898  4.441   6.422   1.00 30.01 ? 51  ARG A CZ  1 
ATOM   186 N NH1 . ARG A 1 24  ? -0.759  4.448   5.095   1.00 25.88 ? 51  ARG A NH1 1 
ATOM   187 N NH2 . ARG A 1 24  ? -1.691  5.327   7.004   1.00 27.64 ? 51  ARG A NH2 1 
ATOM   188 N N   . PRO A 1 25  ? 5.723   5.094   7.593   1.00 14.86 ? 52  PRO A N   1 
ATOM   189 C CA  . PRO A 1 25  ? 6.686   6.069   8.163   1.00 16.02 ? 52  PRO A CA  1 
ATOM   190 C C   . PRO A 1 25  ? 6.114   7.441   8.491   1.00 16.06 ? 52  PRO A C   1 
ATOM   191 O O   . PRO A 1 25  ? 6.670   8.124   9.392   1.00 16.87 ? 52  PRO A O   1 
ATOM   192 C CB  . PRO A 1 25  ? 7.811   6.160   7.067   1.00 17.09 ? 52  PRO A CB  1 
ATOM   193 C CG  . PRO A 1 25  ? 7.599   4.973   6.208   1.00 18.09 ? 52  PRO A CG  1 
ATOM   194 C CD  . PRO A 1 25  ? 6.129   4.631   6.253   1.00 16.32 ? 52  PRO A CD  1 
ATOM   195 N N   . LEU A 1 26  ? 5.024   7.828   7.804   1.00 15.14 ? 53  LEU A N   1 
ATOM   196 C CA  . LEU A 1 26  ? 4.612   9.235   7.811   1.00 15.49 ? 53  LEU A CA  1 
ATOM   197 C C   . LEU A 1 26  ? 3.318   9.390   8.617   1.00 15.77 ? 53  LEU A C   1 
ATOM   198 O O   . LEU A 1 26  ? 2.509   8.487   8.588   1.00 15.50 ? 53  LEU A O   1 
ATOM   199 C CB  . LEU A 1 26  ? 4.388   9.746   6.390   1.00 16.31 ? 53  LEU A CB  1 
ATOM   200 C CG  . LEU A 1 26  ? 5.506   9.575   5.367   1.00 19.31 ? 53  LEU A CG  1 
ATOM   201 C CD1 . LEU A 1 26  ? 5.020   10.229  4.051   1.00 19.45 ? 53  LEU A CD1 1 
ATOM   202 C CD2 . LEU A 1 26  ? 6.784   10.188  5.872   1.00 20.24 ? 53  LEU A CD2 1 
ATOM   203 N N   . PRO A 1 27  ? 3.111   10.567  9.244   1.00 16.39 ? 54  PRO A N   1 
ATOM   204 C CA  . PRO A 1 27  ? 1.816   10.816  9.893   1.00 16.04 ? 54  PRO A CA  1 
ATOM   205 C C   . PRO A 1 27  ? 0.712   10.775  8.823   1.00 16.52 ? 54  PRO A C   1 
ATOM   206 O O   . PRO A 1 27  ? 0.962   11.113  7.652   1.00 17.55 ? 54  PRO A O   1 
ATOM   207 C CB  . PRO A 1 27  ? 1.963   12.234  10.484  1.00 17.07 ? 54  PRO A CB  1 
ATOM   208 C CG  . PRO A 1 27  ? 3.127   12.825  9.877   1.00 18.70 ? 54  PRO A CG  1 
ATOM   209 C CD  . PRO A 1 27  ? 4.010   11.737  9.283   1.00 16.10 ? 54  PRO A CD  1 
ATOM   210 N N   . SER A 1 28  ? -0.477  10.333  9.232   1.00 15.23 ? 55  SER A N   1 
ATOM   211 C CA  . SER A 1 28  ? -1.640  10.281  8.347   1.00 15.84 ? 55  SER A CA  1 
ATOM   212 C C   . SER A 1 28  ? -2.490  11.529  8.572   1.00 16.86 ? 55  SER A C   1 
ATOM   213 O O   . SER A 1 28  ? -2.770  11.904  9.740   1.00 16.99 ? 55  SER A O   1 
ATOM   214 C CB  . SER A 1 28  ? -2.535  9.061   8.678   1.00 16.94 ? 55  SER A CB  1 
ATOM   215 O OG  . SER A 1 28  ? -1.867  7.817   8.514   1.00 19.73 ? 55  SER A OG  1 
ATOM   216 N N   . VAL A 1 29  ? -2.931  12.135  7.478   1.00 16.36 ? 56  VAL A N   1 
ATOM   217 C CA  . VAL A 1 29  ? -3.923  13.223  7.545   1.00 16.63 ? 56  VAL A CA  1 
ATOM   218 C C   . VAL A 1 29  ? -5.314  12.536  7.404   1.00 16.60 ? 56  VAL A C   1 
ATOM   219 O O   . VAL A 1 29  ? -5.546  11.782  6.452   1.00 16.48 ? 56  VAL A O   1 
ATOM   220 C CB  . VAL A 1 29  ? -3.667  14.204  6.393   1.00 17.61 ? 56  VAL A CB  1 
ATOM   221 C CG1 . VAL A 1 29  ? -4.859  15.199  6.277   1.00 19.16 ? 56  VAL A CG1 1 
ATOM   222 C CG2 . VAL A 1 29  ? -2.285  14.901  6.583   1.00 17.77 ? 56  VAL A CG2 1 
ATOM   223 N N   . LEU A 1 30  ? -6.195  12.729  8.377   1.00 15.66 ? 57  LEU A N   1 
ATOM   224 C CA  . LEU A 1 30  ? -7.483  11.998  8.375   1.00 15.17 ? 57  LEU A CA  1 
ATOM   225 C C   . LEU A 1 30  ? -8.628  12.931  8.690   1.00 16.06 ? 57  LEU A C   1 
ATOM   226 O O   . LEU A 1 30  ? -8.591  13.630  9.708   1.00 16.63 ? 57  LEU A O   1 
ATOM   227 C CB  . LEU A 1 30  ? -7.530  10.885  9.429   1.00 14.18 ? 57  LEU A CB  1 
ATOM   228 C CG  . LEU A 1 30  ? -6.472  9.773   9.292   1.00 13.65 ? 57  LEU A CG  1 
ATOM   229 C CD1 . LEU A 1 30  ? -6.516  8.863   10.531  1.00 16.12 ? 57  LEU A CD1 1 
ATOM   230 C CD2 . LEU A 1 30  ? -6.711  8.985   8.005   1.00 17.70 ? 57  LEU A CD2 1 
ATOM   231 N N   . ASP A 1 31  ? -9.650  12.872  7.843   1.00 15.82 ? 58  ASP A N   1 
ATOM   232 C CA  . ASP A 1 31  ? -10.954 13.508  8.116   1.00 16.77 ? 58  ASP A CA  1 
ATOM   233 C C   . ASP A 1 31  ? -11.785 12.464  8.871   1.00 16.47 ? 58  ASP A C   1 
ATOM   234 O O   . ASP A 1 31  ? -12.130 11.411  8.306   1.00 17.38 ? 58  ASP A O   1 
ATOM   235 C CB  . ASP A 1 31  ? -11.601 13.897  6.790   1.00 15.76 ? 58  ASP A CB  1 
ATOM   236 C CG  . ASP A 1 31  ? -13.049 14.347  6.934   1.00 19.99 ? 58  ASP A CG  1 
ATOM   237 O OD1 . ASP A 1 31  ? -13.703 14.060  7.953   1.00 20.22 ? 58  ASP A OD1 1 
ATOM   238 O OD2 . ASP A 1 31  ? -13.514 15.027  5.994   1.00 22.09 ? 58  ASP A OD2 1 
ATOM   239 N N   . PRO A 1 32  ? -12.047 12.695  10.185  1.00 16.63 ? 59  PRO A N   1 
ATOM   240 C CA  . PRO A 1 32  ? -12.716 11.654  10.969  1.00 17.58 ? 59  PRO A CA  1 
ATOM   241 C C   . PRO A 1 32  ? -14.035 11.172  10.324  1.00 17.39 ? 59  PRO A C   1 
ATOM   242 O O   . PRO A 1 32  ? -14.340 9.979   10.387  1.00 17.94 ? 59  PRO A O   1 
ATOM   243 C CB  . PRO A 1 32  ? -12.989 12.342  12.324  1.00 19.73 ? 59  PRO A CB  1 
ATOM   244 C CG  . PRO A 1 32  ? -11.818 13.352  12.446  1.00 18.85 ? 59  PRO A CG  1 
ATOM   245 C CD  . PRO A 1 32  ? -11.731 13.888  11.004  1.00 17.88 ? 59  PRO A CD  1 
ATOM   246 N N   . ALA A 1 33  ? -14.762 12.085  9.685   1.00 17.95 ? 60  ALA A N   1 
ATOM   247 C CA  . ALA A 1 33  ? -16.070 11.717  9.055   1.00 18.65 ? 60  ALA A CA  1 
ATOM   248 C C   . ALA A 1 33  ? -15.840 10.738  7.888   1.00 19.81 ? 60  ALA A C   1 
ATOM   249 O O   . ALA A 1 33  ? -16.632 9.786   7.693   1.00 19.84 ? 60  ALA A O   1 
ATOM   250 C CB  . ALA A 1 33  ? -16.798 12.982  8.562   1.00 19.55 ? 60  ALA A CB  1 
ATOM   251 N N   . LYS A 1 34  ? -14.744 10.967  7.151   1.00 18.77 ? 61  LYS A N   1 
ATOM   252 C CA  . LYS A 1 34  ? -14.372 10.102  6.032   1.00 17.90 ? 61  LYS A CA  1 
ATOM   253 C C   . LYS A 1 34  ? -13.971 8.726   6.502   1.00 18.14 ? 61  LYS A C   1 
ATOM   254 O O   . LYS A 1 34  ? -14.368 7.709   5.888   1.00 19.25 ? 61  LYS A O   1 
ATOM   255 C CB  . LYS A 1 34  ? -13.303 10.721  5.144   1.00 18.07 ? 61  LYS A CB  1 
ATOM   256 C CG  . LYS A 1 34  ? -13.034 9.950   3.870   1.00 19.41 ? 61  LYS A CG  1 
ATOM   257 C CD  . LYS A 1 34  ? -12.009 10.674  2.983   1.00 22.75 ? 61  LYS A CD  1 
ATOM   258 C CE  . LYS A 1 34  ? -11.566 9.795   1.805   1.00 23.12 ? 61  LYS A CE  1 
ATOM   259 N NZ  . LYS A 1 34  ? -10.621 10.492  0.858   1.00 26.59 ? 61  LYS A NZ  1 
ATOM   260 N N   . VAL A 1 35  ? -13.210 8.654   7.594   1.00 16.42 ? 62  VAL A N   1 
ATOM   261 C CA  . VAL A 1 35  ? -12.910 7.331   8.166   1.00 15.90 ? 62  VAL A CA  1 
ATOM   262 C C   . VAL A 1 35  ? -14.226 6.600   8.477   1.00 16.58 ? 62  VAL A C   1 
ATOM   263 O O   . VAL A 1 35  ? -14.356 5.426   8.140   1.00 17.51 ? 62  VAL A O   1 
ATOM   264 C CB  . VAL A 1 35  ? -12.076 7.471   9.444   1.00 15.27 ? 62  VAL A CB  1 
ATOM   265 C CG1 . VAL A 1 35  ? -11.839 6.139   10.130  1.00 16.38 ? 62  VAL A CG1 1 
ATOM   266 C CG2 . VAL A 1 35  ? -10.730 8.196   9.117   1.00 16.55 ? 62  VAL A CG2 1 
ATOM   267 N N   . GLN A 1 36  ? -15.158 7.294   9.124   1.00 17.17 ? 63  GLN A N   1 
ATOM   268 C CA  . GLN A 1 36  ? -16.397 6.618   9.532   1.00 20.01 ? 63  GLN A CA  1 
ATOM   269 C C   . GLN A 1 36  ? -17.181 6.136   8.296   1.00 19.92 ? 63  GLN A C   1 
ATOM   270 O O   . GLN A 1 36  ? -17.703 5.006   8.292   1.00 21.01 ? 63  GLN A O   1 
ATOM   271 C CB  . GLN A 1 36  ? -17.271 7.489   10.442  1.00 20.77 ? 63  GLN A CB  1 
ATOM   272 C CG  . GLN A 1 36  ? -18.455 6.706   11.065  1.00 22.44 ? 63  GLN A CG  1 
ATOM   273 C CD  . GLN A 1 36  ? -18.016 5.502   11.872  1.00 25.01 ? 63  GLN A CD  1 
ATOM   274 O OE1 . GLN A 1 36  ? -17.059 5.596   12.665  1.00 27.20 ? 63  GLN A OE1 1 
ATOM   275 N NE2 . GLN A 1 36  ? -18.698 4.344   11.700  1.00 23.51 ? 63  GLN A NE2 1 
ATOM   276 N N   . SER A 1 37  ? -17.237 6.987   7.277   1.00 21.05 ? 64  SER A N   1 
ATOM   277 C CA  . SER A 1 37  ? -17.895 6.648   6.002   1.00 22.59 ? 64  SER A CA  1 
ATOM   278 C C   . SER A 1 37  ? -17.330 5.339   5.431   1.00 22.41 ? 64  SER A C   1 
ATOM   279 O O   . SER A 1 37  ? -18.080 4.435   4.995   1.00 22.59 ? 64  SER A O   1 
ATOM   280 C CB  . SER A 1 37  ? -17.658 7.763   5.003   1.00 23.64 ? 64  SER A CB  1 
ATOM   281 O OG  . SER A 1 37  ? -18.380 7.509   3.792   1.00 28.61 ? 64  SER A OG  1 
ATOM   282 N N   . LEU A 1 38  ? -15.999 5.229   5.462   1.00 20.91 ? 65  LEU A N   1 
ATOM   283 C CA  . LEU A 1 38  ? -15.328 4.014   5.018   1.00 21.49 ? 65  LEU A CA  1 
ATOM   284 C C   . LEU A 1 38  ? -15.643 2.805   5.902   1.00 21.53 ? 65  LEU A C   1 
ATOM   285 O O   . LEU A 1 38  ? -15.848 1.708   5.377   1.00 20.69 ? 65  LEU A O   1 
ATOM   286 C CB  . LEU A 1 38  ? -13.803 4.238   4.880   1.00 20.51 ? 65  LEU A CB  1 
ATOM   287 C CG  . LEU A 1 38  ? -13.423 4.967   3.573   1.00 23.08 ? 65  LEU A CG  1 
ATOM   288 C CD1 . LEU A 1 38  ? -12.053 5.598   3.577   1.00 23.75 ? 65  LEU A CD1 1 
ATOM   289 C CD2 . LEU A 1 38  ? -13.549 4.032   2.348   1.00 23.86 ? 65  LEU A CD2 1 
ATOM   290 N N   . VAL A 1 39  ? -15.739 2.988   7.233   1.00 21.44 ? 66  VAL A N   1 
ATOM   291 C CA  . VAL A 1 39  ? -16.052 1.870   8.129   1.00 22.08 ? 66  VAL A CA  1 
ATOM   292 C C   . VAL A 1 39  ? -17.447 1.291   7.724   1.00 23.25 ? 66  VAL A C   1 
ATOM   293 O O   . VAL A 1 39  ? -17.590 0.080   7.585   1.00 23.99 ? 66  VAL A O   1 
ATOM   294 C CB  . VAL A 1 39  ? -16.030 2.254   9.663   1.00 22.00 ? 66  VAL A CB  1 
ATOM   295 C CG1 . VAL A 1 39  ? -16.577 1.133   10.516  1.00 22.82 ? 66  VAL A CG1 1 
ATOM   296 C CG2 . VAL A 1 39  ? -14.609 2.596   10.143  1.00 20.51 ? 66  VAL A CG2 1 
ATOM   297 N N   . ASP A 1 40  ? -18.416 2.171   7.496   1.00 24.55 ? 67  ASP A N   1 
ATOM   298 C CA  . ASP A 1 40  ? -19.783 1.789   7.099   1.00 26.99 ? 67  ASP A CA  1 
ATOM   299 C C   . ASP A 1 40  ? -19.794 1.033   5.763   1.00 27.57 ? 67  ASP A C   1 
ATOM   300 O O   . ASP A 1 40  ? -20.449 -0.013  5.655   1.00 27.89 ? 67  ASP A O   1 
ATOM   301 C CB  . ASP A 1 40  ? -20.695 3.019   7.024   1.00 28.15 ? 67  ASP A CB  1 
ATOM   302 C CG  . ASP A 1 40  ? -20.864 3.717   8.375   1.00 30.99 ? 67  ASP A CG  1 
ATOM   303 O OD1 . ASP A 1 40  ? -20.720 3.042   9.426   1.00 32.76 ? 67  ASP A OD1 1 
ATOM   304 O OD2 . ASP A 1 40  ? -21.150 4.944   8.368   1.00 35.41 ? 67  ASP A OD2 1 
ATOM   305 N N   . THR A 1 41  ? -19.067 1.573   4.774   1.00 26.98 ? 68  THR A N   1 
ATOM   306 C CA  . THR A 1 41  ? -18.917 0.967   3.414   1.00 27.76 ? 68  THR A CA  1 
ATOM   307 C C   . THR A 1 41  ? -18.223 -0.401  3.492   1.00 27.40 ? 68  THR A C   1 
ATOM   308 O O   . THR A 1 41  ? -18.672 -1.368  2.882   1.00 27.74 ? 68  THR A O   1 
ATOM   309 C CB  . THR A 1 41  ? -18.152 1.924   2.429   1.00 27.17 ? 68  THR A CB  1 
ATOM   310 O OG1 . THR A 1 41  ? -18.892 3.143   2.259   1.00 28.08 ? 68  THR A OG1 1 
ATOM   311 C CG2 . THR A 1 41  ? -17.935 1.278   1.027   1.00 26.36 ? 68  THR A CG2 1 
ATOM   312 N N   . ILE A 1 42  ? -17.130 -0.501  4.258   1.00 26.64 ? 69  ILE A N   1 
ATOM   313 C CA  . ILE A 1 42  ? -16.494 -1.798  4.473   1.00 26.95 ? 69  ILE A CA  1 
ATOM   314 C C   . ILE A 1 42  ? -17.488 -2.837  5.064   1.00 28.84 ? 69  ILE A C   1 
ATOM   315 O O   . ILE A 1 42  ? -17.510 -3.989  4.634   1.00 28.69 ? 69  ILE A O   1 
ATOM   316 C CB  . ILE A 1 42  ? -15.192 -1.666  5.313   1.00 26.47 ? 69  ILE A CB  1 
ATOM   317 C CG1 . ILE A 1 42  ? -14.184 -0.817  4.522   1.00 23.71 ? 69  ILE A CG1 1 
ATOM   318 C CG2 . ILE A 1 42  ? -14.644 -3.031  5.689   1.00 25.40 ? 69  ILE A CG2 1 
ATOM   319 C CD1 . ILE A 1 42  ? -13.082 -0.087  5.358   1.00 27.22 ? 69  ILE A CD1 1 
ATOM   320 N N   . ARG A 1 43  ? -18.322 -2.410  6.006   1.00 29.81 ? 70  ARG A N   1 
ATOM   321 C CA  . ARG A 1 43  ? -19.337 -3.293  6.591   1.00 31.38 ? 70  ARG A CA  1 
ATOM   322 C C   . ARG A 1 43  ? -20.361 -3.798  5.567   1.00 32.30 ? 70  ARG A C   1 
ATOM   323 O O   . ARG A 1 43  ? -20.641 -5.004  5.521   1.00 33.04 ? 70  ARG A O   1 
ATOM   324 C CB  . ARG A 1 43  ? -20.064 -2.623  7.762   1.00 31.36 ? 70  ARG A CB  1 
ATOM   325 C CG  . ARG A 1 43  ? -19.279 -2.651  9.042   1.00 30.82 ? 70  ARG A CG  1 
ATOM   326 C CD  . ARG A 1 43  ? -19.911 -1.757  10.083  1.00 31.02 ? 70  ARG A CD  1 
ATOM   327 N NE  . ARG A 1 43  ? -19.337 -1.996  11.403  1.00 31.11 ? 70  ARG A NE  1 
ATOM   328 C CZ  . ARG A 1 43  ? -19.468 -1.179  12.444  1.00 31.94 ? 70  ARG A CZ  1 
ATOM   329 N NH1 . ARG A 1 43  ? -20.151 -0.038  12.343  1.00 31.73 ? 70  ARG A NH1 1 
ATOM   330 N NH2 . ARG A 1 43  ? -18.896 -1.501  13.587  1.00 32.04 ? 70  ARG A NH2 1 
ATOM   331 N N   . GLU A 1 44  ? -20.887 -2.897  4.744   1.00 33.62 ? 71  GLU A N   1 
ATOM   332 C CA  . GLU A 1 44  ? -22.035 -3.240  3.900   1.00 34.68 ? 71  GLU A CA  1 
ATOM   333 C C   . GLU A 1 44  ? -21.640 -3.680  2.506   1.00 34.75 ? 71  GLU A C   1 
ATOM   334 O O   . GLU A 1 44  ? -22.286 -4.582  1.940   1.00 34.85 ? 71  GLU A O   1 
ATOM   335 C CB  . GLU A 1 44  ? -23.026 -2.085  3.801   1.00 35.33 ? 71  GLU A CB  1 
ATOM   336 C CG  . GLU A 1 44  ? -24.518 -2.506  4.026   1.00 40.76 ? 71  GLU A CG  1 
ATOM   337 C CD  . GLU A 1 44  ? -25.030 -3.631  3.088   1.00 45.39 ? 71  GLU A CD  1 
ATOM   338 O OE1 . GLU A 1 44  ? -25.474 -3.320  1.954   1.00 48.00 ? 71  GLU A OE1 1 
ATOM   339 O OE2 . GLU A 1 44  ? -25.015 -4.827  3.491   1.00 47.39 ? 71  GLU A OE2 1 
ATOM   340 N N   . ASP A 1 45  ? -20.601 -3.052  1.945   1.00 33.90 ? 72  ASP A N   1 
ATOM   341 C CA  . ASP A 1 45  ? -20.185 -3.332  0.566   1.00 33.53 ? 72  ASP A CA  1 
ATOM   342 C C   . ASP A 1 45  ? -18.647 -3.330  0.413   1.00 32.79 ? 72  ASP A C   1 
ATOM   343 O O   . ASP A 1 45  ? -18.109 -2.462  -0.251  1.00 32.41 ? 72  ASP A O   1 
ATOM   344 C CB  . ASP A 1 45  ? -20.832 -2.309  -0.382  1.00 32.81 ? 72  ASP A CB  1 
ATOM   345 C CG  . ASP A 1 45  ? -20.669 -2.662  -1.864  1.00 34.90 ? 72  ASP A CG  1 
ATOM   346 O OD1 . ASP A 1 45  ? -20.222 -3.781  -2.197  1.00 37.00 ? 72  ASP A OD1 1 
ATOM   347 O OD2 . ASP A 1 45  ? -20.989 -1.791  -2.686  1.00 37.57 ? 72  ASP A OD2 1 
ATOM   348 N N   . PRO A 1 46  ? -17.951 -4.313  1.013   1.00 32.87 ? 73  PRO A N   1 
ATOM   349 C CA  . PRO A 1 46  ? -16.468 -4.214  1.005   1.00 32.19 ? 73  PRO A CA  1 
ATOM   350 C C   . PRO A 1 46  ? -15.844 -4.258  -0.407  1.00 32.71 ? 73  PRO A C   1 
ATOM   351 O O   . PRO A 1 46  ? -14.807 -3.614  -0.658  1.00 31.57 ? 73  PRO A O   1 
ATOM   352 C CB  . PRO A 1 46  ? -16.022 -5.417  1.840   1.00 32.38 ? 73  PRO A CB  1 
ATOM   353 C CG  . PRO A 1 46  ? -17.216 -6.387  1.781   1.00 32.78 ? 73  PRO A CG  1 
ATOM   354 C CD  . PRO A 1 46  ? -18.431 -5.528  1.700   1.00 32.87 ? 73  PRO A CD  1 
ATOM   355 N N   . ASP A 1 47  ? -16.475 -4.980  -1.341  1.00 32.13 ? 74  ASP A N   1 
ATOM   356 C CA  . ASP A 1 47  ? -15.961 -5.009  -2.712  1.00 32.53 ? 74  ASP A CA  1 
ATOM   357 C C   . ASP A 1 47  ? -15.923 -3.654  -3.422  1.00 31.11 ? 74  ASP A C   1 
ATOM   358 O O   . ASP A 1 47  ? -15.251 -3.521  -4.440  1.00 31.39 ? 74  ASP A O   1 
ATOM   359 C CB  . ASP A 1 47  ? -16.723 -6.036  -3.588  1.00 33.11 ? 74  ASP A CB  1 
ATOM   360 C CG  . ASP A 1 47  ? -16.807 -7.393  -2.955  1.00 36.58 ? 74  ASP A CG  1 
ATOM   361 O OD1 . ASP A 1 47  ? -15.793 -7.861  -2.395  1.00 41.08 ? 74  ASP A OD1 1 
ATOM   362 O OD2 . ASP A 1 47  ? -17.892 -8.008  -3.028  1.00 42.65 ? 74  ASP A OD2 1 
ATOM   363 N N   . SER A 1 48  ? -16.639 -2.651  -2.922  1.00 29.73 ? 75  SER A N   1 
ATOM   364 C CA  . SER A 1 48  ? -16.587 -1.324  -3.530  1.00 29.67 ? 75  SER A CA  1 
ATOM   365 C C   . SER A 1 48  ? -15.381 -0.511  -3.018  1.00 28.16 ? 75  SER A C   1 
ATOM   366 O O   . SER A 1 48  ? -15.134 0.569   -3.505  1.00 29.53 ? 75  SER A O   1 
ATOM   367 C CB  . SER A 1 48  ? -17.887 -0.545  -3.235  1.00 29.85 ? 75  SER A CB  1 
ATOM   368 O OG  . SER A 1 48  ? -18.022 -0.336  -1.818  1.00 32.89 ? 75  SER A OG  1 
ATOM   369 N N   . VAL A 1 49  ? -14.684 -1.006  -1.995  1.00 27.13 ? 76  VAL A N   1 
ATOM   370 C CA  . VAL A 1 49  ? -13.549 -0.248  -1.433  1.00 25.61 ? 76  VAL A CA  1 
ATOM   371 C C   . VAL A 1 49  ? -12.250 -0.687  -2.106  1.00 24.48 ? 76  VAL A C   1 
ATOM   372 O O   . VAL A 1 49  ? -11.874 -1.842  -1.986  1.00 25.17 ? 76  VAL A O   1 
ATOM   373 C CB  . VAL A 1 49  ? -13.450 -0.425  0.091   1.00 24.79 ? 76  VAL A CB  1 
ATOM   374 C CG1 . VAL A 1 49  ? -12.291 0.413   0.661   1.00 24.77 ? 76  VAL A CG1 1 
ATOM   375 C CG2 . VAL A 1 49  ? -14.750 0.017   0.760   1.00 25.00 ? 76  VAL A CG2 1 
ATOM   376 N N   . PRO A 1 50  ? -11.577 0.227   -2.828  1.00 23.99 ? 77  PRO A N   1 
ATOM   377 C CA  . PRO A 1 50  ? -10.417 -0.240  -3.581  1.00 22.33 ? 77  PRO A CA  1 
ATOM   378 C C   . PRO A 1 50  ? -9.226  -0.609  -2.719  1.00 21.64 ? 77  PRO A C   1 
ATOM   379 O O   . PRO A 1 50  ? -9.044  -0.046  -1.620  1.00 19.21 ? 77  PRO A O   1 
ATOM   380 C CB  . PRO A 1 50  ? -10.053 0.941   -4.480  1.00 23.52 ? 77  PRO A CB  1 
ATOM   381 C CG  . PRO A 1 50  ? -11.218 1.897   -4.401  1.00 24.65 ? 77  PRO A CG  1 
ATOM   382 C CD  . PRO A 1 50  ? -11.830 1.666   -3.038  1.00 23.58 ? 77  PRO A CD  1 
ATOM   383 N N   . PRO A 1 51  ? -8.392  -1.516  -3.225  1.00 20.87 ? 78  PRO A N   1 
ATOM   384 C CA  . PRO A 1 51  ? -7.163  -1.866  -2.491  1.00 19.12 ? 78  PRO A CA  1 
ATOM   385 C C   . PRO A 1 51  ? -6.247  -0.664  -2.318  1.00 17.98 ? 78  PRO A C   1 
ATOM   386 O O   . PRO A 1 51  ? -6.186  0.195   -3.193  1.00 17.30 ? 78  PRO A O   1 
ATOM   387 C CB  . PRO A 1 51  ? -6.471  -2.920  -3.376  1.00 19.08 ? 78  PRO A CB  1 
ATOM   388 C CG  . PRO A 1 51  ? -7.228  -2.947  -4.662  1.00 23.65 ? 78  PRO A CG  1 
ATOM   389 C CD  . PRO A 1 51  ? -8.533  -2.239  -4.510  1.00 21.30 ? 78  PRO A CD  1 
ATOM   390 N N   . ILE A 1 52  ? -5.565  -0.597  -1.179  1.00 16.67 ? 79  ILE A N   1 
ATOM   391 C CA  . ILE A 1 52  ? -4.616  0.497   -0.985  1.00 15.86 ? 79  ILE A CA  1 
ATOM   392 C C   . ILE A 1 52  ? -3.322  0.201   -1.759  1.00 15.37 ? 79  ILE A C   1 
ATOM   393 O O   . ILE A 1 52  ? -2.911  -0.984  -1.904  1.00 18.35 ? 79  ILE A O   1 
ATOM   394 C CB  . ILE A 1 52  ? -4.307  0.736   0.541   1.00 13.47 ? 79  ILE A CB  1 
ATOM   395 C CG1 . ILE A 1 52  ? -3.697  -0.529  1.182   1.00 16.50 ? 79  ILE A CG1 1 
ATOM   396 C CG2 . ILE A 1 52  ? -5.604  1.214   1.323   1.00 15.07 ? 79  ILE A CG2 1 
ATOM   397 C CD1 . ILE A 1 52  ? -3.088  -0.262  2.553   1.00 17.74 ? 79  ILE A CD1 1 
ATOM   398 N N   . ASP A 1 53  ? -2.660  1.258   -2.231  1.00 15.14 ? 80  ASP A N   1 
ATOM   399 C CA  . ASP A 1 53  ? -1.402  1.053   -2.979  1.00 16.10 ? 80  ASP A CA  1 
ATOM   400 C C   . ASP A 1 53  ? -0.230  0.920   -2.003  1.00 16.67 ? 80  ASP A C   1 
ATOM   401 O O   . ASP A 1 53  ? -0.008  1.802   -1.146  1.00 16.54 ? 80  ASP A O   1 
ATOM   402 C CB  . ASP A 1 53  ? -1.103  2.212   -3.934  1.00 17.04 ? 80  ASP A CB  1 
ATOM   403 C CG  . ASP A 1 53  ? -2.140  2.331   -5.031  1.00 21.58 ? 80  ASP A CG  1 
ATOM   404 O OD1 . ASP A 1 53  ? -2.651  1.293   -5.461  1.00 22.18 ? 80  ASP A OD1 1 
ATOM   405 O OD2 . ASP A 1 53  ? -2.423  3.465   -5.465  1.00 29.25 ? 80  ASP A OD2 1 
ATOM   406 N N   . VAL A 1 54  ? 0.542   -0.136  -2.188  1.00 14.85 ? 81  VAL A N   1 
ATOM   407 C CA  . VAL A 1 54  ? 1.691   -0.424  -1.315  1.00 15.12 ? 81  VAL A CA  1 
ATOM   408 C C   . VAL A 1 54  ? 2.955   -0.688  -2.158  1.00 16.10 ? 81  VAL A C   1 
ATOM   409 O O   . VAL A 1 54  ? 2.877   -1.415  -3.188  1.00 15.23 ? 81  VAL A O   1 
ATOM   410 C CB  . VAL A 1 54  ? 1.355   -1.666  -0.456  1.00 15.24 ? 81  VAL A CB  1 
ATOM   411 C CG1 . VAL A 1 54  ? 2.578   -2.222  0.280   1.00 15.51 ? 81  VAL A CG1 1 
ATOM   412 C CG2 . VAL A 1 54  ? 0.134   -1.374  0.530   1.00 14.14 ? 81  VAL A CG2 1 
ATOM   413 N N   . LEU A 1 55  ? 4.090   -0.072  -1.759  1.00 14.53 ? 82  LEU A N   1 
ATOM   414 C CA  . LEU A 1 55  ? 5.345   -0.309  -2.412  1.00 14.95 ? 82  LEU A CA  1 
ATOM   415 C C   . LEU A 1 55  ? 5.929   -1.600  -1.880  1.00 15.50 ? 82  LEU A C   1 
ATOM   416 O O   . LEU A 1 55  ? 6.192   -1.705  -0.691  1.00 15.96 ? 82  LEU A O   1 
ATOM   417 C CB  . LEU A 1 55  ? 6.359   0.847   -2.149  1.00 15.24 ? 82  LEU A CB  1 
ATOM   418 C CG  . LEU A 1 55  ? 6.057   2.222   -2.763  1.00 16.27 ? 82  LEU A CG  1 
ATOM   419 C CD1 . LEU A 1 55  ? 4.890   2.961   -2.104  1.00 19.08 ? 82  LEU A CD1 1 
ATOM   420 C CD2 . LEU A 1 55  ? 7.312   3.138   -2.706  1.00 18.67 ? 82  LEU A CD2 1 
ATOM   421 N N   . TRP A 1 56  ? 6.128   -2.572  -2.758  1.00 15.13 ? 83  TRP A N   1 
ATOM   422 C CA  . TRP A 1 56  ? 6.782   -3.798  -2.383  1.00 15.53 ? 83  TRP A CA  1 
ATOM   423 C C   . TRP A 1 56  ? 8.250   -3.704  -2.822  1.00 16.19 ? 83  TRP A C   1 
ATOM   424 O O   . TRP A 1 56  ? 8.545   -3.748  -4.021  1.00 16.31 ? 83  TRP A O   1 
ATOM   425 C CB  . TRP A 1 56  ? 6.080   -4.974  -3.092  1.00 16.76 ? 83  TRP A CB  1 
ATOM   426 C CG  . TRP A 1 56  ? 6.751   -6.281  -2.886  1.00 18.63 ? 83  TRP A CG  1 
ATOM   427 C CD1 . TRP A 1 56  ? 7.765   -6.579  -2.002  1.00 19.83 ? 83  TRP A CD1 1 
ATOM   428 C CD2 . TRP A 1 56  ? 6.406   -7.502  -3.529  1.00 21.15 ? 83  TRP A CD2 1 
ATOM   429 N NE1 . TRP A 1 56  ? 8.069   -7.932  -2.063  1.00 22.21 ? 83  TRP A NE1 1 
ATOM   430 C CE2 . TRP A 1 56  ? 7.259   -8.515  -2.997  1.00 21.14 ? 83  TRP A CE2 1 
ATOM   431 C CE3 . TRP A 1 56  ? 5.438   -7.838  -4.481  1.00 21.15 ? 83  TRP A CE3 1 
ATOM   432 C CZ2 . TRP A 1 56  ? 7.193   -9.855  -3.413  1.00 21.21 ? 83  TRP A CZ2 1 
ATOM   433 C CZ3 . TRP A 1 56  ? 5.372   -9.197  -4.912  1.00 19.97 ? 83  TRP A CZ3 1 
ATOM   434 C CH2 . TRP A 1 56  ? 6.247   -10.165 -4.365  1.00 19.51 ? 83  TRP A CH2 1 
ATOM   435 N N   . ILE A 1 57  ? 9.145   -3.555  -1.857  1.00 14.96 ? 84  ILE A N   1 
ATOM   436 C CA  . ILE A 1 57  ? 10.583  -3.361  -2.133  1.00 16.97 ? 84  ILE A CA  1 
ATOM   437 C C   . ILE A 1 57  ? 11.316  -4.631  -1.693  1.00 18.57 ? 84  ILE A C   1 
ATOM   438 O O   . ILE A 1 57  ? 11.018  -5.202  -0.642  1.00 17.28 ? 84  ILE A O   1 
ATOM   439 C CB  . ILE A 1 57  ? 11.093  -2.166  -1.399  1.00 17.00 ? 84  ILE A CB  1 
ATOM   440 C CG1 . ILE A 1 57  ? 10.279  -0.925  -1.872  1.00 19.48 ? 84  ILE A CG1 1 
ATOM   441 C CG2 . ILE A 1 57  ? 12.623  -1.961  -1.633  1.00 16.84 ? 84  ILE A CG2 1 
ATOM   442 C CD1 . ILE A 1 57  ? 10.430  0.239   -1.066  1.00 23.52 ? 84  ILE A CD1 1 
ATOM   443 N N   . LYS A 1 58  ? 12.244  -5.084  -2.536  1.00 19.22 ? 85  LYS A N   1 
ATOM   444 C CA  . LYS A 1 58  ? 13.142  -6.192  -2.166  1.00 21.31 ? 85  LYS A CA  1 
ATOM   445 C C   . LYS A 1 58  ? 14.485  -5.571  -1.798  1.00 22.15 ? 85  LYS A C   1 
ATOM   446 O O   . LYS A 1 58  ? 15.036  -4.763  -2.578  1.00 23.71 ? 85  LYS A O   1 
ATOM   447 C CB  . LYS A 1 58  ? 13.285  -7.150  -3.375  1.00 21.77 ? 85  LYS A CB  1 
ATOM   448 C CG  . LYS A 1 58  ? 13.059  -8.577  -3.058  1.00 26.35 ? 85  LYS A CG  1 
ATOM   449 C CD  . LYS A 1 58  ? 11.645  -8.884  -3.262  1.00 28.34 ? 85  LYS A CD  1 
ATOM   450 C CE  . LYS A 1 58  ? 11.506  -10.246 -3.863  1.00 28.93 ? 85  LYS A CE  1 
ATOM   451 N NZ  . LYS A 1 58  ? 11.062  -11.283 -2.848  1.00 26.05 ? 85  LYS A NZ  1 
ATOM   452 N N   . GLY A 1 59  ? 15.016  -5.882  -0.599  1.00 21.31 ? 86  GLY A N   1 
ATOM   453 C CA  . GLY A 1 59  ? 16.298  -5.333  -0.128  1.00 21.36 ? 86  GLY A CA  1 
ATOM   454 C C   . GLY A 1 59  ? 17.530  -6.021  -0.767  1.00 21.59 ? 86  GLY A C   1 
ATOM   455 O O   . GLY A 1 59  ? 17.372  -6.972  -1.531  1.00 21.81 ? 86  GLY A O   1 
ATOM   456 N N   . ALA A 1 60  ? 18.723  -5.556  -0.413  1.00 23.59 ? 87  ALA A N   1 
ATOM   457 C CA  . ALA A 1 60  ? 19.998  -6.051  -1.020  1.00 24.26 ? 87  ALA A CA  1 
ATOM   458 C C   . ALA A 1 60  ? 20.221  -7.565  -0.913  1.00 26.31 ? 87  ALA A C   1 
ATOM   459 O O   . ALA A 1 60  ? 20.919  -8.163  -1.768  1.00 25.92 ? 87  ALA A O   1 
ATOM   460 C CB  . ALA A 1 60  ? 21.164  -5.318  -0.470  1.00 25.10 ? 87  ALA A CB  1 
ATOM   461 N N   . GLN A 1 61  ? 19.644  -8.180  0.125   1.00 25.26 ? 88  GLN A N   1 
ATOM   462 C CA  . GLN A 1 61  ? 19.724  -9.626  0.368   1.00 24.75 ? 88  GLN A CA  1 
ATOM   463 C C   . GLN A 1 61  ? 18.375  -10.335 0.172   1.00 24.65 ? 88  GLN A C   1 
ATOM   464 O O   . GLN A 1 61  ? 18.166  -11.464 0.656   1.00 26.22 ? 88  GLN A O   1 
ATOM   465 C CB  . GLN A 1 61  ? 20.309  -9.881  1.777   1.00 23.96 ? 88  GLN A CB  1 
ATOM   466 C CG  . GLN A 1 61  ? 21.651  -9.231  2.056   1.00 25.64 ? 88  GLN A CG  1 
ATOM   467 C CD  . GLN A 1 61  ? 22.234  -9.607  3.413   1.00 25.84 ? 88  GLN A CD  1 
ATOM   468 O OE1 . GLN A 1 61  ? 22.381  -10.803 3.729   1.00 33.83 ? 88  GLN A OE1 1 
ATOM   469 N NE2 . GLN A 1 61  ? 22.572  -8.612  4.221   1.00 26.34 ? 88  GLN A NE2 1 
ATOM   470 N N   . GLY A 1 62  ? 17.435  -9.683  -0.527  1.00 23.05 ? 89  GLY A N   1 
ATOM   471 C CA  . GLY A 1 62  ? 16.197  -10.335 -0.848  1.00 23.09 ? 89  GLY A CA  1 
ATOM   472 C C   . GLY A 1 62  ? 15.099  -10.159 0.173   1.00 22.44 ? 89  GLY A C   1 
ATOM   473 O O   . GLY A 1 62  ? 14.023  -10.717 0.005   1.00 24.19 ? 89  GLY A O   1 
ATOM   474 N N   . GLY A 1 63  ? 15.352  -9.385  1.226   1.00 21.70 ? 90  GLY A N   1 
ATOM   475 C CA  . GLY A 1 63  ? 14.283  -9.200  2.208   1.00 20.56 ? 90  GLY A CA  1 
ATOM   476 C C   . GLY A 1 63  ? 13.122  -8.475  1.550   1.00 20.30 ? 90  GLY A C   1 
ATOM   477 O O   . GLY A 1 63  ? 13.337  -7.585  0.729   1.00 18.21 ? 90  GLY A O   1 
ATOM   478 N N   . ASP A 1 64  ? 11.904  -8.845  1.925   1.00 20.11 ? 91  ASP A N   1 
ATOM   479 C CA  . ASP A 1 64  ? 10.685  -8.129  1.506   1.00 19.73 ? 91  ASP A CA  1 
ATOM   480 C C   . ASP A 1 64  ? 10.244  -7.036  2.479   1.00 18.77 ? 91  ASP A C   1 
ATOM   481 O O   . ASP A 1 64  ? 10.176  -7.272  3.710   1.00 19.52 ? 91  ASP A O   1 
ATOM   482 C CB  . ASP A 1 64  ? 9.552   -9.150  1.421   1.00 21.11 ? 91  ASP A CB  1 
ATOM   483 C CG  . ASP A 1 64  ? 9.811   -10.169 0.365   1.00 23.39 ? 91  ASP A CG  1 
ATOM   484 O OD1 . ASP A 1 64  ? 10.021  -11.355 0.745   1.00 25.86 ? 91  ASP A OD1 1 
ATOM   485 O OD2 . ASP A 1 64  ? 9.869   -9.769  -0.821  1.00 21.18 ? 91  ASP A OD2 1 
ATOM   486 N N   . TYR A 1 65  ? 9.927   -5.862  1.933   1.00 16.35 ? 92  TYR A N   1 
ATOM   487 C CA  . TYR A 1 65  ? 9.460   -4.710  2.706   1.00 15.48 ? 92  TYR A CA  1 
ATOM   488 C C   . TYR A 1 65  ? 8.239   -4.111  2.022   1.00 16.70 ? 92  TYR A C   1 
ATOM   489 O O   . TYR A 1 65  ? 8.217   -3.945  0.784   1.00 17.64 ? 92  TYR A O   1 
ATOM   490 C CB  . TYR A 1 65  ? 10.561  -3.651  2.868   1.00 15.11 ? 92  TYR A CB  1 
ATOM   491 C CG  . TYR A 1 65  ? 11.752  -4.238  3.559   1.00 15.85 ? 92  TYR A CG  1 
ATOM   492 C CD1 . TYR A 1 65  ? 12.753  -4.912  2.830   1.00 15.23 ? 92  TYR A CD1 1 
ATOM   493 C CD2 . TYR A 1 65  ? 11.855  -4.186  4.957   1.00 16.77 ? 92  TYR A CD2 1 
ATOM   494 C CE1 . TYR A 1 65  ? 13.832  -5.500  3.482   1.00 16.38 ? 92  TYR A CE1 1 
ATOM   495 C CE2 . TYR A 1 65  ? 12.954  -4.745  5.616   1.00 16.33 ? 92  TYR A CE2 1 
ATOM   496 C CZ  . TYR A 1 65  ? 13.925  -5.430  4.856   1.00 16.79 ? 92  TYR A CZ  1 
ATOM   497 O OH  . TYR A 1 65  ? 14.977  -6.023  5.490   1.00 15.88 ? 92  TYR A OH  1 
ATOM   498 N N   . PHE A 1 66  ? 7.222   -3.808  2.812   1.00 15.02 ? 93  PHE A N   1 
ATOM   499 C CA  . PHE A 1 66  ? 5.970   -3.315  2.269   1.00 14.79 ? 93  PHE A CA  1 
ATOM   500 C C   . PHE A 1 66  ? 5.684   -1.971  2.892   1.00 14.82 ? 93  PHE A C   1 
ATOM   501 O O   . PHE A 1 66  ? 5.355   -1.878  4.086   1.00 15.13 ? 93  PHE A O   1 
ATOM   502 C CB  . PHE A 1 66  ? 4.814   -4.289  2.530   1.00 15.34 ? 93  PHE A CB  1 
ATOM   503 C CG  . PHE A 1 66  ? 5.090   -5.666  2.006   1.00 16.14 ? 93  PHE A CG  1 
ATOM   504 C CD1 . PHE A 1 66  ? 4.950   -5.927  0.646   1.00 19.96 ? 93  PHE A CD1 1 
ATOM   505 C CD2 . PHE A 1 66  ? 5.554   -6.668  2.848   1.00 18.70 ? 93  PHE A CD2 1 
ATOM   506 C CE1 . PHE A 1 66  ? 5.246   -7.200  0.123   1.00 19.44 ? 93  PHE A CE1 1 
ATOM   507 C CE2 . PHE A 1 66  ? 5.836   -7.946  2.333   1.00 20.75 ? 93  PHE A CE2 1 
ATOM   508 C CZ  . PHE A 1 66  ? 5.659   -8.202  0.967   1.00 19.34 ? 93  PHE A CZ  1 
ATOM   509 N N   . TYR A 1 67  ? 5.893   -0.932  2.086   1.00 14.12 ? 94  TYR A N   1 
ATOM   510 C CA  . TYR A 1 67  ? 5.694   0.462   2.551   1.00 14.05 ? 94  TYR A CA  1 
ATOM   511 C C   . TYR A 1 67  ? 4.324   1.003   2.123   1.00 15.47 ? 94  TYR A C   1 
ATOM   512 O O   . TYR A 1 67  ? 3.881   0.816   0.985   1.00 16.13 ? 94  TYR A O   1 
ATOM   513 C CB  . TYR A 1 67  ? 6.780   1.348   1.976   1.00 14.66 ? 94  TYR A CB  1 
ATOM   514 C CG  . TYR A 1 67  ? 8.065   1.276   2.768   1.00 12.81 ? 94  TYR A CG  1 
ATOM   515 C CD1 . TYR A 1 67  ? 8.329   2.229   3.780   1.00 13.77 ? 94  TYR A CD1 1 
ATOM   516 C CD2 . TYR A 1 67  ? 9.023   0.253   2.521   1.00 12.96 ? 94  TYR A CD2 1 
ATOM   517 C CE1 . TYR A 1 67  ? 9.525   2.169   4.553   1.00 11.26 ? 94  TYR A CE1 1 
ATOM   518 C CE2 . TYR A 1 67  ? 10.227  0.178   3.282   1.00 12.37 ? 94  TYR A CE2 1 
ATOM   519 C CZ  . TYR A 1 67  ? 10.461  1.138   4.280   1.00 14.47 ? 94  TYR A CZ  1 
ATOM   520 O OH  . TYR A 1 67  ? 11.610  1.081   5.018   1.00 18.29 ? 94  TYR A OH  1 
ATOM   521 N N   . SER A 1 68  ? 3.685   1.713   3.040   1.00 14.32 ? 95  SER A N   1 
ATOM   522 C CA  . SER A 1 68  ? 2.388   2.267   2.795   1.00 14.36 ? 95  SER A CA  1 
ATOM   523 C C   . SER A 1 68  ? 2.375   3.774   3.130   1.00 15.86 ? 95  SER A C   1 
ATOM   524 O O   . SER A 1 68  ? 2.577   4.144   4.286   1.00 15.31 ? 95  SER A O   1 
ATOM   525 C CB  . SER A 1 68  ? 1.368   1.435   3.598   1.00 15.27 ? 95  SER A CB  1 
ATOM   526 O OG  . SER A 1 68  ? 0.130   2.090   3.638   1.00 17.08 ? 95  SER A OG  1 
ATOM   527 N N   . PHE A 1 69  ? 2.147   4.602   2.082   1.00 15.23 ? 96  PHE A N   1 
ATOM   528 C CA  . PHE A 1 69  ? 2.096   6.056   2.189   1.00 16.58 ? 96  PHE A CA  1 
ATOM   529 C C   . PHE A 1 69  ? 0.687   6.616   1.976   1.00 17.94 ? 96  PHE A C   1 
ATOM   530 O O   . PHE A 1 69  ? 0.223   7.528   2.696   1.00 22.64 ? 96  PHE A O   1 
ATOM   531 C CB  . PHE A 1 69  ? 3.092   6.652   1.225   1.00 16.50 ? 96  PHE A CB  1 
ATOM   532 C CG  . PHE A 1 69  ? 4.512   6.297   1.562   1.00 12.46 ? 96  PHE A CG  1 
ATOM   533 C CD1 . PHE A 1 69  ? 5.156   6.913   2.669   1.00 16.11 ? 96  PHE A CD1 1 
ATOM   534 C CD2 . PHE A 1 69  ? 5.214   5.321   0.812   1.00 13.55 ? 96  PHE A CD2 1 
ATOM   535 C CE1 . PHE A 1 69  ? 6.465   6.572   2.989   1.00 17.03 ? 96  PHE A CE1 1 
ATOM   536 C CE2 . PHE A 1 69  ? 6.522   5.002   1.119   1.00 13.26 ? 96  PHE A CE2 1 
ATOM   537 C CZ  . PHE A 1 69  ? 7.151   5.647   2.216   1.00 16.06 ? 96  PHE A CZ  1 
ATOM   538 N N   . GLY A 1 70  ? -0.062  6.057   1.058   1.00 18.01 ? 97  GLY A N   1 
ATOM   539 C CA  . GLY A 1 70  ? -1.395  6.662   0.967   1.00 18.74 ? 97  GLY A CA  1 
ATOM   540 C C   . GLY A 1 70  ? -2.346  5.692   1.623   1.00 18.80 ? 97  GLY A C   1 
ATOM   541 O O   . GLY A 1 70  ? -1.919  4.842   2.461   1.00 20.06 ? 97  GLY A O   1 
ATOM   542 N N   . GLY A 1 71  ? -3.608  5.768   1.215   1.00 16.91 ? 98  GLY A N   1 
ATOM   543 C CA  . GLY A 1 71  ? -4.606  4.825   1.704   1.00 17.30 ? 98  GLY A CA  1 
ATOM   544 C C   . GLY A 1 71  ? -4.890  5.047   3.174   1.00 16.18 ? 98  GLY A C   1 
ATOM   545 O O   . GLY A 1 71  ? -5.317  4.127   3.864   1.00 16.29 ? 98  GLY A O   1 
ATOM   546 N N   . CYS A 1 72  ? -4.684  6.278   3.672   1.00 15.69 ? 99  CYS A N   1 
ATOM   547 C CA  . CYS A 1 72  ? -4.736  6.482   5.128   1.00 16.06 ? 99  CYS A CA  1 
ATOM   548 C C   . CYS A 1 72  ? -6.124  6.291   5.741   1.00 15.84 ? 99  CYS A C   1 
ATOM   549 O O   . CYS A 1 72  ? -6.248  5.734   6.855   1.00 15.17 ? 99  CYS A O   1 
ATOM   550 C CB  . CYS A 1 72  ? -4.221  7.890   5.500   1.00 16.32 ? 99  CYS A CB  1 
ATOM   551 S SG  . CYS A 1 72  ? -2.520  8.124   5.002   1.00 19.73 ? 99  CYS A SG  1 
ATOM   552 N N   . HIS A 1 73  ? -7.160  6.758   5.039   1.00 14.44 ? 100 HIS A N   1 
ATOM   553 C CA  . HIS A 1 73  ? -8.544  6.633   5.570   1.00 15.00 ? 100 HIS A CA  1 
ATOM   554 C C   . HIS A 1 73  ? -8.990  5.164   5.554   1.00 14.78 ? 100 HIS A C   1 
ATOM   555 O O   . HIS A 1 73  ? -9.481  4.652   6.565   1.00 15.30 ? 100 HIS A O   1 
ATOM   556 C CB  . HIS A 1 73  ? -9.555  7.516   4.825   1.00 14.00 ? 100 HIS A CB  1 
ATOM   557 C CG  . HIS A 1 73  ? -9.315  8.992   5.006   1.00 16.16 ? 100 HIS A CG  1 
ATOM   558 N ND1 . HIS A 1 73  ? -8.416  9.682   4.223   1.00 15.45 ? 100 HIS A ND1 1 
ATOM   559 C CD2 . HIS A 1 73  ? -9.840  9.898   5.874   1.00 15.94 ? 100 HIS A CD2 1 
ATOM   560 C CE1 . HIS A 1 73  ? -8.431  10.966  4.573   1.00 14.89 ? 100 HIS A CE1 1 
ATOM   561 N NE2 . HIS A 1 73  ? -9.279  11.117  5.580   1.00 15.41 ? 100 HIS A NE2 1 
ATOM   562 N N   . ARG A 1 74  ? -8.730  4.471   4.436   1.00 14.39 ? 101 ARG A N   1 
ATOM   563 C CA  . ARG A 1 74  ? -8.952  3.041   4.416   1.00 14.78 ? 101 ARG A CA  1 
ATOM   564 C C   . ARG A 1 74  ? -8.143  2.284   5.464   1.00 15.30 ? 101 ARG A C   1 
ATOM   565 O O   . ARG A 1 74  ? -8.681  1.425   6.153   1.00 15.27 ? 101 ARG A O   1 
ATOM   566 C CB  . ARG A 1 74  ? -8.664  2.482   3.023   1.00 15.18 ? 101 ARG A CB  1 
ATOM   567 C CG  . ARG A 1 74  ? -9.744  2.900   2.000   1.00 15.94 ? 101 ARG A CG  1 
ATOM   568 C CD  . ARG A 1 74  ? -9.216  2.627   0.609   1.00 16.29 ? 101 ARG A CD  1 
ATOM   569 N NE  . ARG A 1 74  ? -8.260  3.647   0.175   1.00 17.87 ? 101 ARG A NE  1 
ATOM   570 C CZ  . ARG A 1 74  ? -7.537  3.599   -0.946  1.00 17.52 ? 101 ARG A CZ  1 
ATOM   571 N NH1 . ARG A 1 74  ? -7.662  2.560   -1.778  1.00 16.24 ? 101 ARG A NH1 1 
ATOM   572 N NH2 . ARG A 1 74  ? -6.720  4.616   -1.252  1.00 17.09 ? 101 ARG A NH2 1 
ATOM   573 N N   . TYR A 1 75  ? -6.867  2.611   5.644   1.00 15.11 ? 102 TYR A N   1 
ATOM   574 C CA  . TYR A 1 75  ? -6.108  1.904   6.677   1.00 15.31 ? 102 TYR A CA  1 
ATOM   575 C C   . TYR A 1 75  ? -6.757  2.145   8.063   1.00 15.87 ? 102 TYR A C   1 
ATOM   576 O O   . TYR A 1 75  ? -6.937  1.230   8.841   1.00 15.93 ? 102 TYR A O   1 
ATOM   577 C CB  . TYR A 1 75  ? -4.675  2.380   6.644   1.00 17.51 ? 102 TYR A CB  1 
ATOM   578 C CG  . TYR A 1 75  ? -3.781  1.674   7.628   1.00 18.59 ? 102 TYR A CG  1 
ATOM   579 C CD1 . TYR A 1 75  ? -3.040  0.534   7.259   1.00 21.79 ? 102 TYR A CD1 1 
ATOM   580 C CD2 . TYR A 1 75  ? -3.628  2.183   8.925   1.00 23.32 ? 102 TYR A CD2 1 
ATOM   581 C CE1 . TYR A 1 75  ? -2.201  -0.108  8.182   1.00 22.78 ? 102 TYR A CE1 1 
ATOM   582 C CE2 . TYR A 1 75  ? -2.790  1.548   9.849   1.00 25.00 ? 102 TYR A CE2 1 
ATOM   583 C CZ  . TYR A 1 75  ? -2.065  0.416   9.457   1.00 24.28 ? 102 TYR A CZ  1 
ATOM   584 O OH  . TYR A 1 75  ? -1.254  -0.170  10.400  1.00 25.93 ? 102 TYR A OH  1 
ATOM   585 N N   . ALA A 1 76  ? -7.102  3.402   8.344   1.00 15.57 ? 103 ALA A N   1 
ATOM   586 C CA  . ALA A 1 76  ? -7.703  3.749   9.642   1.00 16.40 ? 103 ALA A CA  1 
ATOM   587 C C   . ALA A 1 76  ? -9.016  2.994   9.862   1.00 17.09 ? 103 ALA A C   1 
ATOM   588 O O   . ALA A 1 76  ? -9.281  2.512   10.982  1.00 17.21 ? 103 ALA A O   1 
ATOM   589 C CB  . ALA A 1 76  ? -7.929  5.251   9.736   1.00 15.86 ? 103 ALA A CB  1 
ATOM   590 N N   . ALA A 1 77  ? -9.813  2.878   8.797   1.00 16.83 ? 104 ALA A N   1 
ATOM   591 C CA  . ALA A 1 77  ? -11.125 2.190   8.859   1.00 18.15 ? 104 ALA A CA  1 
ATOM   592 C C   . ALA A 1 77  ? -10.921 0.692   9.173   1.00 19.42 ? 104 ALA A C   1 
ATOM   593 O O   . ALA A 1 77  ? -11.607 0.125   10.037  1.00 19.20 ? 104 ALA A O   1 
ATOM   594 C CB  . ALA A 1 77  ? -11.930 2.398   7.551   1.00 17.45 ? 104 ALA A CB  1 
ATOM   595 N N   . TYR A 1 78  ? -9.970  0.046   8.477   1.00 19.13 ? 105 TYR A N   1 
ATOM   596 C CA  . TYR A 1 78  ? -9.691  -1.363  8.765   1.00 19.35 ? 105 TYR A CA  1 
ATOM   597 C C   . TYR A 1 78  ? -9.153  -1.581  10.186  1.00 19.35 ? 105 TYR A C   1 
ATOM   598 O O   . TYR A 1 78  ? -9.550  -2.518  10.879  1.00 19.27 ? 105 TYR A O   1 
ATOM   599 C CB  . TYR A 1 78  ? -8.758  -1.955  7.692   1.00 20.17 ? 105 TYR A CB  1 
ATOM   600 C CG  . TYR A 1 78  ? -9.502  -2.410  6.435   1.00 20.61 ? 105 TYR A CG  1 
ATOM   601 C CD1 . TYR A 1 78  ? -9.783  -1.539  5.407   1.00 19.40 ? 105 TYR A CD1 1 
ATOM   602 C CD2 . TYR A 1 78  ? -9.894  -3.763  6.292   1.00 23.81 ? 105 TYR A CD2 1 
ATOM   603 C CE1 . TYR A 1 78  ? -10.473 -1.960  4.245   1.00 20.14 ? 105 TYR A CE1 1 
ATOM   604 C CE2 . TYR A 1 78  ? -10.572 -4.207  5.144   1.00 22.68 ? 105 TYR A CE2 1 
ATOM   605 C CZ  . TYR A 1 78  ? -10.868 -3.320  4.139   1.00 21.58 ? 105 TYR A CZ  1 
ATOM   606 O OH  . TYR A 1 78  ? -11.563 -3.760  3.010   1.00 22.62 ? 105 TYR A OH  1 
ATOM   607 N N   . GLN A 1 79  ? -8.317  -0.655  10.663  1.00 18.69 ? 106 GLN A N   1 
ATOM   608 C CA  . GLN A 1 79  ? -7.875  -0.673  12.044  1.00 20.54 ? 106 GLN A CA  1 
ATOM   609 C C   . GLN A 1 79  ? -9.070  -0.565  13.015  1.00 19.49 ? 106 GLN A C   1 
ATOM   610 O O   . GLN A 1 79  ? -9.166  -1.328  13.993  1.00 19.32 ? 106 GLN A O   1 
ATOM   611 C CB  . GLN A 1 79  ? -6.936  0.513   12.279  1.00 19.98 ? 106 GLN A CB  1 
ATOM   612 C CG  . GLN A 1 79  ? -5.481  0.310   11.976  1.00 24.27 ? 106 GLN A CG  1 
ATOM   613 C CD  . GLN A 1 79  ? -4.592  1.407   12.630  1.00 27.51 ? 106 GLN A CD  1 
ATOM   614 O OE1 . GLN A 1 79  ? -3.436  1.146   12.990  1.00 35.66 ? 106 GLN A OE1 1 
ATOM   615 N NE2 . GLN A 1 79  ? -5.130  2.631   12.765  1.00 29.08 ? 106 GLN A NE2 1 
ATOM   616 N N   . GLN A 1 80  ? -9.986  0.381   12.765  1.00 18.88 ? 107 GLN A N   1 
ATOM   617 C CA  . GLN A 1 80  ? -11.164 0.554   13.654  1.00 19.99 ? 107 GLN A CA  1 
ATOM   618 C C   . GLN A 1 80  ? -12.080 -0.690  13.661  1.00 20.93 ? 107 GLN A C   1 
ATOM   619 O O   . GLN A 1 80  ? -12.773 -0.975  14.646  1.00 22.10 ? 107 GLN A O   1 
ATOM   620 C CB  . GLN A 1 80  ? -11.964 1.799   13.276  1.00 19.54 ? 107 GLN A CB  1 
ATOM   621 C CG  . GLN A 1 80  ? -11.201 3.084   13.692  1.00 16.88 ? 107 GLN A CG  1 
ATOM   622 C CD  . GLN A 1 80  ? -12.041 4.327   13.582  1.00 20.22 ? 107 GLN A CD  1 
ATOM   623 O OE1 . GLN A 1 80  ? -13.295 4.272   13.523  1.00 22.03 ? 107 GLN A OE1 1 
ATOM   624 N NE2 . GLN A 1 80  ? -11.373 5.473   13.587  1.00 17.89 ? 107 GLN A NE2 1 
ATOM   625 N N   . LEU A 1 81  ? -12.059 -1.424  12.553  1.00 21.13 ? 108 LEU A N   1 
ATOM   626 C CA  . LEU A 1 81  ? -12.826 -2.668  12.457  1.00 21.94 ? 108 LEU A CA  1 
ATOM   627 C C   . LEU A 1 81  ? -12.050 -3.857  13.027  1.00 22.82 ? 108 LEU A C   1 
ATOM   628 O O   . LEU A 1 81  ? -12.540 -5.000  12.978  1.00 23.09 ? 108 LEU A O   1 
ATOM   629 C CB  . LEU A 1 81  ? -13.241 -2.930  11.014  1.00 21.72 ? 108 LEU A CB  1 
ATOM   630 C CG  . LEU A 1 81  ? -14.378 -2.044  10.496  1.00 23.53 ? 108 LEU A CG  1 
ATOM   631 C CD1 . LEU A 1 81  ? -14.451 -2.174  9.020   1.00 27.19 ? 108 LEU A CD1 1 
ATOM   632 C CD2 . LEU A 1 81  ? -15.760 -2.331  11.139  1.00 23.28 ? 108 LEU A CD2 1 
ATOM   633 N N   . GLN A 1 82  ? -10.854 -3.613  13.557  1.00 21.43 ? 109 GLN A N   1 
ATOM   634 C CA  . GLN A 1 82  ? -10.014 -4.666  14.150  1.00 23.23 ? 109 GLN A CA  1 
ATOM   635 C C   . GLN A 1 82  ? -9.728  -5.762  13.123  1.00 22.92 ? 109 GLN A C   1 
ATOM   636 O O   . GLN A 1 82  ? -9.703  -6.954  13.464  1.00 23.73 ? 109 GLN A O   1 
ATOM   637 C CB  . GLN A 1 82  ? -10.692 -5.295  15.377  1.00 23.02 ? 109 GLN A CB  1 
ATOM   638 C CG  . GLN A 1 82  ? -10.876 -4.325  16.524  1.00 27.32 ? 109 GLN A CG  1 
ATOM   639 C CD  . GLN A 1 82  ? -11.789 -4.879  17.585  1.00 27.52 ? 109 GLN A CD  1 
ATOM   640 O OE1 . GLN A 1 82  ? -13.007 -4.940  17.412  1.00 31.26 ? 109 GLN A OE1 1 
ATOM   641 N NE2 . GLN A 1 82  ? -11.209 -5.286  18.672  1.00 28.23 ? 109 GLN A NE2 1 
ATOM   642 N N   . ARG A 1 83  ? -9.535  -5.374  11.872  1.00 21.56 ? 110 ARG A N   1 
ATOM   643 C CA  . ARG A 1 83  ? -9.324  -6.396  10.831  1.00 21.65 ? 110 ARG A CA  1 
ATOM   644 C C   . ARG A 1 83  ? -7.879  -6.889  10.837  1.00 21.75 ? 110 ARG A C   1 
ATOM   645 O O   . ARG A 1 83  ? -6.944  -6.108  11.142  1.00 23.08 ? 110 ARG A O   1 
ATOM   646 C CB  . ARG A 1 83  ? -9.695  -5.829  9.464   1.00 20.97 ? 110 ARG A CB  1 
ATOM   647 C CG  . ARG A 1 83  ? -11.157 -5.583  9.207   1.00 18.57 ? 110 ARG A CG  1 
ATOM   648 C CD  . ARG A 1 83  ? -12.053 -6.843  9.475   1.00 22.65 ? 110 ARG A CD  1 
ATOM   649 N NE  . ARG A 1 83  ? -13.464 -6.589  9.177   1.00 23.97 ? 110 ARG A NE  1 
ATOM   650 C CZ  . ARG A 1 83  ? -13.973 -6.548  7.943   1.00 23.30 ? 110 ARG A CZ  1 
ATOM   651 N NH1 . ARG A 1 83  ? -13.167 -6.772  6.898   1.00 23.90 ? 110 ARG A NH1 1 
ATOM   652 N NH2 . ARG A 1 83  ? -15.277 -6.298  7.742   1.00 25.58 ? 110 ARG A NH2 1 
ATOM   653 N N   . GLU A 1 84  ? -7.659  -8.170  10.494  1.00 21.80 ? 111 GLU A N   1 
ATOM   654 C CA  . GLU A 1 84  ? -6.302  -8.671  10.467  1.00 22.16 ? 111 GLU A CA  1 
ATOM   655 C C   . GLU A 1 84  ? -5.624  -8.274  9.157   1.00 21.03 ? 111 GLU A C   1 
ATOM   656 O O   . GLU A 1 84  ? -4.434  -7.978  9.135   1.00 21.16 ? 111 GLU A O   1 
ATOM   657 C CB  . GLU A 1 84  ? -6.235  -10.199 10.666  1.00 24.01 ? 111 GLU A CB  1 
ATOM   658 C CG  . GLU A 1 84  ? -4.803  -10.760 10.454  1.00 28.14 ? 111 GLU A CG  1 
ATOM   659 C CD  . GLU A 1 84  ? -3.797  -10.409 11.589  1.00 35.29 ? 111 GLU A CD  1 
ATOM   660 O OE1 . GLU A 1 84  ? -4.232  -10.147 12.748  1.00 36.82 ? 111 GLU A OE1 1 
ATOM   661 O OE2 . GLU A 1 84  ? -2.557  -10.417 11.315  1.00 36.51 ? 111 GLU A OE2 1 
ATOM   662 N N   . THR A 1 85  ? -6.383  -8.322  8.065   1.00 19.56 ? 112 THR A N   1 
ATOM   663 C CA  . THR A 1 85  ? -5.862  -7.975  6.726   1.00 19.28 ? 112 THR A CA  1 
ATOM   664 C C   . THR A 1 85  ? -6.625  -6.843  6.046   1.00 18.66 ? 112 THR A C   1 
ATOM   665 O O   . THR A 1 85  ? -7.788  -6.504  6.409   1.00 19.33 ? 112 THR A O   1 
ATOM   666 C CB  . THR A 1 85  ? -5.799  -9.228  5.784   1.00 20.13 ? 112 THR A CB  1 
ATOM   667 O OG1 . THR A 1 85  ? -7.125  -9.650  5.452   1.00 19.43 ? 112 THR A OG1 1 
ATOM   668 C CG2 . THR A 1 85  ? -5.051  -10.390 6.461   1.00 19.84 ? 112 THR A CG2 1 
ATOM   669 N N   . ILE A 1 86  ? -5.973  -6.258  5.026   1.00 17.91 ? 113 ILE A N   1 
ATOM   670 C CA  . ILE A 1 86  ? -6.545  -5.219  4.196   1.00 17.13 ? 113 ILE A CA  1 
ATOM   671 C C   . ILE A 1 86  ? -6.194  -5.556  2.734   1.00 17.55 ? 113 ILE A C   1 
ATOM   672 O O   . ILE A 1 86  ? -5.071  -6.006  2.446   1.00 18.63 ? 113 ILE A O   1 
ATOM   673 C CB  . ILE A 1 86  ? -5.999  -3.781  4.581   1.00 17.12 ? 113 ILE A CB  1 
ATOM   674 C CG1 . ILE A 1 86  ? -6.681  -2.693  3.751   1.00 18.46 ? 113 ILE A CG1 1 
ATOM   675 C CG2 . ILE A 1 86  ? -4.461  -3.761  4.505   1.00 16.82 ? 113 ILE A CG2 1 
ATOM   676 C CD1 . ILE A 1 86  ? -6.360  -1.275  4.274   1.00 17.26 ? 113 ILE A CD1 1 
ATOM   677 N N   . PRO A 1 87  ? -7.160  -5.367  1.820   1.00 18.97 ? 114 PRO A N   1 
ATOM   678 C CA  . PRO A 1 87  ? -6.852  -5.534  0.386   1.00 18.12 ? 114 PRO A CA  1 
ATOM   679 C C   . PRO A 1 87  ? -5.815  -4.490  -0.028  1.00 17.92 ? 114 PRO A C   1 
ATOM   680 O O   . PRO A 1 87  ? -6.077  -3.287  0.157   1.00 16.98 ? 114 PRO A O   1 
ATOM   681 C CB  . PRO A 1 87  ? -8.202  -5.303  -0.294  1.00 19.02 ? 114 PRO A CB  1 
ATOM   682 C CG  . PRO A 1 87  ? -9.242  -5.642  0.832   1.00 21.19 ? 114 PRO A CG  1 
ATOM   683 C CD  . PRO A 1 87  ? -8.587  -5.062  2.060   1.00 19.19 ? 114 PRO A CD  1 
ATOM   684 N N   . ALA A 1 88  ? -4.687  -4.944  -0.588  1.00 17.71 ? 115 ALA A N   1 
ATOM   685 C CA  . ALA A 1 88  ? -3.626  -4.044  -1.017  1.00 18.13 ? 115 ALA A CA  1 
ATOM   686 C C   . ALA A 1 88  ? -3.147  -4.409  -2.424  1.00 17.65 ? 115 ALA A C   1 
ATOM   687 O O   . ALA A 1 88  ? -3.032  -5.615  -2.757  1.00 17.37 ? 115 ALA A O   1 
ATOM   688 C CB  . ALA A 1 88  ? -2.478  -4.112  -0.064  1.00 18.51 ? 115 ALA A CB  1 
ATOM   689 N N   . LYS A 1 89  ? -2.876  -3.374  -3.219  1.00 16.33 ? 116 LYS A N   1 
ATOM   690 C CA  . LYS A 1 89  ? -2.213  -3.548  -4.488  1.00 16.62 ? 116 LYS A CA  1 
ATOM   691 C C   . LYS A 1 89  ? -0.703  -3.460  -4.232  1.00 16.24 ? 116 LYS A C   1 
ATOM   692 O O   . LYS A 1 89  ? -0.149  -2.356  -3.940  1.00 15.29 ? 116 LYS A O   1 
ATOM   693 C CB  . LYS A 1 89  ? -2.695  -2.530  -5.530  1.00 17.42 ? 116 LYS A CB  1 
ATOM   694 C CG  . LYS A 1 89  ? -2.045  -2.767  -6.897  1.00 17.69 ? 116 LYS A CG  1 
ATOM   695 C CD  . LYS A 1 89  ? -2.289  -1.590  -7.875  1.00 21.63 ? 116 LYS A CD  1 
ATOM   696 C CE  . LYS A 1 89  ? -3.781  -1.351  -8.061  1.00 29.14 ? 116 LYS A CE  1 
ATOM   697 N NZ  . LYS A 1 89  ? -4.023  -0.252  -9.065  1.00 35.09 ? 116 LYS A NZ  1 
ATOM   698 N N   . LEU A 1 90  ? -0.040  -4.612  -4.264  1.00 15.29 ? 117 LEU A N   1 
ATOM   699 C CA  . LEU A 1 90  ? 1.411   -4.658  -4.043  1.00 15.20 ? 117 LEU A CA  1 
ATOM   700 C C   . LEU A 1 90  ? 2.121   -4.295  -5.332  1.00 16.27 ? 117 LEU A C   1 
ATOM   701 O O   . LEU A 1 90  ? 2.136   -5.082  -6.312  1.00 17.26 ? 117 LEU A O   1 
ATOM   702 C CB  . LEU A 1 90  ? 1.871   -6.035  -3.539  1.00 15.18 ? 117 LEU A CB  1 
ATOM   703 C CG  . LEU A 1 90  ? 1.167   -6.544  -2.251  1.00 16.27 ? 117 LEU A CG  1 
ATOM   704 C CD1 . LEU A 1 90  ? 1.770   -7.877  -1.822  1.00 19.24 ? 117 LEU A CD1 1 
ATOM   705 C CD2 . LEU A 1 90  ? 1.245   -5.519  -1.096  1.00 16.09 ? 117 LEU A CD2 1 
ATOM   706 N N   . VAL A 1 91  ? 2.727   -3.120  -5.348  1.00 14.24 ? 118 VAL A N   1 
ATOM   707 C CA  . VAL A 1 91  ? 3.346   -2.614  -6.571  1.00 13.95 ? 118 VAL A CA  1 
ATOM   708 C C   . VAL A 1 91  ? 4.878   -2.794  -6.429  1.00 14.73 ? 118 VAL A C   1 
ATOM   709 O O   . VAL A 1 91  ? 5.544   -2.172  -5.536  1.00 14.21 ? 118 VAL A O   1 
ATOM   710 C CB  . VAL A 1 91  ? 2.999   -1.118  -6.782  1.00 13.79 ? 118 VAL A CB  1 
ATOM   711 C CG1 . VAL A 1 91  ? 3.739   -0.582  -8.016  1.00 14.65 ? 118 VAL A CG1 1 
ATOM   712 C CG2 . VAL A 1 91  ? 1.443   -0.835  -6.756  1.00 14.41 ? 118 VAL A CG2 1 
ATOM   713 N N   . GLN A 1 92  ? 5.465   -3.622  -7.285  1.00 13.25 ? 119 GLN A N   1 
ATOM   714 C CA  . GLN A 1 92  ? 6.917   -3.850  -7.197  1.00 12.97 ? 119 GLN A CA  1 
ATOM   715 C C   . GLN A 1 92  ? 7.662   -2.559  -7.436  1.00 14.11 ? 119 GLN A C   1 
ATOM   716 O O   . GLN A 1 92  ? 7.417   -1.837  -8.418  1.00 13.16 ? 119 GLN A O   1 
ATOM   717 C CB  . GLN A 1 92  ? 7.386   -4.970  -8.124  1.00 14.49 ? 119 GLN A CB  1 
ATOM   718 C CG  . GLN A 1 92  ? 6.845   -6.289  -7.677  1.00 14.49 ? 119 GLN A CG  1 
ATOM   719 C CD  . GLN A 1 92  ? 7.366   -7.476  -8.441  1.00 16.09 ? 119 GLN A CD  1 
ATOM   720 O OE1 . GLN A 1 92  ? 8.197   -7.346  -9.338  1.00 15.71 ? 119 GLN A OE1 1 
ATOM   721 N NE2 . GLN A 1 92  ? 6.831   -8.655  -8.117  1.00 17.60 ? 119 GLN A NE2 1 
ATOM   722 N N   . SER A 1 93  ? 8.564   -2.261  -6.500  1.00 13.58 ? 120 SER A N   1 
ATOM   723 C CA  . SER A 1 93  ? 9.190   -0.937  -6.491  1.00 12.93 ? 120 SER A CA  1 
ATOM   724 C C   . SER A 1 93  ? 10.627  -1.087  -6.079  1.00 13.51 ? 120 SER A C   1 
ATOM   725 O O   . SER A 1 93  ? 11.025  -2.160  -5.576  1.00 13.95 ? 120 SER A O   1 
ATOM   726 C CB  . SER A 1 93  ? 8.468   0.029   -5.538  1.00 13.40 ? 120 SER A CB  1 
ATOM   727 O OG  . SER A 1 93  ? 7.086   0.160   -5.800  1.00 13.90 ? 120 SER A OG  1 
ATOM   728 N N   . THR A 1 94  ? 11.398  -0.017  -6.289  1.00 14.19 ? 121 THR A N   1 
ATOM   729 C CA  . THR A 1 94  ? 12.838  -0.017  -5.973  1.00 15.28 ? 121 THR A CA  1 
ATOM   730 C C   . THR A 1 94  ? 13.187  0.931   -4.812  1.00 14.98 ? 121 THR A C   1 
ATOM   731 O O   . THR A 1 94  ? 12.409  1.780   -4.442  1.00 13.83 ? 121 THR A O   1 
ATOM   732 C CB  . THR A 1 94  ? 13.659  0.445   -7.195  1.00 16.08 ? 121 THR A CB  1 
ATOM   733 O OG1 . THR A 1 94  ? 13.385  1.840   -7.450  1.00 15.09 ? 121 THR A OG1 1 
ATOM   734 C CG2 . THR A 1 94  ? 13.327  -0.426  -8.423  1.00 18.55 ? 121 THR A CG2 1 
ATOM   735 N N   . LEU A 1 95  ? 14.423  0.825   -4.311  1.00 15.21 ? 122 LEU A N   1 
ATOM   736 C CA  . LEU A 1 95  ? 14.924  1.788   -3.331  1.00 15.66 ? 122 LEU A CA  1 
ATOM   737 C C   . LEU A 1 95  ? 14.886  3.233   -3.850  1.00 15.58 ? 122 LEU A C   1 
ATOM   738 O O   . LEU A 1 95  ? 14.540  4.153   -3.117  1.00 15.19 ? 122 LEU A O   1 
ATOM   739 C CB  . LEU A 1 95  ? 16.344  1.392   -2.913  1.00 16.85 ? 122 LEU A CB  1 
ATOM   740 C CG  . LEU A 1 95  ? 16.413  0.203   -1.975  1.00 20.41 ? 122 LEU A CG  1 
ATOM   741 C CD1 . LEU A 1 95  ? 17.906  -0.236  -1.797  1.00 22.22 ? 122 LEU A CD1 1 
ATOM   742 C CD2 . LEU A 1 95  ? 15.709  0.563   -0.602  1.00 19.92 ? 122 LEU A CD2 1 
ATOM   743 N N   . SER A 1 96  ? 15.164  3.412   -5.158  1.00 15.73 ? 123 SER A N   1 
ATOM   744 C CA  . SER A 1 96  ? 15.050  4.758   -5.721  1.00 17.18 ? 123 SER A CA  1 
ATOM   745 C C   . SER A 1 96  ? 13.602  5.267   -5.708  1.00 16.19 ? 123 SER A C   1 
ATOM   746 O O   . SER A 1 96  ? 13.337  6.464   -5.421  1.00 17.62 ? 123 SER A O   1 
ATOM   747 C CB  . SER A 1 96  ? 15.618  4.797   -7.154  1.00 16.86 ? 123 SER A CB  1 
ATOM   748 O OG  . SER A 1 96  ? 17.009  4.668   -7.113  1.00 21.52 ? 123 SER A OG  1 
ATOM   749 N N   . ASP A 1 97  ? 12.628  4.367   -5.965  1.00 13.31 ? 124 ASP A N   1 
ATOM   750 C CA  . ASP A 1 97  ? 11.222  4.719   -5.778  1.00 13.91 ? 124 ASP A CA  1 
ATOM   751 C C   . ASP A 1 97  ? 10.925  5.139   -4.322  1.00 13.22 ? 124 ASP A C   1 
ATOM   752 O O   . ASP A 1 97  ? 10.153  6.041   -4.070  1.00 15.57 ? 124 ASP A O   1 
ATOM   753 C CB  . ASP A 1 97  ? 10.316  3.532   -6.114  1.00 14.26 ? 124 ASP A CB  1 
ATOM   754 C CG  . ASP A 1 97  ? 10.303  3.185   -7.608  1.00 15.80 ? 124 ASP A CG  1 
ATOM   755 O OD1 . ASP A 1 97  ? 10.466  4.105   -8.455  1.00 16.19 ? 124 ASP A OD1 1 
ATOM   756 O OD2 . ASP A 1 97  ? 10.119  1.993   -7.915  1.00 14.84 ? 124 ASP A OD2 1 
ATOM   757 N N   . LEU A 1 98  ? 11.431  4.352   -3.375  1.00 12.84 ? 125 LEU A N   1 
ATOM   758 C CA  . LEU A 1 98  ? 11.220  4.677   -1.952  1.00 13.74 ? 125 LEU A CA  1 
ATOM   759 C C   . LEU A 1 98  ? 11.817  6.062   -1.583  1.00 14.28 ? 125 LEU A C   1 
ATOM   760 O O   . LEU A 1 98  ? 11.200  6.817   -0.803  1.00 13.90 ? 125 LEU A O   1 
ATOM   761 C CB  . LEU A 1 98  ? 11.835  3.577   -1.081  1.00 12.94 ? 125 LEU A CB  1 
ATOM   762 C CG  . LEU A 1 98  ? 11.583  3.748   0.439   1.00 13.89 ? 125 LEU A CG  1 
ATOM   763 C CD1 . LEU A 1 98  ? 10.089  3.764   0.751   1.00 14.16 ? 125 LEU A CD1 1 
ATOM   764 C CD2 . LEU A 1 98  ? 12.377  2.606   1.126   1.00 15.50 ? 125 LEU A CD2 1 
ATOM   765 N N   A ARG A 1 99  ? 12.985  6.368   -2.128  0.50 14.58 ? 126 ARG A N   1 
ATOM   766 N N   B ARG A 1 99  ? 12.982  6.376   -2.143  0.50 15.06 ? 126 ARG A N   1 
ATOM   767 C CA  A ARG A 1 99  ? 13.668  7.646   -1.836  0.50 14.67 ? 126 ARG A CA  1 
ATOM   768 C CA  B ARG A 1 99  ? 13.700  7.642   -1.839  0.50 15.91 ? 126 ARG A CA  1 
ATOM   769 C C   A ARG A 1 99  ? 12.747  8.835   -2.161  0.50 14.68 ? 126 ARG A C   1 
ATOM   770 C C   B ARG A 1 99  ? 12.888  8.889   -2.284  0.50 15.46 ? 126 ARG A C   1 
ATOM   771 O O   A ARG A 1 99  ? 12.740  9.854   -1.456  0.50 14.42 ? 126 ARG A O   1 
ATOM   772 O O   B ARG A 1 99  ? 13.105  10.011  -1.780  0.50 15.16 ? 126 ARG A O   1 
ATOM   773 C CB  A ARG A 1 99  ? 14.963  7.725   -2.622  0.50 15.38 ? 126 ARG A CB  1 
ATOM   774 C CB  B ARG A 1 99  ? 15.119  7.602   -2.428  0.50 16.22 ? 126 ARG A CB  1 
ATOM   775 C CG  A ARG A 1 99  ? 15.810  8.934   -2.276  0.50 15.66 ? 126 ARG A CG  1 
ATOM   776 C CG  B ARG A 1 99  ? 16.034  8.764   -2.005  0.50 17.86 ? 126 ARG A CG  1 
ATOM   777 C CD  A ARG A 1 99  ? 17.150  8.887   -2.994  0.50 19.49 ? 126 ARG A CD  1 
ATOM   778 C CD  B ARG A 1 99  ? 17.520  8.549   -2.415  0.50 18.88 ? 126 ARG A CD  1 
ATOM   779 N NE  A ARG A 1 99  ? 17.912  7.683   -2.670  0.50 14.03 ? 126 ARG A NE  1 
ATOM   780 N NE  B ARG A 1 99  ? 18.102  9.770   -2.985  0.50 25.66 ? 126 ARG A NE  1 
ATOM   781 C CZ  A ARG A 1 99  ? 18.515  7.441   -1.502  0.50 17.36 ? 126 ARG A CZ  1 
ATOM   782 C CZ  B ARG A 1 99  ? 19.061  10.492  -2.416  0.50 28.04 ? 126 ARG A CZ  1 
ATOM   783 N NH1 A ARG A 1 99  ? 18.494  8.315   -0.469  0.50 15.85 ? 126 ARG A NH1 1 
ATOM   784 N NH1 B ARG A 1 99  ? 19.576  10.121  -1.237  0.50 28.27 ? 126 ARG A NH1 1 
ATOM   785 N NH2 A ARG A 1 99  ? 19.164  6.303   -1.377  0.50 16.87 ? 126 ARG A NH2 1 
ATOM   786 N NH2 B ARG A 1 99  ? 19.513  11.594  -3.011  0.50 23.70 ? 126 ARG A NH2 1 
ATOM   787 N N   . VAL A 1 100 ? 11.953  8.699   -3.226  1.00 14.46 ? 127 VAL A N   1 
ATOM   788 C CA  . VAL A 1 100 ? 11.002  9.777   -3.590  1.00 17.07 ? 127 VAL A CA  1 
ATOM   789 C C   . VAL A 1 100 ? 10.221  10.207  -2.338  1.00 17.38 ? 127 VAL A C   1 
ATOM   790 O O   . VAL A 1 100 ? 10.001  11.410  -2.064  1.00 18.19 ? 127 VAL A O   1 
ATOM   791 C CB  . VAL A 1 100 ? 9.996   9.298   -4.650  1.00 17.71 ? 127 VAL A CB  1 
ATOM   792 C CG1 . VAL A 1 100 ? 8.866   10.330  -4.789  1.00 19.99 ? 127 VAL A CG1 1 
ATOM   793 C CG2 . VAL A 1 100 ? 10.722  9.009   -5.946  1.00 16.69 ? 127 VAL A CG2 1 
ATOM   794 N N   . TYR A 1 101 ? 9.836   9.217   -1.521  1.00 16.35 ? 128 TYR A N   1 
ATOM   795 C CA  . TYR A 1 101 ? 9.187   9.502   -0.250  1.00 16.52 ? 128 TYR A CA  1 
ATOM   796 C C   . TYR A 1 101 ? 10.111  9.823   0.931   1.00 17.21 ? 128 TYR A C   1 
ATOM   797 O O   . TYR A 1 101 ? 9.793   10.716  1.727   1.00 18.12 ? 128 TYR A O   1 
ATOM   798 C CB  . TYR A 1 101 ? 8.292   8.349   0.195   1.00 15.66 ? 128 TYR A CB  1 
ATOM   799 C CG  . TYR A 1 101 ? 7.171   8.041   -0.772  1.00 16.79 ? 128 TYR A CG  1 
ATOM   800 C CD1 . TYR A 1 101 ? 7.391   7.168   -1.832  1.00 18.21 ? 128 TYR A CD1 1 
ATOM   801 C CD2 . TYR A 1 101 ? 5.915   8.619   -0.617  1.00 19.85 ? 128 TYR A CD2 1 
ATOM   802 C CE1 . TYR A 1 101 ? 6.344   6.863   -2.738  1.00 19.84 ? 128 TYR A CE1 1 
ATOM   803 C CE2 . TYR A 1 101 ? 4.885   8.333   -1.479  1.00 21.27 ? 128 TYR A CE2 1 
ATOM   804 C CZ  . TYR A 1 101 ? 5.107   7.455   -2.542  1.00 19.68 ? 128 TYR A CZ  1 
ATOM   805 O OH  . TYR A 1 101 ? 4.040   7.180   -3.405  1.00 23.83 ? 128 TYR A OH  1 
ATOM   806 N N   . LEU A 1 102 ? 11.176  9.052   1.094   1.00 16.45 ? 129 LEU A N   1 
ATOM   807 C CA  . LEU A 1 102 ? 11.948  9.153   2.356   1.00 17.19 ? 129 LEU A CA  1 
ATOM   808 C C   . LEU A 1 102 ? 13.230  9.992   2.283   1.00 16.70 ? 129 LEU A C   1 
ATOM   809 O O   . LEU A 1 102 ? 13.803  10.333  3.353   1.00 16.92 ? 129 LEU A O   1 
ATOM   810 C CB  . LEU A 1 102 ? 12.287  7.752   2.872   1.00 15.95 ? 129 LEU A CB  1 
ATOM   811 C CG  . LEU A 1 102 ? 11.085  6.831   3.186   1.00 15.60 ? 129 LEU A CG  1 
ATOM   812 C CD1 . LEU A 1 102 ? 11.540  5.492   3.753   1.00 14.24 ? 129 LEU A CD1 1 
ATOM   813 C CD2 . LEU A 1 102 ? 10.085  7.523   4.140   1.00 17.87 ? 129 LEU A CD2 1 
ATOM   814 N N   . GLY A 1 103 ? 13.707  10.288  1.078   1.00 17.40 ? 130 GLY A N   1 
ATOM   815 C CA  . GLY A 1 103 ? 14.910  11.131  0.880   1.00 17.39 ? 130 GLY A CA  1 
ATOM   816 C C   . GLY A 1 103 ? 16.110  10.603  1.646   1.00 17.94 ? 130 GLY A C   1 
ATOM   817 O O   . GLY A 1 103 ? 16.453  9.410   1.544   1.00 16.50 ? 130 GLY A O   1 
ATOM   818 N N   . ALA A 1 104 ? 16.730  11.483  2.464   1.00 17.97 ? 131 ALA A N   1 
ATOM   819 C CA  . ALA A 1 104 ? 17.933  11.047  3.191   1.00 19.13 ? 131 ALA A CA  1 
ATOM   820 C C   . ALA A 1 104 ? 17.627  9.959   4.238   1.00 19.44 ? 131 ALA A C   1 
ATOM   821 O O   . ALA A 1 104 ? 18.566  9.311   4.725   1.00 21.39 ? 131 ALA A O   1 
ATOM   822 C CB  . ALA A 1 104 ? 18.582  12.250  3.901   1.00 19.36 ? 131 ALA A CB  1 
ATOM   823 N N   . SER A 1 105 ? 16.363  9.810   4.634   1.00 20.34 ? 132 SER A N   1 
ATOM   824 C CA  . SER A 1 105 ? 15.921  8.738   5.576   1.00 21.72 ? 132 SER A CA  1 
ATOM   825 C C   . SER A 1 105 ? 15.806  7.347   4.937   1.00 21.83 ? 132 SER A C   1 
ATOM   826 O O   . SER A 1 105 ? 15.415  6.382   5.620   1.00 22.79 ? 132 SER A O   1 
ATOM   827 C CB  . SER A 1 105 ? 14.557  9.060   6.180   1.00 22.84 ? 132 SER A CB  1 
ATOM   828 O OG  . SER A 1 105 ? 14.670  10.187  7.041   1.00 28.46 ? 132 SER A OG  1 
ATOM   829 N N   . THR A 1 106 ? 16.048  7.234   3.620   1.00 19.34 ? 133 THR A N   1 
ATOM   830 C CA  . THR A 1 106 ? 15.821  5.936   2.939   1.00 17.84 ? 133 THR A CA  1 
ATOM   831 C C   . THR A 1 106 ? 16.813  4.921   3.510   1.00 18.51 ? 133 THR A C   1 
ATOM   832 O O   . THR A 1 106 ? 18.009  5.138   3.450   1.00 17.70 ? 133 THR A O   1 
ATOM   833 C CB  . THR A 1 106 ? 15.995  6.066   1.429   1.00 17.88 ? 133 THR A CB  1 
ATOM   834 O OG1 . THR A 1 106 ? 15.100  7.084   0.972   1.00 16.87 ? 133 THR A OG1 1 
ATOM   835 C CG2 . THR A 1 106 ? 15.707  4.742   0.705   1.00 17.35 ? 133 THR A CG2 1 
ATOM   836 N N   . PRO A 1 107 ? 16.301  3.802   4.055   1.00 18.91 ? 134 PRO A N   1 
ATOM   837 C CA  . PRO A 1 107 ? 17.173  2.812   4.708   1.00 19.92 ? 134 PRO A CA  1 
ATOM   838 C C   . PRO A 1 107 ? 17.887  1.912   3.708   1.00 20.03 ? 134 PRO A C   1 
ATOM   839 O O   . PRO A 1 107 ? 17.378  1.641   2.603   1.00 20.18 ? 134 PRO A O   1 
ATOM   840 C CB  . PRO A 1 107 ? 16.182  1.947   5.534   1.00 19.20 ? 134 PRO A CB  1 
ATOM   841 C CG  . PRO A 1 107 ? 14.831  2.073   4.740   1.00 20.26 ? 134 PRO A CG  1 
ATOM   842 C CD  . PRO A 1 107 ? 14.872  3.448   4.103   1.00 19.73 ? 134 PRO A CD  1 
ATOM   843 N N   . ASP A 1 108 ? 19.043  1.380   4.127   1.00 21.73 ? 135 ASP A N   1 
ATOM   844 C CA  . ASP A 1 108 ? 19.746  0.421   3.282   1.00 23.01 ? 135 ASP A CA  1 
ATOM   845 C C   . ASP A 1 108 ? 19.145  -0.991  3.476   1.00 22.32 ? 135 ASP A C   1 
ATOM   846 O O   . ASP A 1 108 ? 19.788  -1.874  4.076   1.00 23.26 ? 135 ASP A O   1 
ATOM   847 C CB  . ASP A 1 108 ? 21.254  0.423   3.616   1.00 25.18 ? 135 ASP A CB  1 
ATOM   848 C CG  . ASP A 1 108 ? 22.075  -0.453  2.664   1.00 27.32 ? 135 ASP A CG  1 
ATOM   849 O OD1 . ASP A 1 108 ? 21.595  -0.862  1.588   1.00 34.04 ? 135 ASP A OD1 1 
ATOM   850 O OD2 . ASP A 1 108 ? 23.232  -0.758  3.022   1.00 36.06 ? 135 ASP A OD2 1 
ATOM   851 N N   . LEU A 1 109 ? 17.914  -1.198  2.982   1.00 20.76 ? 136 LEU A N   1 
ATOM   852 C CA  . LEU A 1 109 ? 17.153  -2.439  3.211   1.00 19.06 ? 136 LEU A CA  1 
ATOM   853 C C   . LEU A 1 109 ? 17.910  -3.669  2.759   1.00 20.72 ? 136 LEU A C   1 
ATOM   854 O O   . LEU A 1 109 ? 18.489  -3.676  1.652   1.00 21.36 ? 136 LEU A O   1 
ATOM   855 C CB  . LEU A 1 109 ? 15.821  -2.384  2.451   1.00 17.89 ? 136 LEU A CB  1 
ATOM   856 C CG  . LEU A 1 109 ? 14.968  -1.198  2.918   1.00 14.94 ? 136 LEU A CG  1 
ATOM   857 C CD1 . LEU A 1 109 ? 13.729  -1.120  2.077   1.00 19.01 ? 136 LEU A CD1 1 
ATOM   858 C CD2 . LEU A 1 109 ? 14.583  -1.402  4.381   1.00 16.01 ? 136 LEU A CD2 1 
ATOM   859 N N   . GLN A 1 110 ? 17.908  -4.690  3.619   1.00 20.21 ? 137 GLN A N   1 
ATOM   860 C CA  . GLN A 1 110 ? 18.548  -5.978  3.321   1.00 21.16 ? 137 GLN A CA  1 
ATOM   861 C C   . GLN A 1 110 ? 17.527  -7.067  3.021   1.00 21.37 ? 137 GLN A C   1 
ATOM   862 O O   . GLN A 1 110 ? 17.586  -7.747  1.971   1.00 20.82 ? 137 GLN A O   1 
ATOM   863 C CB  . GLN A 1 110 ? 19.469  -6.359  4.488   1.00 20.57 ? 137 GLN A CB  1 
ATOM   864 C CG  . GLN A 1 110 ? 20.574  -5.338  4.755   1.00 22.62 ? 137 GLN A CG  1 
ATOM   865 C CD  . GLN A 1 110 ? 21.475  -5.169  3.527   1.00 25.90 ? 137 GLN A CD  1 
ATOM   866 O OE1 . GLN A 1 110 ? 21.974  -6.199  3.004   1.00 23.97 ? 137 GLN A OE1 1 
ATOM   867 N NE2 . GLN A 1 110 ? 21.648  -4.011  3.086   1.00 26.74 ? 137 GLN A NE2 1 
ATOM   868 O OXT . GLN A 1 110 ? 16.568  -7.312  3.792   1.00 20.86 ? 137 GLN A OXT 1 
HETATM 869 P P   . PO4 B 2 .   ? -7.786  7.071   1.433   1.00 17.75 ? 138 PO4 A P   1 
HETATM 870 O O1  . PO4 B 2 .   ? -9.248  7.600   1.305   1.00 19.68 ? 138 PO4 A O1  1 
HETATM 871 O O2  . PO4 B 2 .   ? -7.084  8.123   2.304   1.00 17.88 ? 138 PO4 A O2  1 
HETATM 872 O O3  . PO4 B 2 .   ? -7.169  7.071   0.044   1.00 18.50 ? 138 PO4 A O3  1 
HETATM 873 O O4  . PO4 B 2 .   ? -7.849  5.710   2.034   1.00 16.94 ? 138 PO4 A O4  1 
HETATM 874 C C1  . MPD C 3 .   ? 0.417   -7.978  -30.516 1.00 33.90 ? 139 MPD A C1  1 
HETATM 875 C C2  . MPD C 3 .   ? -0.597  -7.658  -29.428 1.00 36.69 ? 139 MPD A C2  1 
HETATM 876 O O2  . MPD C 3 .   ? 0.059   -6.881  -28.399 1.00 37.55 ? 139 MPD A O2  1 
HETATM 877 C CM  . MPD C 3 .   ? -1.723  -6.775  -29.978 1.00 32.93 ? 139 MPD A CM  1 
HETATM 878 C C3  . MPD C 3 .   ? -1.077  -8.963  -28.785 1.00 37.01 ? 139 MPD A C3  1 
HETATM 879 C C4  . MPD C 3 .   ? 0.054   -9.659  -28.005 1.00 37.73 ? 139 MPD A C4  1 
HETATM 880 O O4  . MPD C 3 .   ? 0.247   -8.970  -26.782 1.00 38.71 ? 139 MPD A O4  1 
HETATM 881 C C5  . MPD C 3 .   ? -0.218  -11.131 -27.699 1.00 37.32 ? 139 MPD A C5  1 
HETATM 882 O O   . HOH D 4 .   ? -8.614  7.718   -2.177  1.00 28.98 ? 140 HOH A O   1 
HETATM 883 O O   . HOH D 4 .   ? -4.676  7.737   -0.704  1.00 21.93 ? 141 HOH A O   1 
HETATM 884 O O   . HOH D 4 .   ? -4.497  9.067   2.362   1.00 21.49 ? 142 HOH A O   1 
HETATM 885 O O   . HOH D 4 .   ? -1.516  -1.412  -21.674 1.00 17.29 ? 143 HOH A O   1 
HETATM 886 O O   . HOH D 4 .   ? 3.110   6.319   6.068   1.00 16.60 ? 144 HOH A O   1 
HETATM 887 O O   . HOH D 4 .   ? -0.988  2.334   1.299   1.00 21.01 ? 145 HOH A O   1 
HETATM 888 O O   . HOH D 4 .   ? -8.326  -1.448  0.800   1.00 18.32 ? 146 HOH A O   1 
HETATM 889 O O   . HOH D 4 .   ? 11.358  3.230   -10.827 1.00 18.32 ? 147 HOH A O   1 
HETATM 890 O O   . HOH D 4 .   ? -4.165  5.960   8.767   1.00 18.14 ? 148 HOH A O   1 
HETATM 891 O O   . HOH D 4 .   ? 17.009  -4.464  6.404   1.00 19.12 ? 149 HOH A O   1 
HETATM 892 O O   . HOH D 4 .   ? 9.767   -9.441  -10.127 1.00 20.39 ? 150 HOH A O   1 
HETATM 893 O O   . HOH D 4 .   ? 4.107   -1.602  10.943  1.00 24.18 ? 151 HOH A O   1 
HETATM 894 O O   . HOH D 4 .   ? 13.238  13.792  3.600   1.00 22.23 ? 152 HOH A O   1 
HETATM 895 O O   . HOH D 4 .   ? -4.557  11.483  3.914   1.00 21.99 ? 153 HOH A O   1 
HETATM 896 O O   . HOH D 4 .   ? -10.768 -8.204  3.857   1.00 27.35 ? 154 HOH A O   1 
HETATM 897 O O   . HOH D 4 .   ? 2.341   5.537   -2.709  1.00 26.31 ? 155 HOH A O   1 
HETATM 898 O O   . HOH D 4 .   ? 8.093   6.591   -5.928  1.00 19.13 ? 156 HOH A O   1 
HETATM 899 O O   . HOH D 4 .   ? -9.918  -9.882  10.613  1.00 35.20 ? 157 HOH A O   1 
HETATM 900 O O   . HOH D 4 .   ? 0.722   9.309   4.555   1.00 33.37 ? 158 HOH A O   1 
HETATM 901 O O   . HOH D 4 .   ? -8.141  -7.991  3.482   1.00 26.28 ? 159 HOH A O   1 
HETATM 902 O O   . HOH D 4 .   ? -18.414 -4.742  11.722  1.00 39.09 ? 160 HOH A O   1 
HETATM 903 O O   . HOH D 4 .   ? 7.875   6.909   11.517  1.00 29.37 ? 161 HOH A O   1 
HETATM 904 O O   . HOH D 4 .   ? 20.291  2.506   6.388   1.00 33.14 ? 162 HOH A O   1 
HETATM 905 O O   . HOH D 4 .   ? 9.879   -2.355  -18.189 1.00 28.62 ? 163 HOH A O   1 
HETATM 906 O O   . HOH D 4 .   ? 16.445  -12.089 3.030   1.00 29.75 ? 164 HOH A O   1 
HETATM 907 O O   . HOH D 4 .   ? 8.219   -5.613  -11.441 1.00 14.59 ? 165 HOH A O   1 
HETATM 908 O O   . HOH D 4 .   ? 1.675   3.972   -0.563  1.00 21.94 ? 166 HOH A O   1 
HETATM 909 O O   . HOH D 4 .   ? 13.195  -3.727  -5.098  1.00 18.66 ? 167 HOH A O   1 
HETATM 910 O O   . HOH D 4 .   ? 8.363   6.434   -8.498  1.00 21.95 ? 168 HOH A O   1 
HETATM 911 O O   . HOH D 4 .   ? -3.293  10.042  0.156   1.00 30.15 ? 169 HOH A O   1 
HETATM 912 O O   . HOH D 4 .   ? 17.312  15.551  4.782   1.00 27.37 ? 170 HOH A O   1 
HETATM 913 O O   . HOH D 4 .   ? 14.205  -10.311 6.150   1.00 27.20 ? 171 HOH A O   1 
HETATM 914 O O   . HOH D 4 .   ? -14.478 -7.274  4.279   1.00 27.42 ? 172 HOH A O   1 
HETATM 915 O O   . HOH D 4 .   ? 2.561   4.547   -23.010 1.00 24.13 ? 173 HOH A O   1 
HETATM 916 O O   . HOH D 4 .   ? 10.051  -10.349 -7.207  1.00 25.49 ? 174 HOH A O   1 
HETATM 917 O O   . HOH D 4 .   ? 5.295   -8.332  11.855  1.00 29.08 ? 175 HOH A O   1 
HETATM 918 O O   . HOH D 4 .   ? 11.851  -11.534 -8.816  1.00 28.48 ? 176 HOH A O   1 
HETATM 919 O O   . HOH D 4 .   ? -0.293  6.778   10.560  1.00 27.81 ? 177 HOH A O   1 
HETATM 920 O O   . HOH D 4 .   ? -5.657  3.229   -3.973  1.00 34.00 ? 178 HOH A O   1 
HETATM 921 O O   . HOH D 4 .   ? -2.401  -7.446  11.013  1.00 24.08 ? 179 HOH A O   1 
HETATM 922 O O   . HOH D 4 .   ? 3.167   -8.620  10.172  1.00 34.94 ? 180 HOH A O   1 
HETATM 923 O O   . HOH D 4 .   ? 1.319   -1.782  12.337  1.00 38.81 ? 181 HOH A O   1 
HETATM 924 O O   . HOH D 4 .   ? 3.030   -5.547  14.599  1.00 22.95 ? 182 HOH A O   1 
HETATM 925 O O   . HOH D 4 .   ? 1.081   -3.679  14.410  1.00 31.87 ? 183 HOH A O   1 
HETATM 926 O O   . HOH D 4 .   ? -16.894 -6.460  5.341   1.00 26.15 ? 184 HOH A O   1 
HETATM 927 O O   . HOH D 4 .   ? -10.713 -2.537  0.767   1.00 24.55 ? 185 HOH A O   1 
HETATM 928 O O   . HOH D 4 .   ? -19.270 -5.943  -1.366  1.00 34.45 ? 186 HOH A O   1 
HETATM 929 O O   . HOH D 4 .   ? 15.449  -1.873  -4.962  1.00 18.51 ? 187 HOH A O   1 
HETATM 930 O O   . HOH D 4 .   ? 19.350  7.205   2.325   1.00 31.32 ? 188 HOH A O   1 
HETATM 931 O O   . HOH D 4 .   ? 21.391  -5.002  -4.057  1.00 39.22 ? 189 HOH A O   1 
HETATM 932 O O   . HOH D 4 .   ? 2.190   -8.165  15.048  1.00 36.66 ? 190 HOH A O   1 
HETATM 933 O O   . HOH D 4 .   ? -14.851 -6.263  11.692  1.00 32.21 ? 191 HOH A O   1 
HETATM 934 O O   . HOH D 4 .   ? 19.893  -1.794  0.069   1.00 30.33 ? 192 HOH A O   1 
HETATM 935 O O   . HOH D 4 .   ? 19.664  -3.126  -3.059  1.00 33.67 ? 193 HOH A O   1 
HETATM 936 O O   . HOH D 4 .   ? -4.363  5.290   11.184  1.00 38.01 ? 194 HOH A O   1 
HETATM 937 O O   . HOH D 4 .   ? -10.274 -7.547  6.426   1.00 23.50 ? 195 HOH A O   1 
HETATM 938 O O   . HOH D 4 .   ? 17.040  -3.261  -3.251  1.00 26.55 ? 196 HOH A O   1 
HETATM 939 O O   . HOH D 4 .   ? 18.152  6.313   -5.429  1.00 34.56 ? 197 HOH A O   1 
HETATM 940 O O   . HOH D 4 .   ? 2.098   -2.432  -36.542 1.00 29.74 ? 198 HOH A O   1 
HETATM 941 O O   . HOH D 4 .   ? -1.250  -9.001  -11.162 1.00 38.83 ? 199 HOH A O   1 
HETATM 942 O O   . HOH D 4 .   ? 9.241   -4.967  7.432   1.00 28.75 ? 200 HOH A O   1 
HETATM 943 O O   . HOH D 4 .   ? 16.492  -9.805  4.615   1.00 25.03 ? 201 HOH A O   1 
HETATM 944 O O   . HOH D 4 .   ? 7.787   12.949  -1.295  1.00 35.31 ? 202 HOH A O   1 
HETATM 945 O O   . HOH D 4 .   ? -3.827  -9.020  -8.868  1.00 33.37 ? 203 HOH A O   1 
HETATM 946 O O   . HOH D 4 .   ? -6.396  -14.022 1.167   1.00 39.53 ? 204 HOH A O   1 
HETATM 947 O O   . HOH D 4 .   ? 0.757   7.826   6.408   1.00 21.54 ? 205 HOH A O   1 
HETATM 948 O O   . HOH D 4 .   ? -12.539 -6.185  2.440   1.00 26.91 ? 206 HOH A O   1 
HETATM 949 O O   . HOH D 4 .   ? 22.989  -8.138  6.840   1.00 36.18 ? 207 HOH A O   1 
HETATM 950 O O   . HOH D 4 .   ? 3.366   -7.392  -7.195  1.00 31.12 ? 208 HOH A O   1 
HETATM 951 O O   . HOH D 4 .   ? 11.496  2.902   7.089   1.00 21.69 ? 209 HOH A O   1 
HETATM 952 O O   . HOH D 4 .   ? -17.485 -6.157  9.822   1.00 36.36 ? 210 HOH A O   1 
HETATM 953 O O   . HOH D 4 .   ? -3.271  3.679   -1.513  1.00 30.72 ? 211 HOH A O   1 
HETATM 954 O O   . HOH D 4 .   ? 13.767  -12.350 -1.943  1.00 31.62 ? 212 HOH A O   1 
HETATM 955 O O   . HOH D 4 .   ? -5.622  0.837   -5.696  1.00 34.12 ? 213 HOH A O   1 
HETATM 956 O O   . HOH D 4 .   ? 2.325   6.425   10.444  1.00 17.64 ? 214 HOH A O   1 
HETATM 957 O O   . HOH D 4 .   ? -11.184 6.068   0.275   1.00 35.12 ? 215 HOH A O   1 
HETATM 958 O O   . HOH D 4 .   ? 24.239  -6.421  1.584   1.00 39.09 ? 216 HOH A O   1 
HETATM 959 O O   . HOH D 4 .   ? -10.695 9.212   -1.498  1.00 33.86 ? 217 HOH A O   1 
HETATM 960 O O   . HOH D 4 .   ? -1.784  11.538  4.871   1.00 22.10 ? 218 HOH A O   1 
HETATM 961 O O   . HOH D 4 .   ? 2.183   12.890  6.078   1.00 29.92 ? 219 HOH A O   1 
HETATM 962 O O   . HOH D 4 .   ? -12.184 15.190  3.619   1.00 39.05 ? 220 HOH A O   1 
HETATM 963 O O   . HOH D 4 .   ? -9.157  -9.591  8.201   1.00 23.78 ? 221 HOH A O   1 
HETATM 964 O O   . HOH D 4 .   ? 11.717  12.876  1.530   1.00 19.42 ? 222 HOH A O   1 
HETATM 965 O O   . HOH D 4 .   ? 23.370  -3.040  0.879   1.00 36.77 ? 223 HOH A O   1 
HETATM 966 O O   . HOH D 4 .   ? 4.954   -5.568  12.401  1.00 18.43 ? 224 HOH A O   1 
HETATM 967 O O   . HOH D 4 .   ? -4.512  -12.415 -0.785  1.00 34.68 ? 225 HOH A O   1 
HETATM 968 O O   . HOH D 4 .   ? -7.793  10.782  1.274   1.00 37.60 ? 226 HOH A O   1 
HETATM 969 O O   . HOH D 4 .   ? -10.036 13.994  3.032   1.00 29.74 ? 227 HOH A O   1 
HETATM 970 O O   . HOH D 4 .   ? -1.228  4.146   9.907   1.00 33.44 ? 228 HOH A O   1 
HETATM 971 O O   . HOH D 4 .   ? 14.626  12.296  5.571   1.00 35.59 ? 229 HOH A O   1 
HETATM 972 O O   . HOH D 4 .   ? 19.363  4.802   -3.929  1.00 34.98 ? 230 HOH A O   1 
HETATM 973 O O   . HOH D 4 .   ? 4.097   0.969   -15.501 1.00 32.64 ? 231 HOH A O   1 
HETATM 974 O O   . HOH D 4 .   ? 7.290   -4.800  5.639   1.00 16.37 ? 232 HOH A O   1 
HETATM 975 O O   . HOH D 4 .   ? -10.327 4.750   -2.130  1.00 37.32 ? 233 HOH A O   1 
HETATM 976 O O   . HOH D 4 .   ? 0.990   -1.140  9.839   1.00 25.50 ? 234 HOH A O   1 
HETATM 977 O O   . HOH D 4 .   ? 7.986   0.950   -30.012 1.00 26.53 ? 235 HOH A O   1 
HETATM 978 O O   . HOH D 4 .   ? 15.864  14.120  2.910   1.00 22.95 ? 236 HOH A O   1 
HETATM 979 O O   . HOH D 4 .   ? 6.337   0.540   -14.332 1.00 20.95 ? 237 HOH A O   1 
HETATM 980 O O   . HOH D 4 .   ? 19.101  8.959   -6.552  1.00 26.53 ? 238 HOH A O   1 
HETATM 981 O O   . HOH D 4 .   ? 21.551  8.375   -5.657  1.00 31.29 ? 239 HOH A O   1 
HETATM 982 O O   . HOH D 4 .   ? 2.484   -6.178  -30.671 1.00 37.57 ? 240 HOH A O   1 
HETATM 983 O O   . HOH D 4 .   ? -14.436 -2.697  15.714  1.00 28.55 ? 241 HOH A O   1 
HETATM 984 O O   . HOH D 4 .   ? 3.572   -10.792 8.426   1.00 33.40 ? 242 HOH A O   1 
HETATM 985 O O   . HOH D 4 .   ? 18.824  1.844   8.506   1.00 45.64 ? 243 HOH A O   1 
# 
